data_6LOX
#
_entry.id   6LOX
#
_cell.length_a   49.974
_cell.length_b   138.673
_cell.length_c   177.669
_cell.angle_alpha   90.000
_cell.angle_beta   94.160
_cell.angle_gamma   90.000
#
_symmetry.space_group_name_H-M   'P 1 21 1'
#
loop_
_entity.id
_entity.type
_entity.pdbx_description
1 polymer 'Glutaminase kidney isoform, mitochondrial'
2 non-polymer (E)-15,22-Dioxa-4,11-diaza-5(2,5)-thiadiazola-10(3,6)-pyridazina-1,14(1,3)-dibenzenacyclodocosaphan-18-ene-3,12-dione
3 water water
#
_entity_poly.entity_id   1
_entity_poly.type   'polypeptide(L)'
_entity_poly.pdbx_seq_one_letter_code
;GLSSSPSEILQELGKGSTHPQPGVSPPAAPAAPGPKDGPGETDAFGNSEGKELVASGENKIKQGLLPSLEDLLFYTIAEG
QEKIPVHKFITALKSTGLRTSDPRLKECMDMLRLTLQTTSDGVMLDKDLFKKCVQSNIVLLTQAFRRKFVIPDFMSFTSH
IDELYESAKKQSGGKVADYIPQLAKFSPDLWGVSVCTVDGQRHSTGDTKVPFCLQSCVKPLKYAIAVNDLGTEYVHRYVG
KEPSGLRFNKLFLNEDDKPHNPMVNAGAIVVTSLIKQGVNNAEKFDYVMQFLNKMAGNEYVGFSNATFQSERESGDRNFA
IGYYLKEKKCFPEGTDMVGILDFYFQLCSIEVTCESASVMAATLANGGFCPITGERVLSPEAVRNTLSLMHSCGMYDFSG
QFAFHVGLPAKSGVAGGILLVVPNVMGMMCWSPPLDKMGNSVKGIHFCHDLVSLCNFHNYDNLRHFAKKLDPRREGGDQR
HSFGPLDYESLQQELALKETVWKKVSPESNEDISTTVVYRMESLGEKSHHHHHH
;
_entity_poly.pdbx_strand_id   A,B,C,D
#
loop_
_chem_comp.id
_chem_comp.type
_chem_comp.name
_chem_comp.formula
EN3 non-polymer (E)-15,22-Dioxa-4,11-diaza-5(2,5)-thiadiazola-10(3,6)-pyridazina-1,14(1,3)-dibenzenacyclodocosaphan-18-ene-3,12-dione 'C32 H34 N6 O4 S'
#
# COMPACT_ATOMS: atom_id res chain seq x y z
N LEU A 69 15.63 -65.84 -9.43
CA LEU A 69 15.24 -64.53 -8.75
C LEU A 69 14.04 -64.79 -7.87
N GLU A 70 13.10 -65.57 -8.44
CA GLU A 70 11.89 -66.01 -7.75
C GLU A 70 12.30 -66.92 -6.62
N ASP A 71 13.33 -67.74 -6.90
CA ASP A 71 13.82 -68.75 -5.97
C ASP A 71 14.54 -67.99 -4.86
N LEU A 72 15.32 -66.98 -5.30
CA LEU A 72 16.06 -66.16 -4.36
C LEU A 72 15.08 -65.54 -3.35
N LEU A 73 13.97 -64.96 -3.85
CA LEU A 73 12.94 -64.40 -2.98
C LEU A 73 12.28 -65.51 -2.14
N PHE A 74 12.13 -66.72 -2.72
CA PHE A 74 11.52 -67.84 -2.04
C PHE A 74 12.34 -68.18 -0.81
N TYR A 75 13.65 -68.24 -1.03
CA TYR A 75 14.58 -68.60 0.03
C TYR A 75 14.52 -67.53 1.13
N THR A 76 14.36 -66.25 0.71
CA THR A 76 14.31 -65.13 1.62
C THR A 76 13.07 -65.27 2.51
N ILE A 77 11.91 -65.50 1.87
CA ILE A 77 10.64 -65.50 2.57
C ILE A 77 10.53 -66.78 3.39
N ALA A 78 11.10 -67.87 2.84
CA ALA A 78 11.10 -69.23 3.37
C ALA A 78 11.26 -69.28 4.88
N GLU A 79 12.33 -68.68 5.42
CA GLU A 79 12.69 -68.86 6.83
C GLU A 79 12.98 -70.33 7.11
N GLY A 80 13.62 -71.00 6.16
CA GLY A 80 14.02 -72.40 6.26
C GLY A 80 12.84 -73.38 6.13
N GLN A 81 12.14 -73.59 7.26
CA GLN A 81 11.19 -74.67 7.52
C GLN A 81 10.42 -75.16 6.28
N GLU A 82 9.12 -75.46 6.45
CA GLU A 82 8.34 -76.39 5.63
C GLU A 82 8.13 -75.89 4.18
N LYS A 83 6.86 -75.66 3.81
CA LYS A 83 6.48 -74.77 2.74
C LYS A 83 6.12 -73.43 3.39
N ILE A 84 6.22 -72.29 2.68
CA ILE A 84 5.78 -70.99 3.16
C ILE A 84 4.26 -70.98 3.20
N PRO A 85 3.61 -70.94 4.39
CA PRO A 85 2.15 -70.82 4.47
C PRO A 85 1.73 -69.49 3.85
N VAL A 86 0.50 -69.48 3.32
CA VAL A 86 0.07 -68.38 2.47
C VAL A 86 -0.14 -67.14 3.35
N HIS A 87 -0.84 -67.30 4.48
CA HIS A 87 -1.04 -66.20 5.42
C HIS A 87 0.30 -65.62 5.88
N LYS A 88 1.32 -66.47 6.03
CA LYS A 88 2.64 -66.02 6.44
C LYS A 88 3.22 -65.08 5.37
N PHE A 89 2.97 -65.41 4.10
CA PHE A 89 3.50 -64.57 3.04
C PHE A 89 2.72 -63.26 3.02
N ILE A 90 1.42 -63.34 3.32
CA ILE A 90 0.54 -62.18 3.29
C ILE A 90 0.95 -61.23 4.41
N THR A 91 1.22 -61.77 5.60
CA THR A 91 1.60 -60.94 6.74
C THR A 91 2.92 -60.24 6.44
N ALA A 92 3.88 -60.99 5.88
CA ALA A 92 5.16 -60.43 5.48
C ALA A 92 4.99 -59.31 4.44
N LEU A 93 4.06 -59.50 3.51
CA LEU A 93 3.86 -58.55 2.43
C LEU A 93 3.25 -57.27 2.98
N LYS A 94 2.22 -57.40 3.85
CA LYS A 94 1.48 -56.28 4.41
C LYS A 94 2.41 -55.38 5.24
N SER A 95 3.41 -56.02 5.87
CA SER A 95 4.28 -55.30 6.77
C SER A 95 5.30 -54.48 5.99
N THR A 96 5.45 -54.74 4.68
CA THR A 96 6.33 -53.90 3.88
C THR A 96 5.64 -52.57 3.61
N GLY A 97 4.35 -52.50 3.98
CA GLY A 97 3.54 -51.30 3.81
C GLY A 97 2.63 -51.40 2.59
N LEU A 98 2.88 -52.40 1.72
CA LEU A 98 2.08 -52.60 0.52
C LEU A 98 0.71 -53.07 0.97
N ARG A 99 -0.33 -52.68 0.22
CA ARG A 99 -1.67 -53.21 0.41
C ARG A 99 -1.85 -54.37 -0.57
N THR A 100 -2.58 -55.42 -0.16
CA THR A 100 -2.67 -56.63 -0.98
C THR A 100 -3.43 -56.31 -2.25
N SER A 101 -4.15 -55.19 -2.19
CA SER A 101 -4.95 -54.70 -3.28
C SER A 101 -4.15 -53.75 -4.18
N ASP A 102 -2.83 -53.74 -4.03
CA ASP A 102 -2.01 -52.94 -4.93
C ASP A 102 -2.28 -53.36 -6.39
N PRO A 103 -2.64 -52.40 -7.28
CA PRO A 103 -2.75 -52.65 -8.71
C PRO A 103 -1.52 -53.31 -9.32
N ARG A 104 -0.32 -53.02 -8.79
CA ARG A 104 0.89 -53.59 -9.38
C ARG A 104 1.12 -55.02 -8.88
N LEU A 105 0.25 -55.49 -7.96
CA LEU A 105 0.34 -56.83 -7.41
C LEU A 105 -0.80 -57.70 -7.90
N LYS A 106 -1.58 -57.25 -8.90
CA LYS A 106 -2.81 -57.91 -9.31
C LYS A 106 -2.56 -59.38 -9.68
N GLU A 107 -1.61 -59.57 -10.61
CA GLU A 107 -1.29 -60.89 -11.15
C GLU A 107 -0.96 -61.86 -10.02
N CYS A 108 -0.11 -61.43 -9.10
CA CYS A 108 0.37 -62.25 -8.00
C CYS A 108 -0.80 -62.64 -7.11
N MET A 109 -1.67 -61.68 -6.81
CA MET A 109 -2.73 -61.94 -5.87
C MET A 109 -3.79 -62.82 -6.50
N ASP A 110 -4.01 -62.61 -7.81
CA ASP A 110 -4.97 -63.42 -8.56
C ASP A 110 -4.55 -64.87 -8.56
N MET A 111 -3.24 -65.10 -8.71
CA MET A 111 -2.66 -66.42 -8.81
C MET A 111 -2.72 -67.14 -7.47
N LEU A 112 -2.54 -66.38 -6.38
CA LEU A 112 -2.61 -66.95 -5.06
C LEU A 112 -4.07 -67.29 -4.74
N ARG A 113 -5.00 -66.47 -5.25
CA ARG A 113 -6.41 -66.71 -4.98
C ARG A 113 -6.83 -67.98 -5.72
N LEU A 114 -6.37 -68.11 -6.97
CA LEU A 114 -6.65 -69.27 -7.79
C LEU A 114 -6.13 -70.51 -7.09
N THR A 115 -4.84 -70.49 -6.74
CA THR A 115 -4.18 -71.61 -6.12
C THR A 115 -4.88 -72.00 -4.82
N LEU A 116 -5.37 -71.00 -4.07
CA LEU A 116 -5.99 -71.34 -2.79
C LEU A 116 -7.39 -71.95 -3.01
N GLN A 117 -7.87 -71.93 -4.26
CA GLN A 117 -8.95 -72.82 -4.69
C GLN A 117 -8.42 -74.15 -5.22
N THR A 118 -7.55 -74.12 -6.25
CA THR A 118 -7.26 -75.23 -7.15
C THR A 118 -6.52 -76.38 -6.48
N THR A 119 -6.05 -76.17 -5.24
CA THR A 119 -5.34 -77.23 -4.52
C THR A 119 -5.74 -77.25 -3.05
N SER A 120 -6.82 -76.52 -2.71
CA SER A 120 -7.46 -76.61 -1.40
C SER A 120 -6.91 -77.80 -0.60
N ASP A 121 -6.25 -77.46 0.50
CA ASP A 121 -5.65 -78.42 1.42
C ASP A 121 -5.18 -77.62 2.64
N GLY A 122 -3.96 -77.91 3.10
CA GLY A 122 -3.24 -77.13 4.10
C GLY A 122 -3.13 -75.68 3.63
N VAL A 123 -2.82 -75.50 2.33
CA VAL A 123 -2.67 -74.19 1.70
C VAL A 123 -1.30 -73.64 2.04
N MET A 124 -0.23 -74.34 1.57
CA MET A 124 1.15 -73.91 1.64
C MET A 124 1.77 -74.03 0.24
N LEU A 125 2.65 -73.10 -0.12
CA LEU A 125 3.23 -73.08 -1.46
C LEU A 125 4.48 -73.99 -1.53
N ASP A 126 4.58 -74.79 -2.60
CA ASP A 126 5.84 -75.40 -3.05
C ASP A 126 6.80 -74.27 -3.40
N LYS A 127 8.12 -74.51 -3.43
CA LYS A 127 9.01 -73.50 -3.99
C LYS A 127 8.56 -73.25 -5.43
N ASP A 128 7.96 -74.28 -6.01
CA ASP A 128 7.57 -74.25 -7.42
C ASP A 128 6.28 -73.46 -7.58
N LEU A 129 5.41 -73.67 -6.61
CA LEU A 129 4.09 -73.06 -6.56
C LEU A 129 4.23 -71.57 -6.22
N PHE A 130 5.12 -71.25 -5.28
CA PHE A 130 5.37 -69.86 -4.95
C PHE A 130 5.87 -69.16 -6.20
N LYS A 131 6.83 -69.77 -6.92
CA LYS A 131 7.35 -69.20 -8.16
C LYS A 131 6.20 -68.95 -9.13
N LYS A 132 5.23 -69.85 -9.16
CA LYS A 132 4.07 -69.74 -10.03
C LYS A 132 3.30 -68.44 -9.74
N CYS A 133 3.21 -68.08 -8.46
CA CYS A 133 2.40 -66.93 -8.06
C CYS A 133 3.14 -65.61 -8.29
N VAL A 134 4.42 -65.59 -7.92
CA VAL A 134 5.10 -64.32 -7.73
C VAL A 134 5.88 -63.96 -8.98
N GLN A 135 5.94 -64.86 -9.98
CA GLN A 135 6.83 -64.64 -11.11
C GLN A 135 6.45 -63.33 -11.81
N SER A 136 5.14 -63.10 -11.88
CA SER A 136 4.53 -62.01 -12.62
C SER A 136 5.01 -60.66 -12.09
N ASN A 137 5.16 -60.57 -10.75
CA ASN A 137 5.41 -59.33 -10.03
C ASN A 137 6.69 -59.40 -9.19
N ILE A 138 7.70 -60.14 -9.66
CA ILE A 138 8.80 -60.54 -8.78
C ILE A 138 9.66 -59.33 -8.42
N VAL A 139 9.82 -58.44 -9.40
CA VAL A 139 10.62 -57.24 -9.27
C VAL A 139 10.16 -56.47 -8.04
N LEU A 140 8.85 -56.14 -8.03
CA LEU A 140 8.28 -55.26 -7.03
C LEU A 140 8.29 -55.96 -5.67
N LEU A 141 7.96 -57.25 -5.66
CA LEU A 141 7.91 -58.04 -4.44
C LEU A 141 9.28 -58.12 -3.80
N THR A 142 10.31 -58.20 -4.66
CA THR A 142 11.68 -58.32 -4.17
C THR A 142 12.04 -57.03 -3.45
N GLN A 143 11.83 -55.90 -4.13
CA GLN A 143 12.17 -54.61 -3.58
C GLN A 143 11.51 -54.46 -2.22
N ALA A 144 10.24 -54.85 -2.13
CA ALA A 144 9.50 -54.73 -0.87
C ALA A 144 10.15 -55.59 0.22
N PHE A 145 10.56 -56.79 -0.14
CA PHE A 145 11.00 -57.77 0.84
C PHE A 145 12.47 -57.58 1.23
N ARG A 146 13.27 -57.11 0.25
CA ARG A 146 14.69 -56.85 0.40
C ARG A 146 14.91 -55.42 0.93
N ARG A 147 13.88 -54.89 1.61
CA ARG A 147 13.87 -53.64 2.37
C ARG A 147 14.41 -52.49 1.52
N LYS A 148 14.07 -52.44 0.22
CA LYS A 148 14.66 -51.51 -0.72
C LYS A 148 13.77 -50.28 -0.89
N PHE A 149 12.56 -50.26 -0.30
CA PHE A 149 11.59 -49.16 -0.46
C PHE A 149 12.05 -47.88 0.23
N VAL A 150 11.45 -46.74 -0.15
CA VAL A 150 11.96 -45.44 0.25
C VAL A 150 12.03 -45.37 1.77
N ILE A 151 11.06 -46.00 2.45
CA ILE A 151 11.09 -46.13 3.89
C ILE A 151 11.24 -47.62 4.19
N PRO A 152 12.46 -48.11 4.51
CA PRO A 152 12.69 -49.53 4.74
C PRO A 152 11.92 -50.04 5.95
N ASP A 153 12.01 -49.36 7.09
CA ASP A 153 11.31 -49.89 8.27
C ASP A 153 9.95 -49.22 8.39
N PHE A 154 9.03 -49.60 7.51
CA PHE A 154 7.76 -48.90 7.40
C PHE A 154 6.87 -49.16 8.61
N MET A 155 7.04 -50.32 9.23
CA MET A 155 6.20 -50.68 10.36
C MET A 155 6.48 -49.73 11.51
N SER A 156 7.76 -49.47 11.73
CA SER A 156 8.17 -48.56 12.80
C SER A 156 7.66 -47.15 12.51
N PHE A 157 7.74 -46.76 11.23
CA PHE A 157 7.39 -45.41 10.81
C PHE A 157 5.92 -45.14 11.07
N THR A 158 5.07 -46.14 10.79
CA THR A 158 3.64 -45.93 10.97
C THR A 158 3.31 -45.77 12.45
N SER A 159 4.11 -46.44 13.29
CA SER A 159 4.02 -46.27 14.72
C SER A 159 4.18 -44.79 15.07
N HIS A 160 5.14 -44.13 14.40
CA HIS A 160 5.44 -42.71 14.58
C HIS A 160 4.31 -41.83 14.08
N ILE A 161 3.78 -42.16 12.90
CA ILE A 161 2.66 -41.42 12.35
C ILE A 161 1.47 -41.44 13.32
N ASP A 162 1.28 -42.60 13.99
CA ASP A 162 0.20 -42.80 14.95
C ASP A 162 0.41 -41.91 16.18
N GLU A 163 1.65 -41.88 16.70
CA GLU A 163 1.95 -40.98 17.80
C GLU A 163 1.65 -39.53 17.38
N LEU A 164 2.10 -39.12 16.17
CA LEU A 164 1.90 -37.75 15.70
C LEU A 164 0.42 -37.45 15.57
N TYR A 165 -0.32 -38.45 15.08
CA TYR A 165 -1.76 -38.37 14.95
C TYR A 165 -2.41 -38.10 16.30
N GLU A 166 -2.08 -38.91 17.32
CA GLU A 166 -2.69 -38.81 18.64
C GLU A 166 -2.36 -37.46 19.28
N SER A 167 -1.13 -37.00 19.06
CA SER A 167 -0.70 -35.73 19.61
C SER A 167 -1.51 -34.59 19.02
N ALA A 168 -1.71 -34.59 17.70
CA ALA A 168 -2.49 -33.54 17.06
C ALA A 168 -3.97 -33.65 17.43
N LYS A 169 -4.39 -34.85 17.82
CA LYS A 169 -5.78 -35.12 18.15
C LYS A 169 -6.23 -34.27 19.33
N LYS A 170 -5.28 -33.98 20.23
CA LYS A 170 -5.54 -33.30 21.50
C LYS A 170 -5.73 -31.80 21.28
N GLN A 171 -5.56 -31.32 20.03
CA GLN A 171 -5.70 -29.90 19.73
C GLN A 171 -7.14 -29.60 19.30
N SER A 172 -7.91 -29.11 20.28
CA SER A 172 -9.35 -28.98 20.13
C SER A 172 -9.78 -27.62 19.58
N GLY A 173 -8.82 -26.70 19.39
CA GLY A 173 -9.11 -25.35 18.88
C GLY A 173 -9.74 -25.33 17.49
N GLY A 174 -10.22 -24.17 17.03
CA GLY A 174 -10.59 -23.98 15.64
C GLY A 174 -12.10 -23.94 15.39
N LYS A 175 -12.53 -23.35 14.27
CA LYS A 175 -13.93 -23.18 13.93
C LYS A 175 -14.21 -23.77 12.56
N VAL A 176 -15.25 -24.61 12.48
CA VAL A 176 -15.62 -25.29 11.25
C VAL A 176 -16.25 -24.26 10.33
N ALA A 177 -15.82 -24.26 9.07
CA ALA A 177 -16.41 -23.41 8.05
C ALA A 177 -17.93 -23.59 8.05
N ASP A 178 -18.66 -22.50 8.33
CA ASP A 178 -20.11 -22.52 8.41
C ASP A 178 -20.73 -21.89 7.16
N TYR A 179 -19.87 -21.38 6.26
CA TYR A 179 -20.33 -20.54 5.15
C TYR A 179 -21.15 -21.35 4.15
N ILE A 180 -20.95 -22.67 4.10
CA ILE A 180 -22.02 -23.54 3.64
C ILE A 180 -22.48 -24.40 4.82
N PRO A 181 -23.78 -24.37 5.22
CA PRO A 181 -24.33 -25.37 6.15
C PRO A 181 -24.16 -26.82 5.65
N GLN A 182 -23.53 -26.98 4.48
CA GLN A 182 -23.01 -28.24 3.97
C GLN A 182 -21.63 -28.53 4.59
N LEU A 183 -20.81 -27.46 4.72
CA LEU A 183 -19.49 -27.53 5.33
C LEU A 183 -19.66 -27.62 6.85
N ALA A 184 -20.74 -26.99 7.35
CA ALA A 184 -21.09 -26.94 8.76
C ALA A 184 -21.60 -28.28 9.27
N LYS A 185 -21.98 -29.20 8.37
CA LYS A 185 -22.57 -30.50 8.73
C LYS A 185 -21.56 -31.42 9.44
N PHE A 186 -20.27 -31.25 9.13
CA PHE A 186 -19.23 -32.16 9.63
C PHE A 186 -18.94 -31.90 11.12
N SER A 187 -18.65 -32.98 11.85
CA SER A 187 -18.21 -32.91 13.24
C SER A 187 -16.80 -32.33 13.37
N PRO A 188 -16.57 -31.36 14.27
CA PRO A 188 -15.20 -30.95 14.62
C PRO A 188 -14.28 -32.04 15.17
N ASP A 189 -14.82 -33.23 15.47
CA ASP A 189 -14.01 -34.29 16.05
C ASP A 189 -13.35 -35.17 15.00
N LEU A 190 -13.81 -35.06 13.74
CA LEU A 190 -13.18 -35.76 12.63
C LEU A 190 -11.73 -35.30 12.47
N TRP A 191 -10.86 -36.28 12.27
CA TRP A 191 -9.43 -36.07 12.17
C TRP A 191 -8.79 -37.32 11.57
N GLY A 192 -8.25 -37.17 10.37
CA GLY A 192 -7.70 -38.32 9.66
C GLY A 192 -6.39 -37.96 8.99
N VAL A 193 -5.52 -38.96 8.89
CA VAL A 193 -4.21 -38.78 8.31
C VAL A 193 -3.93 -40.01 7.47
N SER A 194 -3.64 -39.79 6.19
CA SER A 194 -3.27 -40.88 5.30
C SER A 194 -1.90 -40.64 4.72
N VAL A 195 -1.14 -41.73 4.65
CA VAL A 195 0.19 -41.70 4.08
C VAL A 195 0.18 -42.59 2.84
N CYS A 196 0.81 -42.09 1.77
CA CYS A 196 1.20 -42.96 0.67
C CYS A 196 2.62 -42.61 0.24
N THR A 197 3.57 -43.56 0.35
CA THR A 197 4.94 -43.29 -0.07
C THR A 197 5.09 -43.39 -1.57
N VAL A 198 6.25 -42.97 -2.05
CA VAL A 198 6.53 -42.90 -3.47
C VAL A 198 6.60 -44.33 -4.02
N ASP A 199 6.59 -45.33 -3.12
CA ASP A 199 6.67 -46.74 -3.49
C ASP A 199 5.32 -47.43 -3.31
N GLY A 200 4.32 -46.70 -2.80
CA GLY A 200 3.01 -47.29 -2.69
C GLY A 200 2.76 -47.90 -1.31
N GLN A 201 3.70 -47.71 -0.38
CA GLN A 201 3.46 -48.12 1.00
C GLN A 201 2.41 -47.20 1.63
N ARG A 202 1.43 -47.79 2.31
CA ARG A 202 0.28 -47.01 2.76
C ARG A 202 0.11 -47.13 4.28
N HIS A 203 -0.53 -46.13 4.85
CA HIS A 203 -0.92 -46.16 6.25
C HIS A 203 -1.97 -45.09 6.51
N SER A 204 -2.89 -45.36 7.44
CA SER A 204 -3.92 -44.40 7.77
C SER A 204 -4.18 -44.46 9.27
N THR A 205 -4.68 -43.36 9.80
CA THR A 205 -5.17 -43.34 11.17
C THR A 205 -6.30 -42.34 11.22
N GLY A 206 -7.34 -42.68 12.00
CA GLY A 206 -8.50 -41.84 12.18
C GLY A 206 -9.41 -41.90 10.95
N ASP A 207 -10.15 -40.80 10.73
CA ASP A 207 -11.31 -40.83 9.87
C ASP A 207 -10.90 -40.58 8.42
N THR A 208 -10.28 -41.61 7.82
CA THR A 208 -9.58 -41.42 6.56
C THR A 208 -10.44 -41.87 5.37
N LYS A 209 -11.63 -42.39 5.63
CA LYS A 209 -12.50 -42.89 4.56
C LYS A 209 -13.77 -42.05 4.45
N VAL A 210 -13.80 -40.91 5.16
CA VAL A 210 -14.93 -40.02 5.12
C VAL A 210 -14.72 -39.05 3.96
N PRO A 211 -15.67 -38.95 3.01
CA PRO A 211 -15.53 -38.04 1.88
C PRO A 211 -15.68 -36.59 2.37
N PHE A 212 -14.82 -35.72 1.81
CA PHE A 212 -14.89 -34.28 1.99
C PHE A 212 -14.41 -33.58 0.71
N CYS A 213 -14.76 -32.30 0.57
CA CYS A 213 -14.41 -31.58 -0.64
C CYS A 213 -12.97 -31.09 -0.60
N LEU A 214 -12.30 -31.14 -1.74
CA LEU A 214 -10.96 -30.58 -1.82
C LEU A 214 -10.99 -29.10 -1.48
N GLN A 215 -11.97 -28.39 -2.04
CA GLN A 215 -12.00 -26.93 -2.04
C GLN A 215 -10.67 -26.44 -2.64
N SER A 216 -9.93 -25.59 -1.91
CA SER A 216 -8.73 -24.97 -2.44
C SER A 216 -7.59 -25.96 -2.66
N CYS A 217 -7.69 -27.15 -2.05
CA CYS A 217 -6.72 -28.22 -2.30
C CYS A 217 -6.67 -28.55 -3.78
N VAL A 218 -7.73 -28.20 -4.51
CA VAL A 218 -7.84 -28.58 -5.90
C VAL A 218 -7.01 -27.64 -6.78
N LYS A 219 -6.65 -26.49 -6.21
CA LYS A 219 -6.05 -25.43 -7.01
C LYS A 219 -4.73 -25.89 -7.61
N PRO A 220 -3.81 -26.52 -6.82
CA PRO A 220 -2.54 -26.99 -7.37
C PRO A 220 -2.78 -28.10 -8.39
N LEU A 221 -3.84 -28.91 -8.18
CA LEU A 221 -4.08 -30.04 -9.07
C LEU A 221 -4.48 -29.52 -10.44
N LYS A 222 -5.40 -28.54 -10.47
CA LYS A 222 -5.82 -27.98 -11.75
C LYS A 222 -4.70 -27.20 -12.42
N TYR A 223 -3.86 -26.54 -11.59
CA TYR A 223 -2.72 -25.83 -12.12
C TYR A 223 -1.79 -26.81 -12.83
N ALA A 224 -1.58 -27.96 -12.19
CA ALA A 224 -0.66 -28.95 -12.73
C ALA A 224 -1.21 -29.39 -14.08
N ILE A 225 -2.51 -29.59 -14.14
CA ILE A 225 -3.14 -30.03 -15.36
C ILE A 225 -2.89 -28.98 -16.46
N ALA A 226 -3.05 -27.70 -16.12
CA ALA A 226 -2.89 -26.62 -17.08
C ALA A 226 -1.45 -26.55 -17.59
N VAL A 227 -0.48 -26.66 -16.67
CA VAL A 227 0.93 -26.62 -17.06
C VAL A 227 1.30 -27.88 -17.82
N ASN A 228 0.69 -29.00 -17.43
CA ASN A 228 0.88 -30.26 -18.13
C ASN A 228 0.47 -30.11 -19.59
N ASP A 229 -0.68 -29.47 -19.84
CA ASP A 229 -1.24 -29.43 -21.18
C ASP A 229 -0.65 -28.28 -22.01
N LEU A 230 -0.25 -27.19 -21.36
CA LEU A 230 -0.01 -25.94 -22.06
C LEU A 230 1.43 -25.48 -21.90
N GLY A 231 2.09 -26.00 -20.87
CA GLY A 231 3.44 -25.59 -20.58
C GLY A 231 3.50 -24.39 -19.64
N THR A 232 4.65 -24.22 -19.02
CA THR A 232 4.92 -23.18 -18.03
C THR A 232 4.73 -21.79 -18.62
N GLU A 233 5.32 -21.58 -19.81
CA GLU A 233 5.49 -20.24 -20.35
C GLU A 233 4.12 -19.65 -20.67
N TYR A 234 3.25 -20.46 -21.29
CA TYR A 234 1.93 -19.98 -21.65
C TYR A 234 1.08 -19.76 -20.39
N VAL A 235 1.11 -20.70 -19.44
CA VAL A 235 0.20 -20.57 -18.32
C VAL A 235 0.57 -19.31 -17.53
N HIS A 236 1.86 -18.98 -17.49
CA HIS A 236 2.30 -17.87 -16.68
C HIS A 236 2.16 -16.54 -17.41
N ARG A 237 1.59 -16.57 -18.61
CA ARG A 237 1.14 -15.34 -19.23
C ARG A 237 -0.07 -14.82 -18.48
N TYR A 238 -0.82 -15.73 -17.84
CA TYR A 238 -2.11 -15.37 -17.30
C TYR A 238 -2.04 -15.22 -15.78
N VAL A 239 -1.08 -15.88 -15.14
CA VAL A 239 -1.03 -15.94 -13.68
C VAL A 239 0.42 -15.80 -13.26
N GLY A 240 0.63 -15.05 -12.16
CA GLY A 240 1.96 -14.77 -11.67
C GLY A 240 2.56 -15.99 -10.99
N LYS A 241 3.76 -15.83 -10.42
CA LYS A 241 4.43 -16.99 -9.82
C LYS A 241 4.93 -16.73 -8.40
N GLU A 242 4.49 -15.66 -7.74
CA GLU A 242 5.04 -15.34 -6.43
C GLU A 242 3.91 -15.15 -5.42
N PRO A 243 4.22 -15.22 -4.10
CA PRO A 243 3.23 -14.94 -3.06
C PRO A 243 2.84 -13.46 -3.02
N SER A 244 1.61 -13.18 -2.53
CA SER A 244 1.04 -11.85 -2.65
C SER A 244 1.76 -10.92 -1.69
N GLY A 245 1.83 -11.36 -0.42
CA GLY A 245 2.32 -10.52 0.67
C GLY A 245 1.30 -9.48 1.10
N LEU A 246 0.78 -8.72 0.10
CA LEU A 246 0.23 -7.37 0.24
C LEU A 246 -0.90 -7.32 1.26
N ARG A 247 -0.57 -6.99 2.51
CA ARG A 247 -1.49 -6.89 3.64
C ARG A 247 -2.51 -8.04 3.65
N PHE A 248 -2.02 -9.26 3.41
CA PHE A 248 -2.81 -10.48 3.30
C PHE A 248 -3.41 -10.60 1.90
N ASN A 249 -4.50 -11.39 1.73
CA ASN A 249 -4.95 -11.82 0.41
C ASN A 249 -6.01 -10.87 -0.19
N LYS A 250 -5.79 -9.56 -0.03
CA LYS A 250 -6.83 -8.56 -0.27
C LYS A 250 -7.01 -8.20 -1.75
N LEU A 251 -5.95 -7.94 -2.50
CA LEU A 251 -6.07 -7.49 -3.89
C LEU A 251 -6.25 -8.68 -4.82
N PHE A 252 -6.80 -8.41 -6.02
CA PHE A 252 -7.00 -9.47 -7.01
C PHE A 252 -5.78 -9.64 -7.92
N LEU A 253 -5.16 -8.51 -8.26
CA LEU A 253 -4.09 -8.52 -9.25
C LEU A 253 -2.84 -7.88 -8.67
N ASN A 254 -1.70 -8.33 -9.19
CA ASN A 254 -0.42 -7.76 -8.87
C ASN A 254 -0.18 -6.60 -9.83
N GLU A 255 1.08 -6.11 -9.84
CA GLU A 255 1.48 -4.93 -10.56
C GLU A 255 1.39 -5.15 -12.08
N ASP A 256 1.37 -6.40 -12.55
CA ASP A 256 1.34 -6.68 -13.97
C ASP A 256 -0.09 -6.95 -14.46
N ASP A 257 -1.08 -6.71 -13.58
CA ASP A 257 -2.49 -6.97 -13.90
C ASP A 257 -2.77 -8.46 -14.12
N LYS A 258 -1.94 -9.33 -13.52
CA LYS A 258 -2.24 -10.75 -13.45
C LYS A 258 -2.53 -11.09 -11.99
N PRO A 259 -3.34 -12.12 -11.66
CA PRO A 259 -3.45 -12.61 -10.28
C PRO A 259 -2.08 -13.12 -9.84
N HIS A 260 -1.83 -13.03 -8.54
CA HIS A 260 -0.46 -13.13 -8.03
C HIS A 260 0.20 -14.48 -8.33
N ASN A 261 -0.58 -15.56 -8.25
CA ASN A 261 -0.10 -16.93 -8.37
C ASN A 261 -1.31 -17.87 -8.46
N PRO A 262 -1.13 -19.12 -8.91
CA PRO A 262 -2.25 -20.05 -9.06
C PRO A 262 -2.96 -20.53 -7.81
N MET A 263 -2.40 -20.21 -6.64
CA MET A 263 -2.95 -20.74 -5.41
C MET A 263 -4.01 -19.81 -4.82
N VAL A 264 -4.11 -18.58 -5.35
CA VAL A 264 -5.09 -17.64 -4.86
C VAL A 264 -6.35 -17.73 -5.70
N ASN A 265 -7.49 -17.29 -5.13
CA ASN A 265 -8.80 -17.48 -5.76
C ASN A 265 -8.74 -16.90 -7.16
N ALA A 266 -8.26 -15.65 -7.25
CA ALA A 266 -8.20 -14.95 -8.51
C ALA A 266 -7.38 -15.74 -9.53
N GLY A 267 -6.26 -16.30 -9.07
CA GLY A 267 -5.35 -17.05 -9.93
C GLY A 267 -5.90 -18.40 -10.37
N ALA A 268 -6.55 -19.10 -9.42
CA ALA A 268 -7.17 -20.39 -9.66
C ALA A 268 -8.26 -20.21 -10.71
N ILE A 269 -9.07 -19.13 -10.56
CA ILE A 269 -10.14 -18.81 -11.49
C ILE A 269 -9.56 -18.61 -12.90
N VAL A 270 -8.42 -17.93 -13.01
CA VAL A 270 -7.81 -17.76 -14.32
C VAL A 270 -7.28 -19.10 -14.85
N VAL A 271 -6.62 -19.90 -13.97
CA VAL A 271 -6.10 -21.19 -14.37
C VAL A 271 -7.24 -22.02 -14.94
N THR A 272 -8.38 -21.96 -14.26
CA THR A 272 -9.57 -22.70 -14.63
C THR A 272 -9.94 -22.37 -16.08
N SER A 273 -9.69 -21.13 -16.50
CA SER A 273 -10.14 -20.72 -17.81
C SER A 273 -9.17 -21.19 -18.90
N LEU A 274 -8.01 -21.78 -18.52
CA LEU A 274 -7.03 -22.23 -19.52
C LEU A 274 -7.20 -23.71 -19.88
N ILE A 275 -7.87 -24.48 -19.02
CA ILE A 275 -8.01 -25.92 -19.18
C ILE A 275 -9.12 -26.23 -20.18
N LYS A 276 -8.76 -27.01 -21.21
CA LYS A 276 -9.71 -27.63 -22.15
C LYS A 276 -10.61 -26.56 -22.75
N GLN A 277 -9.99 -25.47 -23.24
CA GLN A 277 -10.76 -24.37 -23.82
C GLN A 277 -11.51 -24.94 -25.02
N GLY A 278 -12.75 -24.49 -25.24
CA GLY A 278 -13.47 -24.80 -26.46
C GLY A 278 -14.40 -26.01 -26.39
N VAL A 279 -14.57 -26.62 -25.19
CA VAL A 279 -15.60 -27.62 -24.93
C VAL A 279 -16.51 -27.13 -23.80
N ASN A 280 -17.64 -27.80 -23.60
CA ASN A 280 -18.60 -27.38 -22.60
C ASN A 280 -18.14 -27.83 -21.22
N ASN A 281 -18.80 -27.31 -20.17
CA ASN A 281 -18.41 -27.49 -18.79
C ASN A 281 -18.56 -28.93 -18.32
N ALA A 282 -19.50 -29.65 -18.92
CA ALA A 282 -19.69 -31.07 -18.68
C ALA A 282 -18.43 -31.87 -19.05
N GLU A 283 -17.90 -31.58 -20.24
CA GLU A 283 -16.74 -32.29 -20.77
C GLU A 283 -15.48 -31.82 -20.09
N LYS A 284 -15.39 -30.51 -19.81
CA LYS A 284 -14.23 -29.93 -19.14
C LYS A 284 -14.07 -30.63 -17.80
N PHE A 285 -15.20 -30.79 -17.11
CA PHE A 285 -15.18 -31.41 -15.80
C PHE A 285 -14.70 -32.85 -15.91
N ASP A 286 -15.20 -33.57 -16.92
CA ASP A 286 -14.83 -34.96 -17.16
C ASP A 286 -13.33 -35.05 -17.40
N TYR A 287 -12.80 -34.10 -18.15
CA TYR A 287 -11.40 -34.09 -18.52
C TYR A 287 -10.56 -34.02 -17.26
N VAL A 288 -10.94 -33.13 -16.34
CA VAL A 288 -10.20 -32.94 -15.09
C VAL A 288 -10.36 -34.18 -14.19
N MET A 289 -11.58 -34.74 -14.15
CA MET A 289 -11.91 -35.86 -13.29
C MET A 289 -11.11 -37.10 -13.70
N GLN A 290 -11.02 -37.36 -15.02
CA GLN A 290 -10.28 -38.51 -15.52
C GLN A 290 -8.81 -38.35 -15.08
N PHE A 291 -8.35 -37.11 -15.08
CA PHE A 291 -6.98 -36.78 -14.76
C PHE A 291 -6.75 -37.04 -13.29
N LEU A 292 -7.69 -36.57 -12.46
CA LEU A 292 -7.70 -36.77 -11.02
C LEU A 292 -7.73 -38.27 -10.67
N ASN A 293 -8.48 -39.05 -11.45
CA ASN A 293 -8.56 -40.48 -11.25
C ASN A 293 -7.19 -41.13 -11.40
N LYS A 294 -6.48 -40.77 -12.48
CA LYS A 294 -5.16 -41.31 -12.70
C LYS A 294 -4.28 -41.00 -11.47
N MET A 295 -4.38 -39.77 -10.94
CA MET A 295 -3.49 -39.32 -9.88
C MET A 295 -3.72 -40.11 -8.60
N ALA A 296 -4.97 -40.51 -8.38
CA ALA A 296 -5.37 -41.17 -7.14
C ALA A 296 -5.31 -42.69 -7.30
N GLY A 297 -4.73 -43.15 -8.41
CA GLY A 297 -4.71 -44.57 -8.71
C GLY A 297 -6.11 -45.16 -8.60
N ASN A 298 -7.09 -44.38 -9.07
CA ASN A 298 -8.47 -44.78 -9.28
C ASN A 298 -9.17 -45.04 -7.96
N GLU A 299 -8.65 -44.49 -6.86
CA GLU A 299 -9.37 -44.55 -5.59
C GLU A 299 -10.43 -43.46 -5.58
N TYR A 300 -11.06 -43.22 -4.43
CA TYR A 300 -12.28 -42.42 -4.45
C TYR A 300 -12.01 -40.96 -4.84
N VAL A 301 -12.67 -40.56 -5.91
CA VAL A 301 -12.76 -39.17 -6.32
C VAL A 301 -14.23 -38.95 -6.62
N GLY A 302 -14.88 -38.05 -5.89
CA GLY A 302 -16.30 -37.85 -6.12
C GLY A 302 -16.64 -36.38 -6.30
N PHE A 303 -17.93 -36.05 -6.14
CA PHE A 303 -18.45 -34.72 -6.39
C PHE A 303 -19.68 -34.51 -5.52
N SER A 304 -19.68 -33.37 -4.83
CA SER A 304 -20.78 -32.96 -3.99
C SER A 304 -21.54 -31.83 -4.68
N ASN A 305 -22.68 -32.19 -5.26
CA ASN A 305 -23.55 -31.19 -5.85
C ASN A 305 -24.07 -30.22 -4.78
N ALA A 306 -24.28 -30.72 -3.56
CA ALA A 306 -24.76 -29.90 -2.45
C ALA A 306 -23.81 -28.72 -2.21
N THR A 307 -22.53 -29.04 -2.05
CA THR A 307 -21.49 -28.04 -1.91
C THR A 307 -21.48 -27.11 -3.11
N PHE A 308 -21.67 -27.67 -4.31
CA PHE A 308 -21.59 -26.89 -5.52
C PHE A 308 -22.65 -25.80 -5.52
N GLN A 309 -23.87 -26.18 -5.18
CA GLN A 309 -25.01 -25.26 -5.16
C GLN A 309 -24.75 -24.15 -4.15
N SER A 310 -24.27 -24.52 -2.96
CA SER A 310 -24.01 -23.55 -1.91
C SER A 310 -22.87 -22.63 -2.29
N GLU A 311 -21.87 -23.16 -3.01
CA GLU A 311 -20.67 -22.43 -3.45
C GLU A 311 -21.07 -21.31 -4.42
N ARG A 312 -22.02 -21.61 -5.29
CA ARG A 312 -22.42 -20.66 -6.29
C ARG A 312 -23.43 -19.68 -5.69
N GLU A 313 -24.24 -20.12 -4.71
CA GLU A 313 -25.30 -19.30 -4.14
C GLU A 313 -24.73 -18.38 -3.07
N SER A 314 -23.44 -18.51 -2.70
CA SER A 314 -22.93 -17.60 -1.70
C SER A 314 -21.57 -17.03 -2.10
N GLY A 315 -21.14 -17.21 -3.34
CA GLY A 315 -19.76 -16.89 -3.68
C GLY A 315 -19.58 -15.47 -4.25
N ASP A 316 -20.00 -14.47 -3.48
CA ASP A 316 -20.08 -13.11 -3.98
C ASP A 316 -18.67 -12.61 -4.34
N ARG A 317 -17.72 -12.95 -3.46
CA ARG A 317 -16.34 -12.55 -3.60
C ARG A 317 -15.80 -13.07 -4.93
N ASN A 318 -16.14 -14.32 -5.29
CA ASN A 318 -15.61 -14.95 -6.48
C ASN A 318 -16.21 -14.29 -7.72
N PHE A 319 -17.50 -13.93 -7.61
CA PHE A 319 -18.14 -13.21 -8.69
C PHE A 319 -17.47 -11.85 -8.89
N ALA A 320 -17.19 -11.18 -7.75
CA ALA A 320 -16.49 -9.91 -7.82
C ALA A 320 -15.17 -10.07 -8.57
N ILE A 321 -14.46 -11.17 -8.26
CA ILE A 321 -13.18 -11.44 -8.87
C ILE A 321 -13.39 -11.68 -10.36
N GLY A 322 -14.45 -12.43 -10.66
CA GLY A 322 -14.68 -12.78 -12.05
C GLY A 322 -14.87 -11.52 -12.89
N TYR A 323 -15.73 -10.64 -12.38
CA TYR A 323 -16.06 -9.43 -13.12
C TYR A 323 -14.81 -8.57 -13.28
N TYR A 324 -13.99 -8.52 -12.24
CA TYR A 324 -12.83 -7.65 -12.32
C TYR A 324 -11.85 -8.24 -13.31
N LEU A 325 -11.75 -9.58 -13.36
CA LEU A 325 -10.82 -10.26 -14.27
C LEU A 325 -11.25 -9.96 -15.70
N LYS A 326 -12.58 -9.98 -15.92
CA LYS A 326 -13.19 -9.64 -17.20
C LYS A 326 -12.77 -8.23 -17.60
N GLU A 327 -13.04 -7.28 -16.69
CA GLU A 327 -12.73 -5.86 -16.86
C GLU A 327 -11.30 -5.71 -17.37
N LYS A 328 -10.37 -6.39 -16.69
CA LYS A 328 -8.95 -6.16 -16.92
C LYS A 328 -8.42 -7.08 -18.01
N LYS A 329 -9.32 -7.80 -18.69
CA LYS A 329 -8.97 -8.65 -19.84
C LYS A 329 -7.93 -9.72 -19.44
N CYS A 330 -8.23 -10.42 -18.34
CA CYS A 330 -7.31 -11.34 -17.71
C CYS A 330 -7.50 -12.77 -18.20
N PHE A 331 -8.63 -13.06 -18.85
CA PHE A 331 -8.91 -14.40 -19.33
C PHE A 331 -8.43 -14.55 -20.78
N PRO A 332 -8.29 -15.79 -21.30
CA PRO A 332 -7.95 -15.99 -22.72
C PRO A 332 -9.09 -15.47 -23.59
N GLU A 333 -8.75 -15.00 -24.80
CA GLU A 333 -9.64 -14.46 -25.82
C GLU A 333 -10.95 -15.26 -25.86
N GLY A 334 -12.09 -14.59 -25.72
CA GLY A 334 -13.41 -15.20 -25.87
C GLY A 334 -13.77 -16.22 -24.78
N THR A 335 -13.37 -15.93 -23.54
CA THR A 335 -13.79 -16.72 -22.39
C THR A 335 -15.23 -16.36 -22.04
N ASP A 336 -16.03 -17.36 -21.67
CA ASP A 336 -17.28 -17.08 -21.00
C ASP A 336 -17.04 -17.05 -19.49
N MET A 337 -16.91 -15.86 -18.91
CA MET A 337 -16.41 -15.75 -17.55
C MET A 337 -17.40 -16.30 -16.52
N VAL A 338 -18.70 -16.20 -16.81
CA VAL A 338 -19.69 -16.67 -15.84
C VAL A 338 -19.73 -18.19 -15.84
N GLY A 339 -19.44 -18.77 -17.00
CA GLY A 339 -19.32 -20.22 -17.10
C GLY A 339 -18.06 -20.73 -16.40
N ILE A 340 -16.99 -19.96 -16.49
CA ILE A 340 -15.73 -20.35 -15.89
C ILE A 340 -15.93 -20.36 -14.38
N LEU A 341 -16.74 -19.42 -13.86
CA LEU A 341 -17.02 -19.39 -12.42
C LEU A 341 -17.74 -20.66 -11.97
N ASP A 342 -18.67 -21.09 -12.82
CA ASP A 342 -19.45 -22.29 -12.57
C ASP A 342 -18.52 -23.50 -12.52
N PHE A 343 -17.63 -23.59 -13.51
CA PHE A 343 -16.62 -24.63 -13.59
C PHE A 343 -15.77 -24.61 -12.33
N TYR A 344 -15.35 -23.39 -11.95
CA TYR A 344 -14.53 -23.16 -10.77
C TYR A 344 -15.24 -23.76 -9.56
N PHE A 345 -16.52 -23.41 -9.39
CA PHE A 345 -17.24 -23.87 -8.22
C PHE A 345 -17.34 -25.39 -8.19
N GLN A 346 -17.48 -26.00 -9.37
CA GLN A 346 -17.59 -27.45 -9.46
C GLN A 346 -16.28 -28.07 -8.98
N LEU A 347 -15.15 -27.53 -9.47
CA LEU A 347 -13.89 -28.16 -9.18
C LEU A 347 -13.65 -28.09 -7.69
N CYS A 348 -14.14 -27.03 -7.02
CA CYS A 348 -13.93 -26.89 -5.59
C CYS A 348 -14.81 -27.85 -4.79
N SER A 349 -15.85 -28.38 -5.46
CA SER A 349 -16.82 -29.26 -4.85
C SER A 349 -16.51 -30.76 -5.07
N ILE A 350 -15.40 -31.09 -5.78
CA ILE A 350 -14.96 -32.46 -5.98
C ILE A 350 -14.58 -33.06 -4.63
N GLU A 351 -14.93 -34.34 -4.44
CA GLU A 351 -14.73 -35.01 -3.16
C GLU A 351 -13.56 -36.00 -3.25
N VAL A 352 -12.88 -36.14 -2.10
CA VAL A 352 -11.85 -37.13 -1.88
C VAL A 352 -12.08 -37.74 -0.50
N THR A 353 -11.32 -38.79 -0.20
CA THR A 353 -11.11 -39.19 1.18
C THR A 353 -9.64 -38.98 1.48
N CYS A 354 -9.27 -39.11 2.76
CA CYS A 354 -7.87 -38.94 3.13
C CYS A 354 -7.04 -39.87 2.26
N GLU A 355 -7.54 -41.10 2.10
CA GLU A 355 -6.74 -42.14 1.50
C GLU A 355 -6.49 -41.85 0.03
N SER A 356 -7.56 -41.50 -0.69
CA SER A 356 -7.43 -41.27 -2.12
C SER A 356 -6.60 -40.02 -2.41
N ALA A 357 -6.79 -38.98 -1.60
CA ALA A 357 -6.03 -37.77 -1.79
C ALA A 357 -4.55 -37.99 -1.47
N SER A 358 -4.23 -38.88 -0.52
CA SER A 358 -2.84 -39.09 -0.15
C SER A 358 -2.07 -39.66 -1.35
N VAL A 359 -2.77 -40.41 -2.22
CA VAL A 359 -2.21 -40.98 -3.44
C VAL A 359 -1.95 -39.87 -4.47
N MET A 360 -2.90 -38.94 -4.57
CA MET A 360 -2.71 -37.77 -5.42
C MET A 360 -1.43 -37.04 -5.01
N ALA A 361 -1.26 -36.81 -3.70
CA ALA A 361 -0.10 -36.13 -3.14
C ALA A 361 1.17 -36.93 -3.46
N ALA A 362 1.04 -38.26 -3.37
CA ALA A 362 2.17 -39.13 -3.64
C ALA A 362 2.61 -39.05 -5.10
N THR A 363 1.65 -38.85 -6.01
CA THR A 363 1.96 -38.65 -7.42
C THR A 363 2.87 -37.44 -7.59
N LEU A 364 2.55 -36.34 -6.89
CA LEU A 364 3.33 -35.12 -6.90
C LEU A 364 4.69 -35.38 -6.27
N ALA A 365 4.73 -36.23 -5.24
CA ALA A 365 5.97 -36.62 -4.56
C ALA A 365 6.87 -37.47 -5.48
N ASN A 366 6.28 -38.03 -6.53
CA ASN A 366 6.89 -39.10 -7.29
C ASN A 366 7.14 -38.65 -8.74
N GLY A 367 7.32 -37.33 -8.95
CA GLY A 367 7.74 -36.84 -10.25
C GLY A 367 6.69 -37.06 -11.33
N GLY A 368 5.44 -37.27 -10.88
CA GLY A 368 4.29 -37.26 -11.76
C GLY A 368 3.81 -38.66 -12.11
N PHE A 369 4.44 -39.68 -11.52
CA PHE A 369 4.03 -41.07 -11.68
C PHE A 369 3.19 -41.49 -10.47
N CYS A 370 2.00 -42.02 -10.75
CA CYS A 370 1.17 -42.49 -9.67
C CYS A 370 1.85 -43.69 -9.00
N PRO A 371 2.18 -43.64 -7.69
CA PRO A 371 2.96 -44.69 -7.05
C PRO A 371 2.30 -46.07 -6.99
N ILE A 372 0.97 -46.14 -7.05
CA ILE A 372 0.32 -47.43 -6.83
C ILE A 372 -0.06 -48.06 -8.16
N THR A 373 0.17 -47.32 -9.24
CA THR A 373 -0.20 -47.87 -10.53
C THR A 373 0.98 -47.79 -11.48
N GLY A 374 1.88 -46.84 -11.26
CA GLY A 374 2.96 -46.65 -12.22
C GLY A 374 2.58 -45.88 -13.49
N GLU A 375 1.36 -45.33 -13.54
CA GLU A 375 0.96 -44.47 -14.66
C GLU A 375 1.72 -43.13 -14.63
N ARG A 376 2.23 -42.65 -15.78
CA ARG A 376 2.72 -41.27 -15.89
C ARG A 376 1.53 -40.33 -15.96
N VAL A 377 1.34 -39.45 -14.97
CA VAL A 377 0.09 -38.69 -14.88
C VAL A 377 0.35 -37.22 -15.22
N LEU A 378 1.42 -36.66 -14.68
CA LEU A 378 1.75 -35.26 -14.92
C LEU A 378 3.21 -35.20 -15.37
N SER A 379 3.50 -34.26 -16.30
CA SER A 379 4.86 -33.99 -16.76
C SER A 379 5.69 -33.48 -15.59
N PRO A 380 7.02 -33.77 -15.53
CA PRO A 380 7.82 -33.31 -14.39
C PRO A 380 7.85 -31.80 -14.23
N GLU A 381 7.66 -31.09 -15.36
CA GLU A 381 7.58 -29.65 -15.39
C GLU A 381 6.38 -29.17 -14.56
N ALA A 382 5.21 -29.79 -14.78
CA ALA A 382 4.01 -29.46 -14.05
C ALA A 382 4.15 -29.81 -12.57
N VAL A 383 4.80 -30.94 -12.26
CA VAL A 383 4.93 -31.33 -10.87
C VAL A 383 5.85 -30.33 -10.13
N ARG A 384 6.96 -29.94 -10.79
CA ARG A 384 7.90 -29.05 -10.16
C ARG A 384 7.24 -27.70 -9.90
N ASN A 385 6.57 -27.18 -10.93
CA ASN A 385 5.99 -25.86 -10.82
C ASN A 385 4.99 -25.86 -9.68
N THR A 386 4.22 -26.94 -9.58
CA THR A 386 3.15 -26.99 -8.60
C THR A 386 3.72 -27.06 -7.18
N LEU A 387 4.75 -27.90 -7.00
CA LEU A 387 5.41 -28.02 -5.70
C LEU A 387 6.05 -26.69 -5.32
N SER A 388 6.63 -25.97 -6.31
CA SER A 388 7.27 -24.68 -6.07
C SER A 388 6.27 -23.70 -5.46
N LEU A 389 5.06 -23.65 -6.04
CA LEU A 389 4.09 -22.64 -5.70
C LEU A 389 3.32 -23.09 -4.46
N MET A 390 3.29 -24.40 -4.19
CA MET A 390 2.70 -24.91 -2.95
C MET A 390 3.58 -24.51 -1.78
N HIS A 391 4.91 -24.54 -2.00
CA HIS A 391 5.87 -24.14 -0.99
C HIS A 391 5.49 -22.77 -0.39
N SER A 392 5.36 -21.79 -1.31
CA SER A 392 5.46 -20.37 -1.02
C SER A 392 4.09 -19.69 -0.91
N CYS A 393 3.05 -20.30 -1.49
CA CYS A 393 1.75 -19.66 -1.58
C CYS A 393 0.64 -20.60 -1.10
N GLY A 394 0.98 -21.67 -0.37
CA GLY A 394 0.06 -22.78 -0.26
C GLY A 394 -0.96 -22.64 0.87
N MET A 395 -0.64 -21.81 1.84
CA MET A 395 -1.36 -21.90 3.09
C MET A 395 -1.87 -20.52 3.47
N TYR A 396 -2.27 -19.77 2.44
CA TYR A 396 -2.84 -18.43 2.59
C TYR A 396 -1.88 -17.61 3.44
N ASP A 397 -2.41 -16.92 4.48
CA ASP A 397 -1.61 -16.00 5.28
C ASP A 397 -0.50 -16.68 6.07
N PHE A 398 -0.59 -18.00 6.21
CA PHE A 398 0.39 -18.69 7.01
C PHE A 398 1.54 -19.19 6.14
N SER A 399 1.48 -18.96 4.81
CA SER A 399 2.41 -19.59 3.88
C SER A 399 3.87 -19.37 4.28
N GLY A 400 4.19 -18.11 4.61
CA GLY A 400 5.54 -17.72 4.94
C GLY A 400 6.03 -18.44 6.18
N GLN A 401 5.20 -18.42 7.22
CA GLN A 401 5.47 -19.07 8.50
C GLN A 401 5.65 -20.56 8.26
N PHE A 402 4.79 -21.10 7.40
CA PHE A 402 4.75 -22.52 7.18
C PHE A 402 5.99 -22.96 6.41
N ALA A 403 6.34 -22.20 5.37
CA ALA A 403 7.50 -22.54 4.57
C ALA A 403 8.75 -22.51 5.45
N PHE A 404 8.74 -21.57 6.42
CA PHE A 404 9.89 -21.39 7.29
C PHE A 404 10.03 -22.53 8.27
N HIS A 405 8.94 -22.91 8.95
CA HIS A 405 9.04 -23.89 10.02
C HIS A 405 8.89 -25.32 9.52
N VAL A 406 8.03 -25.53 8.52
CA VAL A 406 7.72 -26.88 8.08
C VAL A 406 8.51 -27.19 6.82
N GLY A 407 8.58 -26.19 5.94
CA GLY A 407 9.35 -26.30 4.71
C GLY A 407 8.88 -27.43 3.83
N LEU A 408 7.56 -27.60 3.77
CA LEU A 408 6.96 -28.61 2.91
C LEU A 408 6.01 -27.95 1.92
N PRO A 409 6.01 -28.43 0.65
CA PRO A 409 4.94 -28.07 -0.29
C PRO A 409 3.64 -28.58 0.31
N ALA A 410 2.68 -27.67 0.52
CA ALA A 410 1.43 -28.06 1.13
C ALA A 410 0.33 -27.16 0.61
N LYS A 411 -0.91 -27.66 0.59
CA LYS A 411 -2.02 -26.80 0.21
C LYS A 411 -3.19 -27.07 1.11
N SER A 412 -3.80 -25.99 1.59
CA SER A 412 -4.92 -26.16 2.50
C SER A 412 -6.21 -25.86 1.78
N GLY A 413 -7.30 -26.29 2.42
CA GLY A 413 -8.65 -26.10 1.94
C GLY A 413 -9.57 -25.86 3.12
N VAL A 414 -10.68 -25.17 2.83
CA VAL A 414 -11.56 -24.68 3.88
C VAL A 414 -12.39 -25.81 4.50
N ALA A 415 -12.38 -26.98 3.86
CA ALA A 415 -13.00 -28.19 4.38
C ALA A 415 -12.25 -28.70 5.63
N GLY A 416 -10.97 -28.29 5.73
CA GLY A 416 -10.06 -28.77 6.75
C GLY A 416 -8.96 -29.67 6.20
N GLY A 417 -8.81 -29.69 4.86
CA GLY A 417 -7.85 -30.54 4.15
C GLY A 417 -6.49 -29.87 4.12
N ILE A 418 -5.43 -30.70 4.16
CA ILE A 418 -4.07 -30.25 3.89
C ILE A 418 -3.36 -31.29 3.04
N LEU A 419 -3.21 -30.99 1.76
CA LEU A 419 -2.49 -31.85 0.83
C LEU A 419 -1.01 -31.58 1.06
N LEU A 420 -0.26 -32.61 1.43
CA LEU A 420 1.12 -32.44 1.85
C LEU A 420 2.03 -33.34 1.04
N VAL A 421 3.14 -32.76 0.60
CA VAL A 421 4.09 -33.53 -0.16
C VAL A 421 5.44 -33.44 0.52
N VAL A 422 6.07 -34.61 0.70
CA VAL A 422 7.49 -34.66 1.01
C VAL A 422 8.15 -35.23 -0.22
N PRO A 423 8.71 -34.36 -1.09
CA PRO A 423 9.30 -34.81 -2.36
C PRO A 423 10.24 -36.00 -2.16
N ASN A 424 10.06 -37.03 -2.99
CA ASN A 424 10.95 -38.17 -3.03
C ASN A 424 10.67 -39.13 -1.85
N VAL A 425 9.63 -38.84 -1.05
CA VAL A 425 9.33 -39.69 0.09
C VAL A 425 7.90 -40.16 0.06
N MET A 426 6.96 -39.21 0.17
CA MET A 426 5.56 -39.59 0.34
C MET A 426 4.64 -38.40 0.10
N GLY A 427 3.35 -38.72 -0.10
CA GLY A 427 2.25 -37.77 -0.11
C GLY A 427 1.36 -38.05 1.10
N MET A 428 0.66 -37.02 1.57
CA MET A 428 -0.21 -37.16 2.72
C MET A 428 -1.44 -36.29 2.53
N MET A 429 -2.50 -36.69 3.20
CA MET A 429 -3.66 -35.82 3.32
C MET A 429 -4.13 -35.88 4.76
N CYS A 430 -4.19 -34.70 5.37
CA CYS A 430 -4.65 -34.54 6.73
C CYS A 430 -5.97 -33.79 6.66
N TRP A 431 -6.90 -34.23 7.49
CA TRP A 431 -8.20 -33.60 7.44
C TRP A 431 -8.78 -33.49 8.85
N SER A 432 -9.06 -32.25 9.23
CA SER A 432 -9.87 -31.96 10.42
C SER A 432 -10.67 -30.70 10.15
N PRO A 433 -12.03 -30.72 10.18
CA PRO A 433 -12.82 -29.57 9.73
C PRO A 433 -12.55 -28.22 10.40
N PRO A 434 -12.26 -28.19 11.73
CA PRO A 434 -11.97 -26.94 12.45
C PRO A 434 -10.78 -26.18 11.89
N LEU A 435 -11.01 -24.93 11.44
CA LEU A 435 -9.92 -24.10 10.92
C LEU A 435 -9.43 -23.08 11.94
N ASP A 436 -8.16 -22.69 11.80
CA ASP A 436 -7.61 -21.63 12.61
C ASP A 436 -8.03 -20.29 11.99
N LYS A 437 -7.57 -19.20 12.62
CA LYS A 437 -7.90 -17.83 12.24
C LYS A 437 -7.56 -17.55 10.78
N MET A 438 -6.60 -18.29 10.21
CA MET A 438 -6.12 -17.99 8.87
C MET A 438 -6.68 -18.94 7.82
N GLY A 439 -7.43 -19.97 8.28
CA GLY A 439 -8.23 -20.78 7.38
C GLY A 439 -7.66 -22.18 7.13
N ASN A 440 -6.69 -22.53 7.99
CA ASN A 440 -5.98 -23.78 7.90
C ASN A 440 -6.46 -24.69 9.03
N SER A 441 -6.63 -25.98 8.71
CA SER A 441 -7.00 -26.98 9.68
C SER A 441 -6.08 -26.90 10.90
N VAL A 442 -6.68 -26.76 12.07
CA VAL A 442 -5.91 -26.65 13.29
C VAL A 442 -4.99 -27.87 13.43
N LYS A 443 -5.62 -29.05 13.45
CA LYS A 443 -4.92 -30.29 13.76
C LYS A 443 -3.92 -30.56 12.65
N GLY A 444 -4.31 -30.25 11.39
CA GLY A 444 -3.46 -30.42 10.22
C GLY A 444 -2.16 -29.64 10.41
N ILE A 445 -2.29 -28.39 10.82
CA ILE A 445 -1.13 -27.52 10.96
C ILE A 445 -0.26 -28.03 12.11
N HIS A 446 -0.88 -28.47 13.21
CA HIS A 446 -0.17 -28.98 14.37
C HIS A 446 0.63 -30.23 14.01
N PHE A 447 0.00 -31.12 13.22
CA PHE A 447 0.61 -32.35 12.75
C PHE A 447 1.79 -32.06 11.83
N CYS A 448 1.63 -31.13 10.90
CA CYS A 448 2.72 -30.77 10.00
C CYS A 448 3.96 -30.31 10.77
N HIS A 449 3.75 -29.49 11.79
CA HIS A 449 4.85 -29.06 12.62
C HIS A 449 5.52 -30.24 13.32
N ASP A 450 4.72 -31.12 13.95
CA ASP A 450 5.23 -32.28 14.65
C ASP A 450 6.04 -33.16 13.71
N LEU A 451 5.53 -33.35 12.48
CA LEU A 451 6.12 -34.30 11.57
C LEU A 451 7.55 -33.86 11.32
N VAL A 452 7.71 -32.55 11.10
CA VAL A 452 9.01 -32.00 10.73
C VAL A 452 9.92 -31.88 11.95
N SER A 453 9.33 -31.74 13.15
CA SER A 453 10.09 -31.83 14.38
C SER A 453 10.75 -33.19 14.49
N LEU A 454 10.00 -34.22 14.13
CA LEU A 454 10.41 -35.60 14.33
C LEU A 454 11.38 -36.06 13.25
N CYS A 455 11.11 -35.74 11.98
CA CYS A 455 11.88 -36.33 10.89
C CYS A 455 12.56 -35.22 10.10
N ASN A 456 13.68 -35.55 9.47
CA ASN A 456 14.46 -34.57 8.72
C ASN A 456 13.86 -34.37 7.33
N PHE A 457 12.59 -33.99 7.28
CA PHE A 457 11.88 -33.91 6.02
C PHE A 457 11.80 -32.50 5.45
N HIS A 458 12.02 -31.50 6.33
CA HIS A 458 11.94 -30.08 5.99
C HIS A 458 12.85 -29.83 4.80
N ASN A 459 12.34 -29.14 3.77
CA ASN A 459 13.00 -28.85 2.50
C ASN A 459 14.49 -28.51 2.68
N TYR A 460 14.86 -27.78 3.73
CA TYR A 460 16.27 -27.42 3.91
C TYR A 460 16.93 -28.09 5.12
N ASP A 461 16.44 -29.26 5.54
CA ASP A 461 17.16 -30.10 6.51
C ASP A 461 18.34 -30.72 5.77
N ASN A 462 19.36 -31.14 6.51
CA ASN A 462 20.47 -31.86 5.91
C ASN A 462 20.23 -33.37 5.95
N LEU A 463 20.67 -34.09 4.92
CA LEU A 463 20.51 -35.54 4.86
C LEU A 463 21.64 -36.26 5.61
N ARG A 464 22.65 -35.52 6.07
CA ARG A 464 23.83 -36.13 6.67
C ARG A 464 23.90 -35.78 8.15
N HIS A 465 23.76 -34.49 8.44
CA HIS A 465 23.88 -34.02 9.81
C HIS A 465 22.59 -33.30 10.17
N PHE A 466 21.78 -33.99 10.97
CA PHE A 466 20.52 -33.45 11.47
C PHE A 466 20.60 -33.58 12.98
N ALA A 467 19.51 -33.24 13.67
CA ALA A 467 19.58 -33.11 15.11
C ALA A 467 19.33 -34.46 15.78
N LYS A 468 18.53 -34.41 16.85
CA LYS A 468 17.94 -35.61 17.40
C LYS A 468 16.82 -36.12 16.47
N LYS A 469 16.83 -35.65 15.22
CA LYS A 469 15.80 -35.99 14.23
C LYS A 469 15.98 -37.43 13.76
N LEU A 470 14.85 -38.15 13.54
CA LEU A 470 14.80 -39.47 12.94
C LEU A 470 14.80 -39.29 11.41
N ASP A 471 15.52 -40.17 10.69
CA ASP A 471 15.51 -40.14 9.23
C ASP A 471 14.96 -41.47 8.71
N PRO A 472 13.66 -41.54 8.37
CA PRO A 472 13.02 -42.79 7.97
C PRO A 472 13.51 -43.42 6.67
N ARG A 473 14.36 -42.74 5.92
CA ARG A 473 14.87 -43.34 4.69
C ARG A 473 16.09 -44.20 4.97
N ARG A 474 16.62 -44.12 6.20
CA ARG A 474 17.86 -44.80 6.62
C ARG A 474 17.52 -46.05 7.44
N GLU A 475 18.45 -47.02 7.48
CA GLU A 475 18.18 -48.33 8.08
C GLU A 475 18.49 -48.35 9.58
N LEU B 69 41.10 -51.23 3.99
CA LEU B 69 42.51 -51.75 4.09
C LEU B 69 43.37 -51.00 3.08
N GLU B 70 44.56 -50.69 3.56
CA GLU B 70 45.56 -49.92 2.82
C GLU B 70 46.06 -50.79 1.68
N ASP B 71 46.17 -52.10 1.96
CA ASP B 71 46.67 -53.09 1.03
C ASP B 71 45.60 -53.22 -0.06
N LEU B 72 44.35 -53.27 0.41
CA LEU B 72 43.21 -53.35 -0.48
C LEU B 72 43.26 -52.18 -1.47
N LEU B 73 43.43 -50.95 -0.94
CA LEU B 73 43.45 -49.75 -1.78
C LEU B 73 44.66 -49.77 -2.71
N PHE B 74 45.80 -50.30 -2.23
CA PHE B 74 47.03 -50.36 -3.01
C PHE B 74 46.77 -51.17 -4.27
N TYR B 75 46.10 -52.31 -4.08
CA TYR B 75 45.82 -53.17 -5.21
C TYR B 75 44.90 -52.44 -6.18
N THR B 76 43.92 -51.71 -5.62
CA THR B 76 42.95 -50.99 -6.43
C THR B 76 43.67 -49.96 -7.31
N ILE B 77 44.60 -49.22 -6.70
CA ILE B 77 45.28 -48.11 -7.36
C ILE B 77 46.36 -48.68 -8.29
N ALA B 78 46.92 -49.85 -7.90
CA ALA B 78 48.06 -50.47 -8.55
C ALA B 78 47.88 -50.57 -10.06
N GLU B 79 46.67 -50.91 -10.54
CA GLU B 79 46.42 -51.19 -11.95
C GLU B 79 47.15 -52.47 -12.34
N GLY B 80 48.24 -52.82 -11.64
CA GLY B 80 49.07 -53.97 -11.98
C GLY B 80 50.40 -53.92 -11.22
N GLN B 81 50.36 -54.49 -10.01
CA GLN B 81 51.43 -54.53 -9.03
C GLN B 81 52.80 -54.50 -9.71
N GLU B 82 53.49 -53.34 -9.63
CA GLU B 82 54.75 -53.05 -10.30
C GLU B 82 55.44 -51.93 -9.54
N LYS B 83 54.89 -51.58 -8.37
CA LYS B 83 55.29 -50.38 -7.62
C LYS B 83 54.68 -49.11 -8.23
N ILE B 84 53.89 -48.36 -7.44
CA ILE B 84 53.01 -47.32 -7.95
C ILE B 84 53.68 -45.94 -7.86
N PRO B 85 54.04 -45.31 -9.01
CA PRO B 85 54.81 -44.06 -8.99
C PRO B 85 54.00 -42.92 -8.36
N VAL B 86 54.75 -41.95 -7.83
CA VAL B 86 54.25 -40.85 -7.00
C VAL B 86 53.24 -40.02 -7.80
N HIS B 87 53.69 -39.51 -8.95
CA HIS B 87 52.87 -38.68 -9.82
C HIS B 87 51.57 -39.40 -10.17
N LYS B 88 51.65 -40.73 -10.37
CA LYS B 88 50.49 -41.51 -10.74
C LYS B 88 49.48 -41.50 -9.59
N PHE B 89 49.96 -41.51 -8.34
CA PHE B 89 49.04 -41.51 -7.22
C PHE B 89 48.42 -40.13 -7.11
N ILE B 90 49.23 -39.10 -7.38
CA ILE B 90 48.78 -37.73 -7.26
C ILE B 90 47.72 -37.45 -8.33
N THR B 91 47.96 -37.92 -9.56
CA THR B 91 47.02 -37.72 -10.65
C THR B 91 45.70 -38.43 -10.35
N ALA B 92 45.78 -39.66 -9.83
CA ALA B 92 44.60 -40.42 -9.45
C ALA B 92 43.82 -39.69 -8.36
N LEU B 93 44.55 -39.08 -7.42
CA LEU B 93 43.91 -38.43 -6.30
C LEU B 93 43.17 -37.18 -6.77
N LYS B 94 43.85 -36.38 -7.61
CA LYS B 94 43.32 -35.11 -8.12
C LYS B 94 42.03 -35.34 -8.92
N SER B 95 41.96 -36.49 -9.58
CA SER B 95 40.84 -36.80 -10.44
C SER B 95 39.59 -37.15 -9.64
N THR B 96 39.76 -37.46 -8.35
CA THR B 96 38.58 -37.70 -7.54
C THR B 96 37.94 -36.38 -7.18
N GLY B 97 38.63 -35.29 -7.52
CA GLY B 97 38.16 -33.94 -7.24
C GLY B 97 38.82 -33.33 -6.02
N LEU B 98 39.49 -34.18 -5.21
CA LEU B 98 40.15 -33.73 -3.99
C LEU B 98 41.35 -32.89 -4.40
N ARG B 99 41.68 -31.88 -3.58
CA ARG B 99 42.91 -31.10 -3.80
C ARG B 99 43.99 -31.69 -2.89
N THR B 100 45.27 -31.69 -3.32
CA THR B 100 46.31 -32.35 -2.54
C THR B 100 46.52 -31.57 -1.26
N SER B 101 46.02 -30.33 -1.27
CA SER B 101 46.11 -29.44 -0.14
C SER B 101 44.91 -29.61 0.79
N ASP B 102 44.13 -30.69 0.62
CA ASP B 102 43.02 -30.94 1.52
C ASP B 102 43.56 -31.06 2.95
N PRO B 103 43.02 -30.25 3.91
CA PRO B 103 43.36 -30.39 5.31
C PRO B 103 43.18 -31.82 5.84
N ARG B 104 42.23 -32.58 5.29
CA ARG B 104 41.97 -33.92 5.80
C ARG B 104 43.01 -34.91 5.27
N LEU B 105 43.87 -34.44 4.35
CA LEU B 105 44.88 -35.29 3.73
C LEU B 105 46.27 -34.90 4.22
N LYS B 106 46.38 -34.06 5.26
CA LYS B 106 47.65 -33.51 5.73
C LYS B 106 48.64 -34.63 6.06
N GLU B 107 48.22 -35.58 6.90
CA GLU B 107 49.08 -36.66 7.38
C GLU B 107 49.69 -37.40 6.19
N CYS B 108 48.82 -37.74 5.23
CA CYS B 108 49.21 -38.51 4.05
C CYS B 108 50.23 -37.71 3.25
N MET B 109 49.97 -36.43 3.06
CA MET B 109 50.82 -35.66 2.18
C MET B 109 52.13 -35.35 2.88
N ASP B 110 52.12 -35.20 4.22
CA ASP B 110 53.34 -35.01 4.99
C ASP B 110 54.27 -36.21 4.84
N MET B 111 53.66 -37.40 4.85
CA MET B 111 54.38 -38.66 4.76
C MET B 111 54.96 -38.87 3.37
N LEU B 112 54.22 -38.41 2.35
CA LEU B 112 54.66 -38.47 0.97
C LEU B 112 55.81 -37.47 0.80
N ARG B 113 55.75 -36.33 1.49
CA ARG B 113 56.77 -35.30 1.36
C ARG B 113 58.06 -35.83 1.96
N LEU B 114 57.94 -36.50 3.12
CA LEU B 114 59.08 -37.11 3.79
C LEU B 114 59.74 -38.10 2.82
N THR B 115 58.93 -39.05 2.33
CA THR B 115 59.43 -40.12 1.49
C THR B 115 60.07 -39.54 0.23
N LEU B 116 59.50 -38.45 -0.31
CA LEU B 116 60.02 -37.92 -1.55
C LEU B 116 61.29 -37.09 -1.30
N GLN B 117 61.70 -36.97 -0.02
CA GLN B 117 62.96 -36.33 0.36
C GLN B 117 64.11 -37.36 0.35
N THR B 118 63.79 -38.64 0.62
CA THR B 118 64.78 -39.70 0.81
C THR B 118 65.54 -40.04 -0.49
N THR B 119 64.83 -40.56 -1.50
CA THR B 119 65.39 -40.72 -2.83
C THR B 119 65.42 -39.35 -3.52
N SER B 120 66.03 -39.32 -4.72
CA SER B 120 66.22 -38.11 -5.49
C SER B 120 65.94 -38.40 -6.96
N ASP B 121 65.76 -39.70 -7.29
CA ASP B 121 65.45 -40.13 -8.65
C ASP B 121 64.07 -40.79 -8.69
N GLY B 122 63.00 -39.97 -8.75
CA GLY B 122 61.62 -40.40 -8.63
C GLY B 122 61.34 -40.96 -7.23
N VAL B 123 60.17 -41.62 -7.07
CA VAL B 123 59.86 -42.57 -6.01
C VAL B 123 58.83 -43.52 -6.63
N MET B 124 58.60 -44.68 -6.04
CA MET B 124 57.67 -45.65 -6.62
C MET B 124 57.13 -46.58 -5.54
N LEU B 125 56.23 -46.10 -4.68
CA LEU B 125 55.90 -46.71 -3.39
C LEU B 125 55.80 -48.24 -3.46
N ASP B 126 56.38 -48.92 -2.45
CA ASP B 126 56.17 -50.33 -2.15
C ASP B 126 54.70 -50.50 -1.75
N LYS B 127 54.29 -51.73 -1.43
CA LYS B 127 52.93 -51.93 -0.91
C LYS B 127 52.96 -51.45 0.54
N ASP B 128 54.10 -51.68 1.21
CA ASP B 128 54.19 -51.32 2.61
C ASP B 128 54.52 -49.83 2.70
N LEU B 129 55.19 -49.26 1.67
CA LEU B 129 55.51 -47.84 1.66
C LEU B 129 54.25 -47.00 1.41
N PHE B 130 53.44 -47.47 0.46
CA PHE B 130 52.18 -46.80 0.21
C PHE B 130 51.35 -46.84 1.48
N LYS B 131 51.27 -48.02 2.14
CA LYS B 131 50.54 -48.18 3.38
C LYS B 131 51.06 -47.17 4.41
N LYS B 132 52.38 -46.94 4.41
CA LYS B 132 53.01 -46.02 5.33
C LYS B 132 52.42 -44.62 5.17
N CYS B 133 52.16 -44.23 3.92
CA CYS B 133 51.70 -42.87 3.63
C CYS B 133 50.20 -42.71 3.91
N VAL B 134 49.42 -43.70 3.49
CA VAL B 134 47.99 -43.49 3.36
C VAL B 134 47.25 -43.99 4.59
N GLN B 135 47.95 -44.65 5.53
CA GLN B 135 47.26 -45.35 6.60
C GLN B 135 46.43 -44.36 7.41
N SER B 136 47.01 -43.17 7.59
CA SER B 136 46.49 -42.12 8.44
C SER B 136 45.12 -41.65 7.96
N ASN B 137 44.94 -41.62 6.62
CA ASN B 137 43.80 -41.04 5.95
C ASN B 137 43.08 -42.05 5.06
N ILE B 138 43.11 -43.35 5.42
CA ILE B 138 42.77 -44.39 4.44
C ILE B 138 41.27 -44.39 4.17
N VAL B 139 40.49 -44.10 5.23
CA VAL B 139 39.04 -44.04 5.13
C VAL B 139 38.65 -43.09 3.98
N LEU B 140 39.14 -41.84 4.07
CA LEU B 140 38.75 -40.76 3.16
C LEU B 140 39.25 -41.08 1.75
N LEU B 141 40.49 -41.56 1.66
CA LEU B 141 41.12 -41.84 0.38
C LEU B 141 40.37 -42.97 -0.33
N THR B 142 39.87 -43.93 0.46
CA THR B 142 39.17 -45.06 -0.12
C THR B 142 37.87 -44.56 -0.72
N GLN B 143 37.09 -43.81 0.08
CA GLN B 143 35.81 -43.30 -0.38
C GLN B 143 36.02 -42.55 -1.69
N ALA B 144 37.08 -41.75 -1.77
CA ALA B 144 37.37 -40.97 -2.96
C ALA B 144 37.60 -41.89 -4.15
N PHE B 145 38.39 -42.95 -3.93
CA PHE B 145 38.89 -43.76 -5.01
C PHE B 145 37.85 -44.81 -5.43
N ARG B 146 37.05 -45.28 -4.45
CA ARG B 146 36.00 -46.28 -4.65
C ARG B 146 34.69 -45.58 -5.01
N ARG B 147 34.83 -44.38 -5.61
CA ARG B 147 33.80 -43.59 -6.28
C ARG B 147 32.56 -43.45 -5.39
N LYS B 148 32.78 -43.20 -4.09
CA LYS B 148 31.69 -43.16 -3.12
C LYS B 148 31.25 -41.70 -2.90
N PHE B 149 31.98 -40.71 -3.46
CA PHE B 149 31.72 -39.28 -3.20
C PHE B 149 30.41 -38.81 -3.85
N VAL B 150 29.89 -37.67 -3.37
CA VAL B 150 28.53 -37.26 -3.71
C VAL B 150 28.39 -37.19 -5.21
N ILE B 151 29.45 -36.74 -5.89
CA ILE B 151 29.49 -36.76 -7.35
C ILE B 151 30.59 -37.74 -7.74
N PRO B 152 30.25 -39.00 -8.12
CA PRO B 152 31.25 -40.02 -8.43
C PRO B 152 31.54 -40.16 -9.92
N ASP B 153 31.49 -39.09 -10.68
CA ASP B 153 32.28 -38.93 -11.89
C ASP B 153 32.53 -37.44 -11.97
N PHE B 154 33.42 -36.99 -11.08
CA PHE B 154 33.62 -35.57 -10.89
C PHE B 154 34.34 -34.95 -12.08
N MET B 155 35.14 -35.76 -12.80
CA MET B 155 35.90 -35.27 -13.93
C MET B 155 34.92 -34.81 -15.01
N SER B 156 33.90 -35.64 -15.24
CA SER B 156 32.91 -35.33 -16.25
C SER B 156 32.13 -34.08 -15.84
N PHE B 157 31.83 -33.99 -14.54
CA PHE B 157 30.99 -32.92 -14.01
C PHE B 157 31.67 -31.57 -14.20
N THR B 158 32.98 -31.52 -13.97
CA THR B 158 33.67 -30.26 -14.08
C THR B 158 33.72 -29.81 -15.54
N SER B 159 33.73 -30.79 -16.46
CA SER B 159 33.63 -30.51 -17.87
C SER B 159 32.34 -29.73 -18.13
N HIS B 160 31.24 -30.12 -17.46
CA HIS B 160 29.95 -29.48 -17.58
C HIS B 160 29.96 -28.08 -16.96
N ILE B 161 30.57 -27.95 -15.77
CA ILE B 161 30.68 -26.65 -15.14
C ILE B 161 31.41 -25.67 -16.07
N ASP B 162 32.42 -26.18 -16.80
CA ASP B 162 33.21 -25.39 -17.72
C ASP B 162 32.36 -24.93 -18.91
N GLU B 163 31.57 -25.85 -19.47
CA GLU B 163 30.64 -25.48 -20.52
C GLU B 163 29.70 -24.39 -20.01
N LEU B 164 29.12 -24.55 -18.80
CA LEU B 164 28.17 -23.60 -18.24
C LEU B 164 28.85 -22.26 -18.07
N TYR B 165 30.10 -22.31 -17.60
CA TYR B 165 30.92 -21.12 -17.43
C TYR B 165 31.08 -20.36 -18.75
N GLU B 166 31.49 -21.07 -19.82
CA GLU B 166 31.76 -20.46 -21.12
C GLU B 166 30.47 -19.87 -21.70
N SER B 167 29.37 -20.57 -21.49
CA SER B 167 28.09 -20.12 -21.98
C SER B 167 27.69 -18.81 -21.31
N ALA B 168 27.83 -18.72 -19.98
CA ALA B 168 27.51 -17.50 -19.24
C ALA B 168 28.50 -16.38 -19.58
N LYS B 169 29.70 -16.76 -20.03
CA LYS B 169 30.75 -15.80 -20.35
C LYS B 169 30.28 -14.86 -21.46
N LYS B 170 29.44 -15.40 -22.36
CA LYS B 170 29.01 -14.72 -23.57
C LYS B 170 27.95 -13.67 -23.26
N GLN B 171 27.51 -13.58 -22.00
CA GLN B 171 26.49 -12.61 -21.60
C GLN B 171 27.14 -11.32 -21.12
N SER B 172 27.27 -10.36 -22.06
CA SER B 172 28.10 -9.18 -21.85
C SER B 172 27.33 -8.01 -21.24
N GLY B 173 25.99 -8.15 -21.12
CA GLY B 173 25.14 -7.09 -20.58
C GLY B 173 25.46 -6.77 -19.11
N GLY B 174 24.83 -5.73 -18.57
CA GLY B 174 24.93 -5.44 -17.14
C GLY B 174 25.81 -4.23 -16.82
N LYS B 175 25.59 -3.62 -15.64
CA LYS B 175 26.30 -2.40 -15.24
C LYS B 175 27.02 -2.63 -13.91
N VAL B 176 28.31 -2.29 -13.90
CA VAL B 176 29.15 -2.45 -12.72
C VAL B 176 28.72 -1.41 -11.70
N ALA B 177 28.55 -1.83 -10.44
CA ALA B 177 28.22 -0.93 -9.36
C ALA B 177 29.26 0.18 -9.29
N ASP B 178 28.83 1.45 -9.46
CA ASP B 178 29.76 2.56 -9.41
C ASP B 178 29.47 3.44 -8.19
N TYR B 179 28.63 2.96 -7.26
CA TYR B 179 28.26 3.78 -6.12
C TYR B 179 29.43 3.97 -5.16
N ILE B 180 30.36 3.01 -5.16
CA ILE B 180 31.62 3.13 -4.47
C ILE B 180 32.71 3.02 -5.54
N PRO B 181 33.74 3.91 -5.54
CA PRO B 181 34.85 3.82 -6.49
C PRO B 181 35.61 2.49 -6.46
N GLN B 182 35.51 1.74 -5.35
CA GLN B 182 36.16 0.44 -5.16
C GLN B 182 35.49 -0.62 -6.02
N LEU B 183 34.14 -0.52 -6.12
CA LEU B 183 33.35 -1.47 -6.89
C LEU B 183 33.50 -1.10 -8.37
N ALA B 184 33.64 0.22 -8.63
CA ALA B 184 33.80 0.76 -9.97
C ALA B 184 35.16 0.42 -10.59
N LYS B 185 36.16 0.11 -9.73
CA LYS B 185 37.52 -0.22 -10.16
C LYS B 185 37.54 -1.57 -10.88
N PHE B 186 36.60 -2.47 -10.58
CA PHE B 186 36.63 -3.83 -11.13
C PHE B 186 36.27 -3.84 -12.63
N SER B 187 36.98 -4.70 -13.38
CA SER B 187 36.72 -4.90 -14.80
C SER B 187 35.42 -5.67 -15.02
N PRO B 188 34.53 -5.21 -15.93
CA PRO B 188 33.38 -6.03 -16.32
C PRO B 188 33.69 -7.38 -16.96
N ASP B 189 34.97 -7.65 -17.25
CA ASP B 189 35.34 -8.92 -17.88
C ASP B 189 35.62 -10.03 -16.87
N LEU B 190 35.78 -9.67 -15.58
CA LEU B 190 35.96 -10.65 -14.52
C LEU B 190 34.73 -11.54 -14.42
N TRP B 191 34.98 -12.85 -14.29
CA TRP B 191 33.93 -13.85 -14.27
C TRP B 191 34.55 -15.15 -13.77
N GLY B 192 34.13 -15.58 -12.58
CA GLY B 192 34.68 -16.76 -11.97
C GLY B 192 33.59 -17.64 -11.35
N VAL B 193 33.84 -18.95 -11.35
CA VAL B 193 32.90 -19.90 -10.79
C VAL B 193 33.72 -20.93 -10.02
N SER B 194 33.40 -21.09 -8.75
CA SER B 194 34.04 -22.11 -7.93
C SER B 194 33.01 -23.07 -7.38
N VAL B 195 33.38 -24.35 -7.42
CA VAL B 195 32.56 -25.41 -6.88
C VAL B 195 33.30 -26.02 -5.70
N CYS B 196 32.57 -26.27 -4.62
CA CYS B 196 33.05 -27.18 -3.59
C CYS B 196 31.92 -28.13 -3.20
N THR B 197 32.08 -29.45 -3.40
CA THR B 197 31.06 -30.41 -3.00
C THR B 197 31.10 -30.67 -1.50
N VAL B 198 30.08 -31.36 -1.01
CA VAL B 198 29.94 -31.59 0.41
C VAL B 198 31.00 -32.60 0.84
N ASP B 199 31.75 -33.16 -0.12
CA ASP B 199 32.82 -34.11 0.17
C ASP B 199 34.20 -33.45 -0.02
N GLY B 200 34.21 -32.20 -0.44
CA GLY B 200 35.49 -31.50 -0.54
C GLY B 200 36.07 -31.58 -1.95
N GLN B 201 35.33 -32.15 -2.90
CA GLN B 201 35.75 -32.12 -4.29
C GLN B 201 35.64 -30.68 -4.82
N ARG B 202 36.69 -30.22 -5.51
CA ARG B 202 36.76 -28.82 -5.88
C ARG B 202 36.93 -28.66 -7.38
N HIS B 203 36.41 -27.55 -7.90
CA HIS B 203 36.68 -27.14 -9.26
C HIS B 203 36.48 -25.64 -9.44
N SER B 204 37.28 -25.03 -10.30
CA SER B 204 37.20 -23.60 -10.55
C SER B 204 37.37 -23.33 -12.04
N THR B 205 36.79 -22.22 -12.49
CA THR B 205 37.03 -21.74 -13.83
C THR B 205 36.96 -20.23 -13.78
N GLY B 206 37.88 -19.58 -14.52
CA GLY B 206 37.92 -18.13 -14.61
C GLY B 206 38.54 -17.51 -13.37
N ASP B 207 38.14 -16.28 -13.06
CA ASP B 207 38.86 -15.44 -12.13
C ASP B 207 38.44 -15.75 -10.69
N THR B 208 38.89 -16.90 -10.20
CA THR B 208 38.36 -17.43 -8.96
C THR B 208 39.27 -17.12 -7.78
N LYS B 209 40.43 -16.49 -8.03
CA LYS B 209 41.36 -16.18 -6.95
C LYS B 209 41.51 -14.68 -6.76
N VAL B 210 40.63 -13.90 -7.39
CA VAL B 210 40.62 -12.46 -7.25
C VAL B 210 39.74 -12.12 -6.07
N PRO B 211 40.26 -11.39 -5.06
CA PRO B 211 39.47 -10.96 -3.91
C PRO B 211 38.44 -9.92 -4.34
N PHE B 212 37.22 -10.07 -3.77
CA PHE B 212 36.15 -9.10 -3.88
C PHE B 212 35.32 -9.12 -2.60
N CYS B 213 34.55 -8.06 -2.38
CA CYS B 213 33.78 -7.97 -1.14
C CYS B 213 32.49 -8.78 -1.23
N LEU B 214 32.16 -9.42 -0.13
CA LEU B 214 30.90 -10.15 -0.07
C LEU B 214 29.74 -9.20 -0.33
N GLN B 215 29.79 -8.02 0.33
CA GLN B 215 28.66 -7.11 0.43
C GLN B 215 27.50 -7.90 1.02
N SER B 216 26.35 -7.93 0.34
CA SER B 216 25.13 -8.52 0.88
C SER B 216 25.23 -10.05 0.98
N CYS B 217 26.21 -10.66 0.30
CA CYS B 217 26.45 -12.10 0.43
C CYS B 217 26.74 -12.44 1.90
N VAL B 218 27.14 -11.43 2.68
CA VAL B 218 27.55 -11.65 4.04
C VAL B 218 26.33 -11.79 4.94
N LYS B 219 25.17 -11.34 4.44
CA LYS B 219 23.98 -11.23 5.28
C LYS B 219 23.57 -12.59 5.83
N PRO B 220 23.48 -13.66 4.97
CA PRO B 220 23.11 -14.99 5.46
C PRO B 220 24.16 -15.53 6.42
N LEU B 221 25.44 -15.16 6.19
CA LEU B 221 26.52 -15.70 7.01
C LEU B 221 26.41 -15.13 8.42
N LYS B 222 26.19 -13.82 8.54
CA LYS B 222 26.02 -13.19 9.85
C LYS B 222 24.75 -13.72 10.55
N TYR B 223 23.69 -13.94 9.75
CA TYR B 223 22.45 -14.45 10.30
C TYR B 223 22.70 -15.84 10.90
N ALA B 224 23.47 -16.65 10.19
CA ALA B 224 23.72 -18.02 10.63
C ALA B 224 24.42 -17.95 11.97
N ILE B 225 25.37 -17.03 12.05
CA ILE B 225 26.16 -16.88 13.25
C ILE B 225 25.23 -16.52 14.40
N ALA B 226 24.30 -15.58 14.15
CA ALA B 226 23.40 -15.09 15.19
C ALA B 226 22.48 -16.21 15.68
N VAL B 227 21.92 -16.99 14.74
CA VAL B 227 21.03 -18.08 15.09
C VAL B 227 21.83 -19.19 15.75
N ASN B 228 23.07 -19.38 15.29
CA ASN B 228 23.96 -20.36 15.91
C ASN B 228 24.18 -20.03 17.39
N ASP B 229 24.40 -18.75 17.70
CA ASP B 229 24.78 -18.36 19.04
C ASP B 229 23.57 -18.13 19.94
N LEU B 230 22.43 -17.75 19.36
CA LEU B 230 21.33 -17.22 20.15
C LEU B 230 20.08 -18.07 20.00
N GLY B 231 20.03 -18.83 18.92
CA GLY B 231 18.84 -19.64 18.63
C GLY B 231 17.83 -18.87 17.81
N THR B 232 16.96 -19.64 17.15
CA THR B 232 15.95 -19.12 16.24
C THR B 232 14.99 -18.17 16.96
N GLU B 233 14.53 -18.59 18.15
CA GLU B 233 13.44 -17.94 18.84
C GLU B 233 13.85 -16.51 19.21
N TYR B 234 15.08 -16.37 19.74
CA TYR B 234 15.53 -15.06 20.14
C TYR B 234 15.76 -14.17 18.92
N VAL B 235 16.42 -14.71 17.89
CA VAL B 235 16.80 -13.84 16.80
C VAL B 235 15.55 -13.30 16.13
N HIS B 236 14.50 -14.12 16.10
CA HIS B 236 13.30 -13.74 15.37
C HIS B 236 12.38 -12.86 16.22
N ARG B 237 12.83 -12.50 17.42
CA ARG B 237 12.16 -11.43 18.14
C ARG B 237 12.44 -10.10 17.44
N TYR B 238 13.59 -10.03 16.75
CA TYR B 238 14.07 -8.75 16.24
C TYR B 238 13.85 -8.63 14.72
N VAL B 239 13.74 -9.76 14.02
CA VAL B 239 13.68 -9.76 12.58
C VAL B 239 12.66 -10.80 12.13
N GLY B 240 11.92 -10.45 11.07
CA GLY B 240 10.84 -11.29 10.56
C GLY B 240 11.41 -12.47 9.78
N LYS B 241 10.50 -13.26 9.16
CA LYS B 241 10.94 -14.49 8.52
C LYS B 241 10.44 -14.63 7.09
N GLU B 242 9.88 -13.58 6.47
CA GLU B 242 9.26 -13.74 5.16
C GLU B 242 9.77 -12.69 4.19
N PRO B 243 9.57 -12.84 2.86
CA PRO B 243 9.94 -11.82 1.89
C PRO B 243 9.07 -10.57 2.00
N SER B 244 9.64 -9.44 1.55
CA SER B 244 9.10 -8.11 1.75
C SER B 244 7.80 -7.96 0.99
N GLY B 245 7.85 -8.28 -0.30
CA GLY B 245 6.67 -8.28 -1.14
C GLY B 245 6.40 -6.90 -1.74
N LEU B 246 6.07 -5.93 -0.86
CA LEU B 246 5.60 -4.59 -1.19
C LEU B 246 6.36 -4.01 -2.40
N ARG B 247 7.69 -4.16 -2.41
CA ARG B 247 8.54 -4.10 -3.59
C ARG B 247 9.97 -4.28 -3.07
N PHE B 248 10.93 -3.57 -3.65
CA PHE B 248 12.34 -3.87 -3.42
C PHE B 248 12.89 -3.01 -2.27
N ASN B 249 12.59 -3.45 -1.04
CA ASN B 249 13.03 -2.83 0.20
C ASN B 249 12.61 -1.36 0.27
N LYS B 250 11.41 -1.03 -0.26
CA LYS B 250 10.93 0.34 -0.14
C LYS B 250 10.58 0.66 1.33
N LEU B 251 9.76 -0.18 1.99
CA LEU B 251 9.57 -0.03 3.44
C LEU B 251 10.70 -0.68 4.23
N PHE B 252 10.89 -0.21 5.46
CA PHE B 252 11.91 -0.75 6.35
C PHE B 252 11.36 -1.91 7.19
N LEU B 253 10.10 -1.75 7.62
CA LEU B 253 9.54 -2.65 8.62
C LEU B 253 8.24 -3.24 8.08
N ASN B 254 7.93 -4.44 8.58
CA ASN B 254 6.68 -5.09 8.30
C ASN B 254 5.66 -4.61 9.33
N GLU B 255 4.52 -5.31 9.35
CA GLU B 255 3.37 -4.93 10.16
C GLU B 255 3.69 -5.03 11.66
N ASP B 256 4.72 -5.78 12.03
CA ASP B 256 5.04 -6.03 13.43
C ASP B 256 6.15 -5.09 13.91
N ASP B 257 6.50 -4.09 13.08
CA ASP B 257 7.60 -3.18 13.41
C ASP B 257 8.96 -3.87 13.48
N LYS B 258 9.10 -5.03 12.82
CA LYS B 258 10.39 -5.69 12.65
C LYS B 258 10.77 -5.56 11.18
N PRO B 259 12.06 -5.51 10.81
CA PRO B 259 12.47 -5.64 9.40
C PRO B 259 12.06 -7.02 8.91
N HIS B 260 11.75 -7.10 7.61
CA HIS B 260 10.95 -8.20 7.10
C HIS B 260 11.61 -9.57 7.29
N ASN B 261 12.95 -9.61 7.15
CA ASN B 261 13.74 -10.83 7.18
C ASN B 261 15.23 -10.44 7.24
N PRO B 262 16.13 -11.37 7.57
CA PRO B 262 17.55 -11.07 7.67
C PRO B 262 18.32 -10.71 6.38
N MET B 263 17.64 -10.87 5.25
CA MET B 263 18.33 -10.66 3.98
C MET B 263 18.18 -9.22 3.48
N VAL B 264 17.30 -8.45 4.15
CA VAL B 264 17.12 -7.06 3.76
C VAL B 264 18.03 -6.16 4.58
N ASN B 265 18.36 -4.97 4.07
CA ASN B 265 19.34 -4.10 4.70
C ASN B 265 18.91 -3.87 6.14
N ALA B 266 17.64 -3.48 6.30
CA ALA B 266 17.08 -3.20 7.61
C ALA B 266 17.27 -4.38 8.55
N GLY B 267 17.00 -5.58 8.04
CA GLY B 267 17.06 -6.82 8.82
C GLY B 267 18.49 -7.23 9.15
N ALA B 268 19.39 -7.09 8.17
CA ALA B 268 20.81 -7.39 8.31
C ALA B 268 21.39 -6.49 9.41
N ILE B 269 21.02 -5.19 9.35
CA ILE B 269 21.45 -4.20 10.33
C ILE B 269 21.01 -4.62 11.74
N VAL B 270 19.79 -5.12 11.88
CA VAL B 270 19.34 -5.57 13.18
C VAL B 270 20.08 -6.86 13.58
N VAL B 271 20.25 -7.81 12.64
CA VAL B 271 20.97 -9.05 12.95
C VAL B 271 22.36 -8.70 13.47
N THR B 272 22.98 -7.71 12.82
CA THR B 272 24.31 -7.25 13.18
C THR B 272 24.33 -6.85 14.66
N SER B 273 23.22 -6.31 15.14
CA SER B 273 23.22 -5.79 16.50
C SER B 273 23.04 -6.91 17.53
N LEU B 274 22.78 -8.15 17.09
CA LEU B 274 22.57 -9.26 18.02
C LEU B 274 23.85 -10.05 18.28
N ILE B 275 24.84 -9.97 17.39
CA ILE B 275 26.03 -10.80 17.45
C ILE B 275 27.03 -10.23 18.46
N LYS B 276 27.44 -11.08 19.42
CA LYS B 276 28.54 -10.82 20.34
C LYS B 276 28.30 -9.48 21.06
N GLN B 277 27.09 -9.34 21.62
CA GLN B 277 26.72 -8.10 22.28
C GLN B 277 27.66 -7.89 23.45
N GLY B 278 28.02 -6.62 23.70
CA GLY B 278 28.69 -6.26 24.94
C GLY B 278 30.22 -6.24 24.87
N VAL B 279 30.78 -6.42 23.66
CA VAL B 279 32.19 -6.16 23.39
C VAL B 279 32.28 -5.07 22.31
N ASN B 280 33.50 -4.53 22.12
CA ASN B 280 33.70 -3.46 21.17
C ASN B 280 33.75 -4.02 19.75
N ASN B 281 33.69 -3.11 18.77
CA ASN B 281 33.55 -3.44 17.35
C ASN B 281 34.78 -4.16 16.80
N ALA B 282 35.95 -3.85 17.39
CA ALA B 282 37.19 -4.53 17.06
C ALA B 282 37.10 -6.04 17.33
N GLU B 283 36.58 -6.38 18.52
CA GLU B 283 36.50 -7.75 18.97
C GLU B 283 35.36 -8.47 18.27
N LYS B 284 34.23 -7.75 18.09
CA LYS B 284 33.06 -8.29 17.42
C LYS B 284 33.48 -8.74 16.03
N PHE B 285 34.26 -7.88 15.36
CA PHE B 285 34.68 -8.17 14.01
C PHE B 285 35.57 -9.41 14.00
N ASP B 286 36.49 -9.49 14.96
CA ASP B 286 37.40 -10.63 15.09
C ASP B 286 36.59 -11.92 15.27
N TYR B 287 35.53 -11.83 16.08
CA TYR B 287 34.71 -12.99 16.37
C TYR B 287 34.09 -13.51 15.08
N VAL B 288 33.57 -12.60 14.25
CA VAL B 288 32.92 -12.95 13.00
C VAL B 288 33.94 -13.52 11.99
N MET B 289 35.13 -12.91 11.96
CA MET B 289 36.20 -13.34 11.09
C MET B 289 36.60 -14.78 11.42
N GLN B 290 36.78 -15.08 12.72
CA GLN B 290 37.16 -16.40 13.19
C GLN B 290 36.12 -17.41 12.66
N PHE B 291 34.86 -16.98 12.70
CA PHE B 291 33.76 -17.85 12.36
C PHE B 291 33.76 -18.09 10.87
N LEU B 292 33.96 -17.00 10.12
CA LEU B 292 34.08 -17.06 8.66
C LEU B 292 35.24 -17.97 8.24
N ASN B 293 36.34 -17.92 9.00
CA ASN B 293 37.50 -18.76 8.72
C ASN B 293 37.13 -20.23 8.82
N LYS B 294 36.43 -20.61 9.89
CA LYS B 294 36.00 -21.99 10.05
C LYS B 294 35.21 -22.44 8.82
N MET B 295 34.30 -21.56 8.35
CA MET B 295 33.37 -21.91 7.28
C MET B 295 34.10 -22.15 5.98
N ALA B 296 35.18 -21.40 5.78
CA ALA B 296 35.92 -21.42 4.51
C ALA B 296 37.08 -22.41 4.60
N GLY B 297 37.11 -23.22 5.67
CA GLY B 297 38.22 -24.12 5.89
C GLY B 297 39.55 -23.38 5.78
N ASN B 298 39.55 -22.16 6.32
CA ASN B 298 40.72 -21.34 6.55
C ASN B 298 41.32 -20.85 5.22
N GLU B 299 40.52 -20.86 4.14
CA GLU B 299 41.00 -20.27 2.90
C GLU B 299 40.83 -18.76 2.94
N TYR B 300 40.98 -18.06 1.79
CA TYR B 300 41.10 -16.61 1.85
C TYR B 300 39.84 -15.93 2.37
N VAL B 301 40.01 -15.19 3.45
CA VAL B 301 39.02 -14.25 3.94
C VAL B 301 39.81 -12.98 4.25
N GLY B 302 39.42 -11.85 3.66
CA GLY B 302 40.12 -10.61 3.96
C GLY B 302 39.15 -9.46 4.24
N PHE B 303 39.67 -8.23 4.13
CA PHE B 303 38.93 -7.02 4.45
C PHE B 303 39.48 -5.86 3.64
N SER B 304 38.55 -5.13 3.01
CA SER B 304 38.88 -3.95 2.25
C SER B 304 38.47 -2.71 3.03
N ASN B 305 39.46 -2.05 3.63
CA ASN B 305 39.21 -0.80 4.33
C ASN B 305 38.73 0.26 3.34
N ALA B 306 39.21 0.20 2.10
CA ALA B 306 38.82 1.14 1.06
C ALA B 306 37.30 1.12 0.88
N THR B 307 36.77 -0.09 0.65
CA THR B 307 35.34 -0.30 0.53
C THR B 307 34.63 0.20 1.79
N PHE B 308 35.24 -0.07 2.95
CA PHE B 308 34.60 0.25 4.20
C PHE B 308 34.39 1.76 4.30
N GLN B 309 35.43 2.53 3.97
CA GLN B 309 35.40 3.98 4.04
C GLN B 309 34.32 4.52 3.09
N SER B 310 34.28 3.98 1.87
CA SER B 310 33.31 4.42 0.88
C SER B 310 31.91 4.06 1.30
N GLU B 311 31.74 2.90 1.95
CA GLU B 311 30.45 2.39 2.43
C GLU B 311 29.87 3.31 3.48
N ARG B 312 30.72 3.81 4.36
CA ARG B 312 30.24 4.65 5.44
C ARG B 312 30.07 6.09 4.95
N GLU B 313 30.87 6.52 3.96
CA GLU B 313 30.82 7.89 3.46
C GLU B 313 29.56 8.10 2.63
N SER B 314 29.04 7.01 2.05
CA SER B 314 27.97 7.18 1.09
C SER B 314 26.72 6.39 1.47
N GLY B 315 26.64 5.90 2.69
CA GLY B 315 25.55 5.00 3.03
C GLY B 315 24.38 5.72 3.69
N ASP B 316 23.86 6.77 3.05
CA ASP B 316 22.84 7.59 3.65
C ASP B 316 21.58 6.76 3.90
N ARG B 317 21.26 5.87 2.95
CA ARG B 317 20.09 5.01 3.06
C ARG B 317 20.19 4.18 4.34
N ASN B 318 21.39 3.66 4.63
CA ASN B 318 21.58 2.78 5.77
C ASN B 318 21.46 3.58 7.06
N PHE B 319 21.96 4.81 7.03
CA PHE B 319 21.82 5.70 8.17
C PHE B 319 20.33 5.98 8.41
N ALA B 320 19.61 6.22 7.31
CA ALA B 320 18.18 6.46 7.42
C ALA B 320 17.51 5.28 8.13
N ILE B 321 17.91 4.06 7.72
CA ILE B 321 17.34 2.86 8.29
C ILE B 321 17.74 2.79 9.75
N GLY B 322 18.99 3.14 10.05
CA GLY B 322 19.48 3.05 11.40
C GLY B 322 18.64 3.91 12.33
N TYR B 323 18.43 5.16 11.91
CA TYR B 323 17.70 6.09 12.74
C TYR B 323 16.26 5.62 12.90
N TYR B 324 15.69 5.06 11.84
CA TYR B 324 14.32 4.63 11.95
C TYR B 324 14.22 3.45 12.90
N LEU B 325 15.23 2.57 12.86
CA LEU B 325 15.26 1.37 13.70
C LEU B 325 15.34 1.82 15.15
N LYS B 326 16.18 2.85 15.41
CA LYS B 326 16.32 3.48 16.71
C LYS B 326 14.96 3.97 17.20
N GLU B 327 14.32 4.80 16.35
CA GLU B 327 13.02 5.39 16.62
C GLU B 327 12.05 4.32 17.10
N LYS B 328 12.00 3.21 16.36
CA LYS B 328 10.98 2.20 16.55
C LYS B 328 11.44 1.15 17.56
N LYS B 329 12.57 1.41 18.23
CA LYS B 329 13.07 0.58 19.32
C LYS B 329 13.32 -0.85 18.84
N CYS B 330 13.98 -1.01 17.69
CA CYS B 330 14.13 -2.27 16.97
C CYS B 330 15.39 -3.01 17.40
N PHE B 331 16.35 -2.32 18.03
CA PHE B 331 17.60 -2.93 18.44
C PHE B 331 17.48 -3.47 19.85
N PRO B 332 18.37 -4.39 20.28
CA PRO B 332 18.37 -4.86 21.68
C PRO B 332 18.71 -3.71 22.61
N GLU B 333 18.15 -3.73 23.84
CA GLU B 333 18.22 -2.64 24.82
C GLU B 333 19.67 -2.15 24.94
N GLY B 334 19.89 -0.84 24.80
CA GLY B 334 21.20 -0.22 24.97
C GLY B 334 22.19 -0.57 23.86
N THR B 335 21.69 -0.62 22.64
CA THR B 335 22.52 -0.68 21.44
C THR B 335 23.10 0.71 21.19
N ASP B 336 24.37 0.77 20.77
CA ASP B 336 24.88 1.99 20.16
C ASP B 336 24.64 1.91 18.66
N MET B 337 23.60 2.61 18.17
CA MET B 337 23.12 2.35 16.82
C MET B 337 24.13 2.82 15.76
N VAL B 338 24.86 3.88 16.08
CA VAL B 338 25.78 4.41 15.09
C VAL B 338 26.99 3.49 14.95
N GLY B 339 27.33 2.84 16.06
CA GLY B 339 28.39 1.84 16.02
C GLY B 339 27.95 0.57 15.31
N ILE B 340 26.68 0.21 15.44
CA ILE B 340 26.20 -1.01 14.81
C ILE B 340 26.28 -0.79 13.31
N LEU B 341 26.01 0.46 12.86
CA LEU B 341 26.10 0.77 11.45
C LEU B 341 27.53 0.59 10.92
N ASP B 342 28.47 1.03 11.77
CA ASP B 342 29.90 0.95 11.47
C ASP B 342 30.29 -0.52 11.30
N PHE B 343 29.84 -1.34 12.25
CA PHE B 343 30.06 -2.78 12.23
C PHE B 343 29.48 -3.36 10.95
N TYR B 344 28.24 -2.93 10.64
CA TYR B 344 27.55 -3.37 9.45
C TYR B 344 28.40 -3.09 8.22
N PHE B 345 28.90 -1.86 8.13
CA PHE B 345 29.67 -1.47 6.96
C PHE B 345 30.93 -2.33 6.82
N GLN B 346 31.52 -2.67 7.97
CA GLN B 346 32.74 -3.46 7.96
C GLN B 346 32.41 -4.82 7.39
N LEU B 347 31.33 -5.44 7.89
CA LEU B 347 31.04 -6.81 7.54
C LEU B 347 30.78 -6.86 6.05
N CYS B 348 30.22 -5.79 5.47
CA CYS B 348 29.94 -5.79 4.04
C CYS B 348 31.22 -5.66 3.21
N SER B 349 32.29 -5.19 3.86
CA SER B 349 33.57 -4.92 3.22
C SER B 349 34.56 -6.08 3.36
N ILE B 350 34.17 -7.20 4.01
CA ILE B 350 34.99 -8.40 4.12
C ILE B 350 35.19 -9.00 2.72
N GLU B 351 36.41 -9.50 2.48
CA GLU B 351 36.79 -9.99 1.16
C GLU B 351 36.85 -11.51 1.17
N VAL B 352 36.46 -12.07 0.02
CA VAL B 352 36.58 -13.49 -0.30
C VAL B 352 37.14 -13.61 -1.71
N THR B 353 37.47 -14.83 -2.10
CA THR B 353 37.63 -15.16 -3.49
C THR B 353 36.55 -16.17 -3.82
N CYS B 354 36.42 -16.45 -5.11
CA CYS B 354 35.41 -17.44 -5.51
C CYS B 354 35.65 -18.72 -4.73
N GLU B 355 36.92 -19.09 -4.62
CA GLU B 355 37.26 -20.39 -4.10
C GLU B 355 36.91 -20.50 -2.62
N SER B 356 37.31 -19.48 -1.85
CA SER B 356 37.09 -19.53 -0.42
C SER B 356 35.60 -19.43 -0.09
N ALA B 357 34.88 -18.60 -0.83
CA ALA B 357 33.46 -18.46 -0.58
C ALA B 357 32.73 -19.74 -0.97
N SER B 358 33.22 -20.48 -1.97
CA SER B 358 32.52 -21.69 -2.40
C SER B 358 32.50 -22.72 -1.27
N VAL B 359 33.56 -22.69 -0.44
CA VAL B 359 33.70 -23.56 0.73
C VAL B 359 32.69 -23.14 1.80
N MET B 360 32.55 -21.83 2.00
CA MET B 360 31.55 -21.31 2.91
C MET B 360 30.18 -21.83 2.51
N ALA B 361 29.86 -21.76 1.20
CA ALA B 361 28.60 -22.23 0.66
C ALA B 361 28.46 -23.73 0.89
N ALA B 362 29.57 -24.45 0.71
CA ALA B 362 29.57 -25.89 0.89
C ALA B 362 29.28 -26.26 2.36
N THR B 363 29.74 -25.45 3.30
CA THR B 363 29.44 -25.64 4.71
C THR B 363 27.92 -25.60 4.93
N LEU B 364 27.25 -24.62 4.31
CA LEU B 364 25.80 -24.50 4.38
C LEU B 364 25.13 -25.68 3.68
N ALA B 365 25.76 -26.19 2.60
CA ALA B 365 25.29 -27.36 1.86
C ALA B 365 25.38 -28.65 2.70
N ASN B 366 26.24 -28.58 3.72
CA ASN B 366 26.72 -29.76 4.41
C ASN B 366 26.26 -29.77 5.86
N GLY B 367 25.13 -29.09 6.15
CA GLY B 367 24.49 -29.18 7.45
C GLY B 367 25.36 -28.58 8.55
N GLY B 368 26.31 -27.71 8.13
CA GLY B 368 27.05 -26.87 9.05
C GLY B 368 28.45 -27.41 9.32
N PHE B 369 28.84 -28.49 8.64
CA PHE B 369 30.17 -29.07 8.74
C PHE B 369 30.99 -28.61 7.54
N CYS B 370 32.15 -28.03 7.82
CA CYS B 370 33.00 -27.57 6.74
C CYS B 370 33.50 -28.80 5.99
N PRO B 371 33.22 -28.95 4.67
CA PRO B 371 33.57 -30.16 3.95
C PRO B 371 35.06 -30.46 3.84
N ILE B 372 35.93 -29.44 3.95
CA ILE B 372 37.34 -29.66 3.69
C ILE B 372 38.10 -29.81 4.99
N THR B 373 37.41 -29.63 6.11
CA THR B 373 38.09 -29.77 7.38
C THR B 373 37.33 -30.74 8.27
N GLY B 374 36.03 -30.90 8.04
CA GLY B 374 35.23 -31.77 8.89
C GLY B 374 34.82 -31.14 10.22
N GLU B 375 35.16 -29.87 10.42
CA GLU B 375 34.77 -29.17 11.63
C GLU B 375 33.26 -28.86 11.62
N ARG B 376 32.58 -29.02 12.77
CA ARG B 376 31.22 -28.52 12.96
C ARG B 376 31.28 -27.00 13.15
N VAL B 377 30.72 -26.22 12.21
CA VAL B 377 30.89 -24.77 12.22
C VAL B 377 29.59 -24.08 12.66
N LEU B 378 28.46 -24.55 12.15
CA LEU B 378 27.17 -23.96 12.42
C LEU B 378 26.23 -25.08 12.84
N SER B 379 25.33 -24.79 13.80
CA SER B 379 24.29 -25.73 14.21
C SER B 379 23.36 -26.00 13.03
N PRO B 380 22.76 -27.20 12.89
CA PRO B 380 21.88 -27.47 11.74
C PRO B 380 20.63 -26.57 11.74
N GLU B 381 20.24 -26.09 12.93
CA GLU B 381 19.16 -25.13 13.08
C GLU B 381 19.49 -23.83 12.33
N ALA B 382 20.70 -23.31 12.54
CA ALA B 382 21.15 -22.10 11.87
C ALA B 382 21.28 -22.33 10.35
N VAL B 383 21.74 -23.51 9.95
CA VAL B 383 21.92 -23.75 8.52
C VAL B 383 20.55 -23.84 7.84
N ARG B 384 19.59 -24.50 8.48
CA ARG B 384 18.28 -24.67 7.88
C ARG B 384 17.61 -23.30 7.75
N ASN B 385 17.65 -22.52 8.83
CA ASN B 385 16.98 -21.23 8.83
C ASN B 385 17.57 -20.37 7.71
N THR B 386 18.90 -20.43 7.56
CA THR B 386 19.58 -19.57 6.61
C THR B 386 19.22 -19.97 5.18
N LEU B 387 19.23 -21.29 4.92
CA LEU B 387 18.87 -21.79 3.61
C LEU B 387 17.42 -21.44 3.29
N SER B 388 16.53 -21.50 4.31
CA SER B 388 15.11 -21.16 4.15
C SER B 388 14.96 -19.73 3.61
N LEU B 389 15.69 -18.81 4.23
CA LEU B 389 15.51 -17.39 3.96
C LEU B 389 16.30 -17.00 2.72
N MET B 390 17.33 -17.79 2.37
CA MET B 390 18.05 -17.57 1.12
C MET B 390 17.17 -17.93 -0.06
N HIS B 391 16.38 -18.99 0.13
CA HIS B 391 15.44 -19.43 -0.89
C HIS B 391 14.58 -18.26 -1.39
N SER B 392 13.91 -17.62 -0.41
CA SER B 392 12.73 -16.78 -0.62
C SER B 392 13.05 -15.29 -0.65
N CYS B 393 14.21 -14.89 -0.07
CA CYS B 393 14.52 -13.48 0.10
C CYS B 393 15.93 -13.17 -0.42
N GLY B 394 16.52 -14.05 -1.23
CA GLY B 394 17.96 -14.01 -1.39
C GLY B 394 18.45 -13.03 -2.47
N MET B 395 17.56 -12.69 -3.40
CA MET B 395 18.04 -12.10 -4.63
C MET B 395 17.28 -10.81 -4.90
N TYR B 396 16.99 -10.09 -3.81
CA TYR B 396 16.27 -8.83 -3.84
C TYR B 396 14.98 -9.03 -4.64
N ASP B 397 14.71 -8.13 -5.60
CA ASP B 397 13.46 -8.13 -6.35
C ASP B 397 13.32 -9.39 -7.23
N PHE B 398 14.40 -10.12 -7.44
CA PHE B 398 14.33 -11.26 -8.33
C PHE B 398 14.05 -12.53 -7.54
N SER B 399 13.94 -12.42 -6.20
CA SER B 399 13.89 -13.60 -5.33
C SER B 399 12.81 -14.59 -5.77
N GLY B 400 11.61 -14.05 -6.03
CA GLY B 400 10.45 -14.84 -6.38
C GLY B 400 10.69 -15.60 -7.68
N GLN B 401 11.16 -14.87 -8.70
CA GLN B 401 11.45 -15.41 -10.01
C GLN B 401 12.52 -16.48 -9.88
N PHE B 402 13.51 -16.18 -9.03
CA PHE B 402 14.67 -17.04 -8.91
C PHE B 402 14.27 -18.34 -8.22
N ALA B 403 13.50 -18.20 -7.13
CA ALA B 403 13.09 -19.38 -6.39
C ALA B 403 12.25 -20.28 -7.31
N PHE B 404 11.48 -19.63 -8.18
CA PHE B 404 10.56 -20.37 -9.05
C PHE B 404 11.33 -21.12 -10.12
N HIS B 405 12.26 -20.46 -10.81
CA HIS B 405 12.93 -21.08 -11.95
C HIS B 405 14.17 -21.87 -11.55
N VAL B 406 14.93 -21.37 -10.57
CA VAL B 406 16.20 -22.01 -10.22
C VAL B 406 16.00 -22.92 -9.00
N GLY B 407 15.23 -22.41 -8.04
CA GLY B 407 14.85 -23.19 -6.89
C GLY B 407 16.06 -23.61 -6.06
N LEU B 408 17.02 -22.70 -5.92
CA LEU B 408 18.18 -22.95 -5.07
C LEU B 408 18.31 -21.82 -4.05
N PRO B 409 18.68 -22.12 -2.79
CA PRO B 409 19.03 -21.07 -1.82
C PRO B 409 20.26 -20.35 -2.37
N ALA B 410 20.15 -19.02 -2.51
CA ALA B 410 21.23 -18.25 -3.12
C ALA B 410 21.21 -16.85 -2.52
N LYS B 411 22.35 -16.17 -2.50
CA LYS B 411 22.38 -14.79 -2.05
C LYS B 411 23.30 -13.99 -2.95
N SER B 412 22.81 -12.81 -3.35
CA SER B 412 23.61 -11.99 -4.23
C SER B 412 24.19 -10.82 -3.45
N GLY B 413 25.17 -10.19 -4.09
CA GLY B 413 25.85 -9.02 -3.56
C GLY B 413 26.17 -8.07 -4.70
N VAL B 414 26.29 -6.79 -4.35
CA VAL B 414 26.42 -5.72 -5.31
C VAL B 414 27.81 -5.72 -5.97
N ALA B 415 28.75 -6.48 -5.42
CA ALA B 415 30.06 -6.67 -6.01
C ALA B 415 29.97 -7.53 -7.29
N GLY B 416 28.87 -8.29 -7.39
CA GLY B 416 28.67 -9.24 -8.46
C GLY B 416 28.73 -10.70 -8.01
N GLY B 417 28.69 -10.92 -6.67
CA GLY B 417 28.79 -12.23 -6.08
C GLY B 417 27.43 -12.92 -6.03
N ILE B 418 27.43 -14.26 -6.14
CA ILE B 418 26.25 -15.07 -5.88
C ILE B 418 26.65 -16.33 -5.12
N LEU B 419 26.38 -16.33 -3.83
CA LEU B 419 26.64 -17.46 -2.95
C LEU B 419 25.51 -18.45 -3.15
N LEU B 420 25.84 -19.66 -3.60
CA LEU B 420 24.82 -20.60 -4.05
C LEU B 420 24.98 -21.93 -3.32
N VAL B 421 23.86 -22.50 -2.91
CA VAL B 421 23.92 -23.78 -2.24
C VAL B 421 22.99 -24.75 -2.97
N VAL B 422 23.48 -25.95 -3.25
CA VAL B 422 22.63 -27.07 -3.60
C VAL B 422 22.72 -28.04 -2.44
N PRO B 423 21.74 -28.01 -1.52
CA PRO B 423 21.79 -28.84 -0.31
C PRO B 423 22.13 -30.29 -0.62
N ASN B 424 23.10 -30.83 0.13
CA ASN B 424 23.44 -32.24 0.07
C ASN B 424 24.26 -32.55 -1.19
N VAL B 425 24.67 -31.50 -1.91
CA VAL B 425 25.52 -31.72 -3.08
C VAL B 425 26.76 -30.85 -3.00
N MET B 426 26.57 -29.52 -3.06
CA MET B 426 27.71 -28.63 -3.23
C MET B 426 27.36 -27.20 -2.89
N GLY B 427 28.40 -26.38 -2.68
CA GLY B 427 28.34 -24.93 -2.54
C GLY B 427 29.04 -24.31 -3.73
N MET B 428 28.65 -23.09 -4.11
CA MET B 428 29.28 -22.40 -5.23
C MET B 428 29.37 -20.91 -4.95
N MET B 429 30.32 -20.28 -5.62
CA MET B 429 30.36 -18.83 -5.65
C MET B 429 30.65 -18.42 -7.09
N CYS B 430 29.77 -17.59 -7.63
CA CYS B 430 29.92 -17.03 -8.96
C CYS B 430 30.14 -15.55 -8.78
N TRP B 431 31.04 -15.02 -9.61
CA TRP B 431 31.35 -13.62 -9.49
C TRP B 431 31.58 -13.00 -10.86
N SER B 432 30.77 -11.98 -11.17
CA SER B 432 31.00 -11.13 -12.32
C SER B 432 30.48 -9.74 -11.96
N PRO B 433 31.31 -8.67 -11.95
CA PRO B 433 30.89 -7.37 -11.43
C PRO B 433 29.64 -6.75 -12.05
N PRO B 434 29.42 -6.90 -13.39
CA PRO B 434 28.23 -6.32 -14.05
C PRO B 434 26.92 -6.86 -13.49
N LEU B 435 26.05 -5.96 -12.97
CA LEU B 435 24.77 -6.36 -12.41
C LEU B 435 23.64 -6.11 -13.40
N ASP B 436 22.54 -6.87 -13.24
CA ASP B 436 21.32 -6.61 -13.97
C ASP B 436 20.55 -5.49 -13.29
N LYS B 437 19.38 -5.20 -13.88
CA LYS B 437 18.45 -4.16 -13.48
C LYS B 437 18.12 -4.25 -11.97
N MET B 438 18.19 -5.45 -11.39
CA MET B 438 17.69 -5.66 -10.04
C MET B 438 18.85 -5.80 -9.04
N GLY B 439 20.08 -5.82 -9.56
CA GLY B 439 21.26 -5.76 -8.69
C GLY B 439 21.99 -7.10 -8.52
N ASN B 440 21.66 -8.05 -9.40
CA ASN B 440 22.23 -9.37 -9.38
C ASN B 440 23.18 -9.51 -10.57
N SER B 441 24.32 -10.18 -10.34
CA SER B 441 25.30 -10.42 -11.39
C SER B 441 24.62 -11.03 -12.62
N VAL B 442 24.82 -10.38 -13.76
CA VAL B 442 24.20 -10.87 -14.99
C VAL B 442 24.63 -12.31 -15.23
N LYS B 443 25.96 -12.52 -15.31
CA LYS B 443 26.52 -13.80 -15.69
C LYS B 443 26.15 -14.84 -14.64
N GLY B 444 26.20 -14.43 -13.36
CA GLY B 444 25.85 -15.28 -12.23
C GLY B 444 24.43 -15.83 -12.39
N ILE B 445 23.50 -14.93 -12.73
CA ILE B 445 22.10 -15.30 -12.84
C ILE B 445 21.91 -16.23 -14.04
N HIS B 446 22.61 -15.94 -15.15
CA HIS B 446 22.52 -16.75 -16.36
C HIS B 446 23.03 -18.16 -16.09
N PHE B 447 24.16 -18.24 -15.36
CA PHE B 447 24.77 -19.51 -14.98
C PHE B 447 23.84 -20.33 -14.09
N CYS B 448 23.23 -19.69 -13.08
CA CYS B 448 22.31 -20.40 -12.20
C CYS B 448 21.16 -21.04 -12.97
N HIS B 449 20.61 -20.31 -13.94
CA HIS B 449 19.58 -20.85 -14.79
C HIS B 449 20.07 -22.08 -15.55
N ASP B 450 21.23 -21.94 -16.21
CA ASP B 450 21.82 -23.02 -17.00
C ASP B 450 22.04 -24.24 -16.13
N LEU B 451 22.55 -24.02 -14.92
CA LEU B 451 22.95 -25.12 -14.06
C LEU B 451 21.75 -26.01 -13.83
N VAL B 452 20.61 -25.34 -13.53
CA VAL B 452 19.40 -26.05 -13.15
C VAL B 452 18.71 -26.64 -14.38
N SER B 453 18.93 -26.00 -15.56
CA SER B 453 18.49 -26.60 -16.82
C SER B 453 19.16 -27.93 -17.03
N LEU B 454 20.46 -27.99 -16.69
CA LEU B 454 21.30 -29.14 -16.98
C LEU B 454 21.08 -30.25 -15.97
N CYS B 455 21.04 -29.93 -14.67
CA CYS B 455 21.05 -30.96 -13.65
C CYS B 455 19.80 -30.87 -12.81
N ASN B 456 19.39 -32.01 -12.22
CA ASN B 456 18.16 -32.07 -11.45
C ASN B 456 18.37 -31.53 -10.04
N PHE B 457 18.84 -30.29 -9.96
CA PHE B 457 19.24 -29.73 -8.69
C PHE B 457 18.15 -28.86 -8.07
N HIS B 458 17.21 -28.39 -8.91
CA HIS B 458 16.15 -27.49 -8.48
C HIS B 458 15.40 -28.14 -7.31
N ASN B 459 15.16 -27.35 -6.24
CA ASN B 459 14.57 -27.79 -4.98
C ASN B 459 13.37 -28.73 -5.19
N TYR B 460 12.56 -28.55 -6.24
CA TYR B 460 11.41 -29.45 -6.42
C TYR B 460 11.50 -30.36 -7.62
N ASP B 461 12.73 -30.65 -8.11
CA ASP B 461 12.95 -31.65 -9.14
C ASP B 461 12.71 -33.00 -8.50
N ASN B 462 12.31 -34.01 -9.30
CA ASN B 462 12.23 -35.36 -8.76
C ASN B 462 13.56 -36.10 -8.96
N LEU B 463 13.95 -36.86 -7.94
CA LEU B 463 15.21 -37.59 -7.92
C LEU B 463 15.13 -38.88 -8.74
N ARG B 464 13.92 -39.31 -9.11
CA ARG B 464 13.72 -40.55 -9.84
C ARG B 464 13.26 -40.26 -11.27
N HIS B 465 12.35 -39.31 -11.45
CA HIS B 465 11.86 -39.01 -12.78
C HIS B 465 12.09 -37.52 -13.06
N PHE B 466 13.08 -37.27 -13.91
CA PHE B 466 13.46 -35.94 -14.34
C PHE B 466 13.59 -36.03 -15.86
N ALA B 467 13.83 -34.91 -16.56
CA ALA B 467 13.66 -34.88 -18.00
C ALA B 467 14.88 -35.45 -18.74
N LYS B 468 15.32 -34.74 -19.77
CA LYS B 468 16.64 -34.96 -20.32
C LYS B 468 17.69 -34.30 -19.41
N LYS B 469 17.33 -34.17 -18.13
CA LYS B 469 18.22 -33.62 -17.11
C LYS B 469 19.25 -34.67 -16.70
N LEU B 470 20.50 -34.24 -16.50
CA LEU B 470 21.59 -35.06 -15.98
C LEU B 470 21.54 -35.02 -14.44
N ASP B 471 21.85 -36.14 -13.80
CA ASP B 471 21.88 -36.21 -12.34
C ASP B 471 23.28 -36.64 -11.92
N PRO B 472 24.15 -35.69 -11.52
CA PRO B 472 25.54 -35.98 -11.22
C PRO B 472 25.81 -36.87 -10.00
N ARG B 473 24.76 -37.19 -9.23
CA ARG B 473 24.99 -38.07 -8.09
C ARG B 473 24.95 -39.53 -8.50
N ARG B 474 24.56 -39.81 -9.76
CA ARG B 474 24.34 -41.18 -10.25
C ARG B 474 25.56 -41.70 -11.00
N GLU B 475 25.76 -43.04 -10.86
CA GLU B 475 26.97 -43.83 -11.01
C GLU B 475 27.29 -44.46 -9.64
N PRO C 67 -18.67 70.22 5.86
CA PRO C 67 -18.86 69.40 7.08
C PRO C 67 -17.48 68.89 7.52
N SER C 68 -17.37 68.07 8.59
CA SER C 68 -16.08 67.55 9.05
C SER C 68 -16.17 66.15 9.67
N LEU C 69 -15.37 65.19 9.15
CA LEU C 69 -15.41 63.79 9.56
C LEU C 69 -15.25 63.70 11.08
N GLU C 70 -14.35 64.55 11.60
CA GLU C 70 -13.98 64.53 13.01
C GLU C 70 -15.17 64.97 13.84
N ASP C 71 -15.87 65.97 13.31
CA ASP C 71 -16.98 66.59 14.01
C ASP C 71 -18.14 65.61 13.91
N LEU C 72 -18.25 64.97 12.74
CA LEU C 72 -19.29 63.98 12.53
C LEU C 72 -19.16 62.89 13.59
N LEU C 73 -17.92 62.38 13.80
CA LEU C 73 -17.67 61.38 14.83
C LEU C 73 -17.94 61.96 16.22
N PHE C 74 -17.61 63.25 16.40
CA PHE C 74 -17.79 63.92 17.68
C PHE C 74 -19.26 63.92 18.05
N TYR C 75 -20.08 64.27 17.06
CA TYR C 75 -21.51 64.37 17.26
C TYR C 75 -22.06 62.99 17.59
N THR C 76 -21.47 61.94 16.95
CA THR C 76 -21.90 60.56 17.18
C THR C 76 -21.63 60.20 18.64
N ILE C 77 -20.38 60.43 19.06
CA ILE C 77 -19.89 59.94 20.34
C ILE C 77 -20.48 60.79 21.46
N ALA C 78 -20.64 62.10 21.16
CA ALA C 78 -21.14 63.12 22.08
C ALA C 78 -22.37 62.66 22.83
N GLU C 79 -23.40 62.23 22.10
CA GLU C 79 -24.60 61.62 22.65
C GLU C 79 -25.31 62.60 23.58
N GLY C 80 -25.20 63.92 23.32
CA GLY C 80 -25.85 64.95 24.12
C GLY C 80 -24.92 65.71 25.10
N GLN C 81 -24.02 66.52 24.54
CA GLN C 81 -23.33 67.64 25.18
C GLN C 81 -22.32 68.18 24.15
N GLU C 82 -21.35 68.97 24.64
CA GLU C 82 -20.14 69.28 23.90
C GLU C 82 -18.94 68.94 24.79
N LYS C 83 -19.21 68.12 25.81
CA LYS C 83 -18.18 67.55 26.68
C LYS C 83 -18.26 66.02 26.69
N ILE C 84 -17.62 65.33 25.73
CA ILE C 84 -17.49 63.87 25.78
C ILE C 84 -16.43 63.52 26.83
N PRO C 85 -16.79 62.92 27.99
CA PRO C 85 -15.79 62.54 29.00
C PRO C 85 -14.82 61.52 28.43
N VAL C 86 -13.57 61.53 28.92
CA VAL C 86 -12.47 60.83 28.28
C VAL C 86 -12.69 59.32 28.43
N HIS C 87 -12.97 58.87 29.66
CA HIS C 87 -13.26 57.48 29.93
C HIS C 87 -14.44 57.01 29.08
N LYS C 88 -15.42 57.88 28.81
CA LYS C 88 -16.57 57.52 27.99
C LYS C 88 -16.10 57.24 26.56
N PHE C 89 -15.12 57.99 26.07
CA PHE C 89 -14.64 57.74 24.72
C PHE C 89 -13.86 56.45 24.71
N ILE C 90 -13.13 56.19 25.79
CA ILE C 90 -12.29 55.01 25.88
C ILE C 90 -13.17 53.78 25.94
N THR C 91 -14.25 53.84 26.74
CA THR C 91 -15.16 52.69 26.88
C THR C 91 -15.81 52.41 25.53
N ALA C 92 -16.26 53.46 24.84
CA ALA C 92 -16.85 53.32 23.51
C ALA C 92 -15.85 52.69 22.52
N LEU C 93 -14.59 53.07 22.63
CA LEU C 93 -13.58 52.60 21.70
C LEU C 93 -13.30 51.13 21.95
N LYS C 94 -13.15 50.75 23.23
CA LYS C 94 -12.81 49.38 23.65
C LYS C 94 -13.93 48.41 23.21
N SER C 95 -15.16 48.90 23.21
CA SER C 95 -16.30 48.05 22.91
C SER C 95 -16.40 47.78 21.42
N THR C 96 -15.67 48.53 20.59
CA THR C 96 -15.65 48.22 19.17
C THR C 96 -14.77 47.00 18.94
N GLY C 97 -14.07 46.59 20.01
CA GLY C 97 -13.21 45.43 19.98
C GLY C 97 -11.75 45.82 19.85
N LEU C 98 -11.50 47.10 19.48
CA LEU C 98 -10.16 47.61 19.29
C LEU C 98 -9.49 47.65 20.66
N ARG C 99 -8.16 47.42 20.63
CA ARG C 99 -7.35 47.44 21.82
C ARG C 99 -6.81 48.87 21.95
N THR C 100 -6.71 49.37 23.20
CA THR C 100 -6.34 50.74 23.49
C THR C 100 -4.92 50.96 22.97
N SER C 101 -4.22 49.83 22.88
CA SER C 101 -2.82 49.76 22.53
C SER C 101 -2.67 49.49 21.04
N ASP C 102 -3.73 49.67 20.25
CA ASP C 102 -3.61 49.39 18.81
C ASP C 102 -2.52 50.27 18.22
N PRO C 103 -1.51 49.68 17.53
CA PRO C 103 -0.51 50.46 16.81
C PRO C 103 -1.09 51.51 15.86
N ARG C 104 -2.27 51.24 15.28
CA ARG C 104 -2.85 52.19 14.32
C ARG C 104 -3.57 53.31 15.07
N LEU C 105 -3.66 53.22 16.40
CA LEU C 105 -4.32 54.22 17.22
C LEU C 105 -3.32 55.00 18.08
N LYS C 106 -2.02 54.83 17.82
CA LYS C 106 -0.96 55.36 18.67
C LYS C 106 -1.09 56.88 18.80
N GLU C 107 -1.19 57.57 17.65
CA GLU C 107 -1.25 59.01 17.57
C GLU C 107 -2.39 59.52 18.48
N CYS C 108 -3.56 58.89 18.32
CA CYS C 108 -4.76 59.29 19.04
C CYS C 108 -4.55 59.13 20.54
N MET C 109 -3.96 58.02 20.95
CA MET C 109 -3.85 57.77 22.37
C MET C 109 -2.78 58.65 22.99
N ASP C 110 -1.73 58.94 22.21
CA ASP C 110 -0.66 59.83 22.65
C ASP C 110 -1.22 61.22 22.93
N MET C 111 -2.12 61.66 22.05
CA MET C 111 -2.71 62.98 22.11
C MET C 111 -3.68 63.10 23.28
N LEU C 112 -4.38 62.01 23.59
CA LEU C 112 -5.28 62.00 24.71
C LEU C 112 -4.47 61.98 26.02
N ARG C 113 -3.31 61.31 25.99
CA ARG C 113 -2.49 61.25 27.18
C ARG C 113 -1.91 62.63 27.47
N LEU C 114 -1.47 63.30 26.41
CA LEU C 114 -0.95 64.65 26.48
C LEU C 114 -2.02 65.58 27.05
N THR C 115 -3.20 65.56 26.43
CA THR C 115 -4.33 66.40 26.82
C THR C 115 -4.69 66.13 28.27
N LEU C 116 -4.59 64.89 28.74
CA LEU C 116 -4.94 64.60 30.12
C LEU C 116 -3.92 65.19 31.09
N GLN C 117 -2.74 65.52 30.57
CA GLN C 117 -1.66 66.16 31.31
C GLN C 117 -1.88 67.68 31.35
N THR C 118 -2.38 68.26 30.24
CA THR C 118 -2.46 69.70 30.07
C THR C 118 -3.85 70.22 30.46
N THR C 119 -4.89 69.38 30.35
CA THR C 119 -6.26 69.81 30.62
C THR C 119 -6.47 69.94 32.11
N SER C 120 -7.38 70.85 32.50
CA SER C 120 -7.70 71.10 33.89
C SER C 120 -8.42 69.89 34.49
N ASP C 121 -7.70 69.12 35.31
CA ASP C 121 -8.12 67.86 35.91
C ASP C 121 -9.24 67.20 35.12
N GLY C 122 -10.47 67.59 35.46
CA GLY C 122 -11.72 67.20 34.81
C GLY C 122 -11.59 66.11 33.75
N VAL C 123 -11.01 66.48 32.60
CA VAL C 123 -10.79 65.56 31.48
C VAL C 123 -12.12 65.34 30.76
N MET C 124 -12.63 66.39 30.09
CA MET C 124 -13.76 66.27 29.15
C MET C 124 -13.43 67.07 27.89
N LEU C 125 -13.33 66.39 26.74
CA LEU C 125 -12.91 67.01 25.50
C LEU C 125 -13.97 67.98 24.95
N ASP C 126 -13.51 69.20 24.58
CA ASP C 126 -14.26 70.12 23.73
C ASP C 126 -14.47 69.45 22.39
N LYS C 127 -15.45 69.89 21.59
CA LYS C 127 -15.54 69.40 20.22
C LYS C 127 -14.20 69.66 19.53
N ASP C 128 -13.54 70.72 20.00
CA ASP C 128 -12.33 71.18 19.33
C ASP C 128 -11.15 70.32 19.75
N LEU C 129 -11.20 69.97 21.04
CA LEU C 129 -10.17 69.17 21.69
C LEU C 129 -10.27 67.73 21.22
N PHE C 130 -11.49 67.21 21.10
CA PHE C 130 -11.68 65.88 20.57
C PHE C 130 -11.10 65.82 19.16
N LYS C 131 -11.41 66.82 18.32
CA LYS C 131 -10.88 66.88 16.97
C LYS C 131 -9.35 66.83 17.01
N LYS C 132 -8.77 67.51 18.02
CA LYS C 132 -7.32 67.55 18.17
C LYS C 132 -6.75 66.14 18.36
N CYS C 133 -7.49 65.28 19.09
CA CYS C 133 -6.99 63.95 19.42
C CYS C 133 -7.17 62.97 18.25
N VAL C 134 -8.33 63.04 17.62
CA VAL C 134 -8.76 61.95 16.76
C VAL C 134 -8.41 62.24 15.30
N GLN C 135 -7.92 63.46 15.01
CA GLN C 135 -7.70 63.89 13.64
C GLN C 135 -6.81 62.89 12.92
N SER C 136 -5.78 62.46 13.66
CA SER C 136 -4.67 61.67 13.16
C SER C 136 -5.17 60.31 12.65
N ASN C 137 -6.16 59.74 13.35
CA ASN C 137 -6.62 58.37 13.15
C ASN C 137 -8.11 58.32 12.80
N ILE C 138 -8.64 59.36 12.13
CA ILE C 138 -10.09 59.53 12.08
C ILE C 138 -10.76 58.45 11.23
N VAL C 139 -10.06 58.08 10.15
CA VAL C 139 -10.57 57.08 9.22
C VAL C 139 -10.93 55.80 10.00
N LEU C 140 -9.94 55.27 10.74
CA LEU C 140 -10.06 53.99 11.41
C LEU C 140 -11.07 54.09 12.54
N LEU C 141 -11.03 55.20 13.29
CA LEU C 141 -11.91 55.42 14.42
C LEU C 141 -13.36 55.48 13.96
N THR C 142 -13.56 56.06 12.77
CA THR C 142 -14.90 56.19 12.24
C THR C 142 -15.43 54.81 11.93
N GLN C 143 -14.65 54.03 11.18
CA GLN C 143 -15.06 52.68 10.80
C GLN C 143 -15.46 51.91 12.04
N ALA C 144 -14.66 52.03 13.10
CA ALA C 144 -14.93 51.32 14.34
C ALA C 144 -16.27 51.76 14.93
N PHE C 145 -16.51 53.08 14.93
CA PHE C 145 -17.63 53.63 15.65
C PHE C 145 -18.93 53.53 14.85
N ARG C 146 -18.79 53.65 13.51
CA ARG C 146 -19.89 53.59 12.55
C ARG C 146 -20.15 52.13 12.15
N ARG C 147 -19.77 51.20 13.06
CA ARG C 147 -20.10 49.78 13.06
C ARG C 147 -19.77 49.16 11.71
N LYS C 148 -18.62 49.52 11.12
CA LYS C 148 -18.27 49.10 9.77
C LYS C 148 -17.35 47.87 9.82
N PHE C 149 -16.89 47.46 11.02
CA PHE C 149 -15.92 46.38 11.17
C PHE C 149 -16.51 45.01 10.82
N VAL C 150 -15.64 44.04 10.53
CA VAL C 150 -16.07 42.79 9.94
C VAL C 150 -17.12 42.15 10.84
N ILE C 151 -16.95 42.28 12.15
CA ILE C 151 -17.95 41.85 13.11
C ILE C 151 -18.50 43.10 13.80
N PRO C 152 -19.67 43.62 13.38
CA PRO C 152 -20.18 44.88 13.93
C PRO C 152 -20.53 44.78 15.40
N ASP C 153 -21.27 43.73 15.80
CA ASP C 153 -21.62 43.62 17.21
C ASP C 153 -20.62 42.73 17.93
N PHE C 154 -19.42 43.27 18.15
CA PHE C 154 -18.30 42.49 18.64
C PHE C 154 -18.51 42.09 20.11
N MET C 155 -19.24 42.94 20.84
CA MET C 155 -19.45 42.69 22.26
C MET C 155 -20.25 41.40 22.41
N SER C 156 -21.29 41.28 21.58
CA SER C 156 -22.14 40.11 21.64
C SER C 156 -21.34 38.86 21.25
N PHE C 157 -20.48 39.02 20.23
CA PHE C 157 -19.73 37.92 19.67
C PHE C 157 -18.77 37.34 20.72
N THR C 158 -18.13 38.22 21.49
CA THR C 158 -17.18 37.74 22.48
C THR C 158 -17.91 36.96 23.58
N SER C 159 -19.16 37.36 23.83
CA SER C 159 -20.02 36.63 24.74
C SER C 159 -20.13 35.17 24.28
N HIS C 160 -20.28 34.99 22.96
CA HIS C 160 -20.39 33.69 22.32
C HIS C 160 -19.08 32.90 22.41
N ILE C 161 -17.96 33.59 22.15
CA ILE C 161 -16.65 32.97 22.26
C ILE C 161 -16.44 32.42 23.67
N ASP C 162 -16.94 33.17 24.68
CA ASP C 162 -16.82 32.81 26.09
C ASP C 162 -17.63 31.55 26.38
N GLU C 163 -18.88 31.50 25.87
CA GLU C 163 -19.69 30.30 26.03
C GLU C 163 -18.96 29.12 25.40
N LEU C 164 -18.43 29.27 24.17
CA LEU C 164 -17.74 28.19 23.46
C LEU C 164 -16.54 27.73 24.26
N TYR C 165 -15.83 28.73 24.82
CA TYR C 165 -14.68 28.48 25.67
C TYR C 165 -15.06 27.60 26.86
N GLU C 166 -16.11 28.00 27.61
CA GLU C 166 -16.53 27.30 28.82
C GLU C 166 -16.97 25.88 28.49
N SER C 167 -17.65 25.74 27.36
CA SER C 167 -18.14 24.43 26.93
C SER C 167 -16.96 23.51 26.66
N ALA C 168 -15.94 23.98 25.93
CA ALA C 168 -14.77 23.18 25.64
C ALA C 168 -13.95 22.91 26.90
N LYS C 169 -14.10 23.78 27.92
CA LYS C 169 -13.33 23.70 29.16
C LYS C 169 -13.65 22.40 29.86
N LYS C 170 -14.89 21.90 29.69
CA LYS C 170 -15.40 20.73 30.40
C LYS C 170 -14.82 19.43 29.80
N GLN C 171 -14.08 19.52 28.69
CA GLN C 171 -13.58 18.33 28.02
C GLN C 171 -12.17 18.00 28.51
N SER C 172 -12.10 17.13 29.51
CA SER C 172 -10.89 16.97 30.30
C SER C 172 -9.99 15.86 29.78
N GLY C 173 -10.46 15.11 28.77
CA GLY C 173 -9.72 13.98 28.21
C GLY C 173 -8.41 14.40 27.56
N GLY C 174 -7.59 13.43 27.12
CA GLY C 174 -6.38 13.72 26.37
C GLY C 174 -5.10 13.57 27.19
N LYS C 175 -3.96 13.39 26.50
CA LYS C 175 -2.67 13.14 27.11
C LYS C 175 -1.66 14.21 26.68
N VAL C 176 -1.03 14.81 27.68
CA VAL C 176 -0.06 15.86 27.46
C VAL C 176 1.19 15.25 26.84
N ALA C 177 1.71 15.91 25.80
CA ALA C 177 2.91 15.45 25.12
C ALA C 177 4.03 15.22 26.14
N ASP C 178 4.52 13.98 26.23
CA ASP C 178 5.42 13.54 27.29
C ASP C 178 6.84 13.36 26.75
N TYR C 179 7.01 13.51 25.42
CA TYR C 179 8.27 13.13 24.79
C TYR C 179 9.39 14.10 25.14
N ILE C 180 9.01 15.34 25.44
CA ILE C 180 9.94 16.25 26.10
C ILE C 180 9.43 16.48 27.53
N PRO C 181 10.27 16.26 28.59
CA PRO C 181 9.94 16.72 29.94
C PRO C 181 9.60 18.21 30.02
N GLN C 182 9.81 18.92 28.89
CA GLN C 182 9.42 20.32 28.72
C GLN C 182 7.93 20.44 28.41
N LEU C 183 7.50 19.81 27.30
CA LEU C 183 6.09 19.77 26.92
C LEU C 183 5.26 19.13 28.04
N ALA C 184 5.97 18.26 28.81
CA ALA C 184 5.44 17.57 29.97
C ALA C 184 5.24 18.51 31.15
N LYS C 185 5.94 19.67 31.16
CA LYS C 185 5.96 20.58 32.30
C LYS C 185 4.61 21.27 32.48
N PHE C 186 3.86 21.44 31.39
CA PHE C 186 2.63 22.22 31.41
C PHE C 186 1.49 21.45 32.09
N SER C 187 0.63 22.18 32.80
CA SER C 187 -0.61 21.66 33.35
C SER C 187 -1.64 21.29 32.28
N PRO C 188 -2.26 20.10 32.33
CA PRO C 188 -3.42 19.79 31.49
C PRO C 188 -4.62 20.72 31.63
N ASP C 189 -4.61 21.60 32.64
CA ASP C 189 -5.76 22.47 32.90
C ASP C 189 -5.66 23.79 32.13
N LEU C 190 -4.48 24.11 31.58
CA LEU C 190 -4.31 25.27 30.71
C LEU C 190 -5.21 25.13 29.48
N TRP C 191 -5.86 26.23 29.14
CA TRP C 191 -6.83 26.29 28.05
C TRP C 191 -7.10 27.75 27.75
N GLY C 192 -6.68 28.17 26.56
CA GLY C 192 -6.82 29.56 26.18
C GLY C 192 -7.29 29.71 24.74
N VAL C 193 -7.99 30.79 24.49
CA VAL C 193 -8.56 31.06 23.19
C VAL C 193 -8.38 32.55 22.94
N SER C 194 -7.71 32.89 21.85
CA SER C 194 -7.55 34.28 21.47
C SER C 194 -8.13 34.51 20.09
N VAL C 195 -8.81 35.65 19.98
CA VAL C 195 -9.43 36.06 18.72
C VAL C 195 -8.74 37.34 18.28
N CYS C 196 -8.41 37.39 16.99
CA CYS C 196 -8.10 38.66 16.36
C CYS C 196 -8.80 38.72 15.00
N THR C 197 -9.72 39.70 14.81
CA THR C 197 -10.39 39.84 13.53
C THR C 197 -9.51 40.56 12.52
N VAL C 198 -9.99 40.54 11.28
CA VAL C 198 -9.24 41.08 10.16
C VAL C 198 -9.15 42.60 10.32
N ASP C 199 -9.89 43.17 11.29
CA ASP C 199 -9.93 44.60 11.53
C ASP C 199 -9.16 44.94 12.81
N GLY C 200 -8.67 43.93 13.52
CA GLY C 200 -7.89 44.23 14.70
C GLY C 200 -8.72 44.19 15.97
N GLN C 201 -9.99 43.80 15.87
CA GLN C 201 -10.79 43.57 17.06
C GLN C 201 -10.29 42.33 17.80
N ARG C 202 -10.11 42.45 19.11
CA ARG C 202 -9.44 41.40 19.86
C ARG C 202 -10.33 40.91 21.01
N HIS C 203 -10.13 39.64 21.39
CA HIS C 203 -10.75 39.10 22.57
C HIS C 203 -10.00 37.83 23.02
N SER C 204 -9.99 37.58 24.32
CA SER C 204 -9.29 36.42 24.85
C SER C 204 -10.11 35.85 25.99
N THR C 205 -9.93 34.55 26.23
CA THR C 205 -10.46 33.92 27.43
C THR C 205 -9.50 32.81 27.81
N GLY C 206 -9.31 32.68 29.13
CA GLY C 206 -8.43 31.65 29.69
C GLY C 206 -6.97 32.04 29.52
N ASP C 207 -6.12 31.02 29.45
CA ASP C 207 -4.70 31.19 29.67
C ASP C 207 -4.00 31.59 28.37
N THR C 208 -4.21 32.86 27.98
CA THR C 208 -3.86 33.30 26.64
C THR C 208 -2.53 34.04 26.63
N LYS C 209 -1.90 34.20 27.79
CA LYS C 209 -0.65 34.96 27.90
C LYS C 209 0.50 34.04 28.33
N VAL C 210 0.23 32.73 28.36
CA VAL C 210 1.24 31.76 28.74
C VAL C 210 1.99 31.38 27.48
N PRO C 211 3.34 31.51 27.45
CA PRO C 211 4.12 31.16 26.28
C PRO C 211 4.14 29.64 26.11
N PHE C 212 4.03 29.21 24.85
CA PHE C 212 4.18 27.82 24.46
C PHE C 212 4.78 27.75 23.06
N CYS C 213 5.34 26.60 22.69
CA CYS C 213 6.00 26.46 21.41
C CYS C 213 4.99 26.22 20.31
N LEU C 214 5.25 26.81 19.15
CA LEU C 214 4.40 26.55 17.99
C LEU C 214 4.44 25.06 17.66
N GLN C 215 5.65 24.49 17.66
CA GLN C 215 5.90 23.15 17.13
C GLN C 215 5.41 23.14 15.68
N SER C 216 4.51 22.21 15.34
CA SER C 216 4.08 22.03 13.97
C SER C 216 3.22 23.18 13.47
N CYS C 217 2.69 24.02 14.38
CA CYS C 217 1.97 25.23 13.99
C CYS C 217 2.86 26.11 13.13
N VAL C 218 4.17 25.92 13.23
CA VAL C 218 5.12 26.79 12.55
C VAL C 218 5.23 26.38 11.09
N LYS C 219 4.78 25.16 10.77
CA LYS C 219 5.05 24.59 9.45
C LYS C 219 4.40 25.44 8.37
N PRO C 220 3.10 25.84 8.49
CA PRO C 220 2.47 26.69 7.48
C PRO C 220 3.15 28.05 7.40
N LEU C 221 3.65 28.54 8.54
CA LEU C 221 4.23 29.88 8.58
C LEU C 221 5.53 29.86 7.78
N LYS C 222 6.38 28.85 7.99
CA LYS C 222 7.62 28.79 7.24
C LYS C 222 7.36 28.50 5.76
N TYR C 223 6.31 27.72 5.46
CA TYR C 223 5.94 27.46 4.09
C TYR C 223 5.55 28.78 3.41
N ALA C 224 4.81 29.61 4.13
CA ALA C 224 4.33 30.86 3.57
C ALA C 224 5.55 31.71 3.24
N ILE C 225 6.52 31.70 4.15
CA ILE C 225 7.72 32.49 3.97
C ILE C 225 8.42 32.01 2.70
N ALA C 226 8.52 30.68 2.52
CA ALA C 226 9.22 30.09 1.38
C ALA C 226 8.52 30.47 0.06
N VAL C 227 7.18 30.37 0.04
CA VAL C 227 6.41 30.70 -1.14
C VAL C 227 6.43 32.20 -1.38
N ASN C 228 6.44 32.97 -0.30
CA ASN C 228 6.57 34.41 -0.39
C ASN C 228 7.88 34.79 -1.11
N ASP C 229 8.98 34.12 -0.76
CA ASP C 229 10.29 34.52 -1.24
C ASP C 229 10.61 33.88 -2.59
N LEU C 230 10.04 32.71 -2.87
CA LEU C 230 10.54 31.87 -3.96
C LEU C 230 9.45 31.64 -4.98
N GLY C 231 8.20 31.80 -4.56
CA GLY C 231 7.08 31.52 -5.44
C GLY C 231 6.62 30.07 -5.33
N THR C 232 5.38 29.86 -5.76
CA THR C 232 4.71 28.57 -5.72
C THR C 232 5.46 27.52 -6.53
N GLU C 233 5.85 27.90 -7.75
CA GLU C 233 6.33 26.95 -8.74
C GLU C 233 7.64 26.33 -8.24
N TYR C 234 8.54 27.17 -7.71
CA TYR C 234 9.81 26.67 -7.24
C TYR C 234 9.62 25.81 -6.00
N VAL C 235 8.81 26.29 -5.04
CA VAL C 235 8.74 25.57 -3.78
C VAL C 235 8.18 24.18 -4.02
N HIS C 236 7.26 24.07 -4.99
CA HIS C 236 6.58 22.81 -5.22
C HIS C 236 7.38 21.90 -6.13
N ARG C 237 8.60 22.32 -6.49
CA ARG C 237 9.54 21.39 -7.08
C ARG C 237 10.01 20.42 -6.01
N TYR C 238 9.97 20.86 -4.75
CA TYR C 238 10.60 20.10 -3.67
C TYR C 238 9.57 19.39 -2.82
N VAL C 239 8.34 19.89 -2.79
CA VAL C 239 7.33 19.40 -1.87
C VAL C 239 6.00 19.32 -2.61
N GLY C 240 5.24 18.26 -2.34
CA GLY C 240 3.99 18.02 -3.02
C GLY C 240 2.90 18.95 -2.47
N LYS C 241 1.66 18.74 -2.94
CA LYS C 241 0.59 19.66 -2.60
C LYS C 241 -0.68 18.95 -2.12
N GLU C 242 -0.63 17.66 -1.80
CA GLU C 242 -1.85 16.93 -1.45
C GLU C 242 -1.65 16.20 -0.13
N PRO C 243 -2.73 15.77 0.55
CA PRO C 243 -2.61 14.94 1.76
C PRO C 243 -2.10 13.53 1.40
N SER C 244 -1.46 12.85 2.37
CA SER C 244 -0.86 11.54 2.10
C SER C 244 -1.97 10.52 1.89
N GLY C 245 -2.90 10.49 2.86
CA GLY C 245 -3.99 9.53 2.85
C GLY C 245 -3.50 8.19 3.37
N LEU C 246 -2.27 7.81 2.95
CA LEU C 246 -1.76 6.44 2.98
C LEU C 246 -1.69 5.96 4.42
N ARG C 247 -1.11 6.76 5.34
CA ARG C 247 -1.28 6.57 6.77
C ARG C 247 -0.49 7.63 7.52
N PHE C 248 -1.21 8.52 8.25
CA PHE C 248 -0.75 9.34 9.37
C PHE C 248 0.53 10.11 9.08
N ASN C 249 1.67 9.42 9.26
CA ASN C 249 2.97 9.94 8.85
C ASN C 249 3.89 8.80 8.37
N LYS C 250 3.33 7.72 7.77
CA LYS C 250 4.06 6.48 7.62
C LYS C 250 5.14 6.65 6.58
N LEU C 251 4.79 6.96 5.33
CA LEU C 251 5.80 7.16 4.30
C LEU C 251 6.41 8.56 4.37
N PHE C 252 7.64 8.68 3.86
CA PHE C 252 8.28 9.98 3.75
C PHE C 252 7.93 10.67 2.44
N LEU C 253 7.85 9.89 1.36
CA LEU C 253 7.76 10.45 0.01
C LEU C 253 6.56 9.86 -0.72
N ASN C 254 6.01 10.67 -1.63
CA ASN C 254 4.96 10.25 -2.53
C ASN C 254 5.60 9.59 -3.75
N GLU C 255 4.79 9.40 -4.80
CA GLU C 255 5.17 8.67 -5.99
C GLU C 255 6.25 9.41 -6.77
N ASP C 256 6.40 10.72 -6.57
CA ASP C 256 7.37 11.51 -7.32
C ASP C 256 8.66 11.69 -6.53
N ASP C 257 8.80 10.98 -5.41
CA ASP C 257 9.97 11.10 -4.55
C ASP C 257 10.10 12.48 -3.92
N LYS C 258 8.96 13.17 -3.75
CA LYS C 258 8.89 14.40 -2.97
C LYS C 258 8.08 14.09 -1.71
N PRO C 259 8.30 14.77 -0.55
CA PRO C 259 7.38 14.66 0.59
C PRO C 259 6.01 15.16 0.17
N HIS C 260 4.97 14.59 0.77
CA HIS C 260 3.63 14.70 0.21
C HIS C 260 3.12 16.16 0.15
N ASN C 261 3.48 16.97 1.16
CA ASN C 261 2.99 18.34 1.31
C ASN C 261 3.78 19.04 2.42
N PRO C 262 3.72 20.38 2.50
CA PRO C 262 4.48 21.12 3.52
C PRO C 262 4.12 20.92 5.00
N MET C 263 2.99 20.25 5.23
CA MET C 263 2.50 20.15 6.60
C MET C 263 3.02 18.90 7.30
N VAL C 264 3.64 17.99 6.53
CA VAL C 264 4.18 16.77 7.13
C VAL C 264 5.65 16.99 7.48
N ASN C 265 6.18 16.21 8.43
CA ASN C 265 7.51 16.43 8.96
C ASN C 265 8.49 16.45 7.80
N ALA C 266 8.40 15.43 6.94
CA ALA C 266 9.29 15.28 5.80
C ALA C 266 9.25 16.54 4.92
N GLY C 267 8.04 17.06 4.70
CA GLY C 267 7.82 18.21 3.83
C GLY C 267 8.29 19.52 4.48
N ALA C 268 8.02 19.66 5.78
CA ALA C 268 8.42 20.83 6.56
C ALA C 268 9.95 20.91 6.53
N ILE C 269 10.62 19.76 6.75
CA ILE C 269 12.07 19.66 6.73
C ILE C 269 12.62 20.12 5.37
N VAL C 270 11.97 19.73 4.28
CA VAL C 270 12.42 20.18 2.98
C VAL C 270 12.16 21.68 2.81
N VAL C 271 10.97 22.16 3.24
CA VAL C 271 10.64 23.57 3.13
C VAL C 271 11.72 24.38 3.85
N THR C 272 12.12 23.87 5.02
CA THR C 272 13.11 24.52 5.85
C THR C 272 14.39 24.71 5.05
N SER C 273 14.69 23.78 4.15
CA SER C 273 15.96 23.85 3.44
C SER C 273 15.91 24.85 2.29
N LEU C 274 14.73 25.43 1.99
CA LEU C 274 14.60 26.36 0.87
C LEU C 274 14.73 27.84 1.33
N ILE C 275 14.53 28.09 2.62
CA ILE C 275 14.47 29.45 3.13
C ILE C 275 15.88 29.99 3.36
N LYS C 276 16.17 31.17 2.76
CA LYS C 276 17.35 31.98 3.04
C LYS C 276 18.59 31.13 2.83
N GLN C 277 18.65 30.45 1.67
CA GLN C 277 19.76 29.55 1.38
C GLN C 277 21.05 30.35 1.38
N GLY C 278 22.11 29.74 1.92
CA GLY C 278 23.46 30.27 1.75
C GLY C 278 23.95 31.22 2.84
N VAL C 279 23.18 31.33 3.94
CA VAL C 279 23.61 32.00 5.16
C VAL C 279 23.57 30.98 6.31
N ASN C 280 24.17 31.34 7.45
CA ASN C 280 24.26 30.43 8.58
C ASN C 280 22.94 30.40 9.32
N ASN C 281 22.80 29.42 10.23
CA ASN C 281 21.55 29.12 10.90
C ASN C 281 21.12 30.24 11.86
N ALA C 282 22.10 30.97 12.38
CA ALA C 282 21.85 32.14 13.22
C ALA C 282 21.07 33.21 12.44
N GLU C 283 21.52 33.47 11.20
CA GLU C 283 20.94 34.51 10.37
C GLU C 283 19.62 34.03 9.78
N LYS C 284 19.58 32.74 9.39
CA LYS C 284 18.38 32.15 8.83
C LYS C 284 17.25 32.29 9.85
N PHE C 285 17.60 31.99 11.11
CA PHE C 285 16.62 32.02 12.17
C PHE C 285 16.12 33.45 12.35
N ASP C 286 17.04 34.42 12.33
CA ASP C 286 16.70 35.83 12.49
C ASP C 286 15.74 36.25 11.37
N TYR C 287 16.02 35.78 10.16
CA TYR C 287 15.23 36.15 9.01
C TYR C 287 13.79 35.71 9.23
N VAL C 288 13.60 34.48 9.72
CA VAL C 288 12.27 33.92 9.93
C VAL C 288 11.58 34.63 11.10
N MET C 289 12.36 34.93 12.16
CA MET C 289 11.83 35.54 13.36
C MET C 289 11.33 36.95 13.06
N GLN C 290 12.09 37.73 12.29
CA GLN C 290 11.70 39.08 11.92
C GLN C 290 10.38 38.99 11.17
N PHE C 291 10.25 37.96 10.35
CA PHE C 291 9.08 37.76 9.52
C PHE C 291 7.88 37.43 10.40
N LEU C 292 8.11 36.53 11.35
CA LEU C 292 7.11 36.15 12.34
C LEU C 292 6.68 37.36 13.19
N ASN C 293 7.61 38.24 13.51
CA ASN C 293 7.31 39.46 14.26
C ASN C 293 6.31 40.32 13.48
N LYS C 294 6.57 40.52 12.19
CA LYS C 294 5.67 41.30 11.37
C LYS C 294 4.27 40.69 11.45
N MET C 295 4.17 39.36 11.38
CA MET C 295 2.88 38.68 11.30
C MET C 295 2.09 38.87 12.58
N ALA C 296 2.81 38.95 13.71
CA ALA C 296 2.18 39.01 15.02
C ALA C 296 2.01 40.47 15.46
N GLY C 297 2.26 41.41 14.54
CA GLY C 297 2.20 42.82 14.88
C GLY C 297 3.07 43.12 16.07
N ASN C 298 4.22 42.43 16.13
CA ASN C 298 5.30 42.66 17.07
C ASN C 298 4.88 42.32 18.49
N GLU C 299 3.86 41.47 18.65
CA GLU C 299 3.54 40.94 19.97
C GLU C 299 4.49 39.78 20.25
N TYR C 300 4.24 39.01 21.33
CA TYR C 300 5.27 38.10 21.79
C TYR C 300 5.55 36.97 20.80
N VAL C 301 6.80 36.91 20.37
CA VAL C 301 7.33 35.78 19.63
C VAL C 301 8.66 35.48 20.30
N GLY C 302 8.79 34.28 20.87
CA GLY C 302 10.03 33.96 21.57
C GLY C 302 10.64 32.64 21.12
N PHE C 303 11.51 32.07 21.96
CA PHE C 303 12.26 30.88 21.65
C PHE C 303 12.61 30.16 22.94
N SER C 304 12.34 28.85 22.94
CA SER C 304 12.67 27.98 24.06
C SER C 304 13.86 27.12 23.67
N ASN C 305 15.03 27.49 24.20
CA ASN C 305 16.21 26.69 24.01
C ASN C 305 16.04 25.31 24.65
N ALA C 306 15.29 25.25 25.77
CA ALA C 306 15.05 24.00 26.47
C ALA C 306 14.41 22.98 25.53
N THR C 307 13.30 23.41 24.91
CA THR C 307 12.61 22.61 23.91
C THR C 307 13.56 22.23 22.78
N PHE C 308 14.40 23.18 22.37
CA PHE C 308 15.26 22.95 21.24
C PHE C 308 16.22 21.80 21.53
N GLN C 309 16.84 21.83 22.71
CA GLN C 309 17.78 20.81 23.14
C GLN C 309 17.09 19.44 23.16
N SER C 310 15.90 19.38 23.74
CA SER C 310 15.17 18.14 23.86
C SER C 310 14.73 17.63 22.49
N GLU C 311 14.42 18.55 21.58
CA GLU C 311 13.98 18.24 20.22
C GLU C 311 15.07 17.51 19.45
N ARG C 312 16.30 17.97 19.65
CA ARG C 312 17.41 17.40 18.90
C ARG C 312 17.91 16.14 19.60
N GLU C 313 17.74 16.05 20.94
CA GLU C 313 18.23 14.93 21.71
C GLU C 313 17.35 13.70 21.45
N SER C 314 16.10 13.93 21.05
CA SER C 314 15.18 12.80 20.97
C SER C 314 14.59 12.62 19.57
N GLY C 315 15.13 13.31 18.55
CA GLY C 315 14.40 13.40 17.30
C GLY C 315 14.79 12.36 16.24
N ASP C 316 14.77 11.09 16.63
CA ASP C 316 15.35 10.03 15.82
C ASP C 316 14.61 9.95 14.48
N ARG C 317 13.28 10.08 14.54
CA ARG C 317 12.43 9.97 13.36
C ARG C 317 12.85 11.04 12.35
N ASN C 318 13.12 12.26 12.85
CA ASN C 318 13.43 13.38 11.98
C ASN C 318 14.78 13.16 11.34
N PHE C 319 15.71 12.61 12.12
CA PHE C 319 17.01 12.27 11.58
C PHE C 319 16.87 11.23 10.47
N ALA C 320 16.02 10.23 10.75
CA ALA C 320 15.75 9.19 9.77
C ALA C 320 15.26 9.84 8.47
N ILE C 321 14.35 10.80 8.61
CA ILE C 321 13.78 11.49 7.46
C ILE C 321 14.89 12.25 6.76
N GLY C 322 15.74 12.89 7.55
CA GLY C 322 16.79 13.70 6.96
C GLY C 322 17.69 12.86 6.07
N TYR C 323 18.11 11.72 6.62
CA TYR C 323 19.02 10.85 5.90
C TYR C 323 18.35 10.33 4.63
N TYR C 324 17.06 10.01 4.75
CA TYR C 324 16.39 9.46 3.58
C TYR C 324 16.25 10.53 2.52
N LEU C 325 16.02 11.80 2.95
CA LEU C 325 15.85 12.91 2.04
C LEU C 325 17.15 13.12 1.28
N LYS C 326 18.28 13.01 2.02
CA LYS C 326 19.63 13.06 1.47
C LYS C 326 19.78 11.98 0.38
N GLU C 327 19.49 10.73 0.76
CA GLU C 327 19.59 9.55 -0.10
C GLU C 327 18.90 9.85 -1.44
N LYS C 328 17.67 10.37 -1.34
CA LYS C 328 16.82 10.48 -2.51
C LYS C 328 17.01 11.83 -3.20
N LYS C 329 18.01 12.60 -2.76
CA LYS C 329 18.39 13.86 -3.39
C LYS C 329 17.21 14.86 -3.40
N CYS C 330 16.58 15.02 -2.23
CA CYS C 330 15.34 15.76 -2.06
C CYS C 330 15.58 17.22 -1.70
N PHE C 331 16.79 17.54 -1.23
CA PHE C 331 17.10 18.90 -0.82
C PHE C 331 17.69 19.68 -1.99
N PRO C 332 17.71 21.04 -1.92
CA PRO C 332 18.37 21.83 -2.96
C PRO C 332 19.87 21.56 -2.95
N GLU C 333 20.49 21.68 -4.14
CA GLU C 333 21.91 21.49 -4.38
C GLU C 333 22.75 22.06 -3.24
N GLY C 334 23.61 21.24 -2.63
CA GLY C 334 24.56 21.67 -1.61
C GLY C 334 23.90 22.08 -0.29
N THR C 335 22.87 21.33 0.12
CA THR C 335 22.28 21.47 1.44
C THR C 335 23.21 20.81 2.46
N ASP C 336 23.37 21.41 3.63
CA ASP C 336 23.93 20.69 4.76
C ASP C 336 22.78 20.06 5.53
N MET C 337 22.59 18.75 5.34
CA MET C 337 21.39 18.05 5.75
C MET C 337 21.30 17.90 7.28
N VAL C 338 22.41 18.02 8.02
CA VAL C 338 22.36 17.89 9.46
C VAL C 338 22.07 19.26 10.06
N GLY C 339 22.55 20.30 9.38
CA GLY C 339 22.28 21.66 9.81
C GLY C 339 20.82 22.07 9.56
N ILE C 340 20.23 21.54 8.50
CA ILE C 340 18.87 21.87 8.19
C ILE C 340 17.99 21.31 9.30
N LEU C 341 18.37 20.13 9.82
CA LEU C 341 17.61 19.50 10.88
C LEU C 341 17.65 20.37 12.15
N ASP C 342 18.84 20.95 12.39
CA ASP C 342 19.07 21.83 13.52
C ASP C 342 18.17 23.06 13.41
N PHE C 343 18.15 23.64 12.21
CA PHE C 343 17.30 24.78 11.90
C PHE C 343 15.84 24.40 12.14
N TYR C 344 15.47 23.21 11.64
CA TYR C 344 14.12 22.67 11.79
C TYR C 344 13.75 22.64 13.26
N PHE C 345 14.65 22.07 14.07
CA PHE C 345 14.36 21.92 15.49
C PHE C 345 14.16 23.28 16.16
N GLN C 346 14.94 24.28 15.71
CA GLN C 346 14.86 25.62 16.27
C GLN C 346 13.48 26.18 15.97
N LEU C 347 13.05 26.07 14.70
CA LEU C 347 11.83 26.70 14.28
C LEU C 347 10.68 26.10 15.06
N CYS C 348 10.77 24.81 15.41
CA CYS C 348 9.68 24.16 16.14
C CYS C 348 9.65 24.61 17.60
N SER C 349 10.78 25.18 18.05
CA SER C 349 10.95 25.60 19.44
C SER C 349 10.63 27.09 19.65
N ILE C 350 10.26 27.83 18.60
CA ILE C 350 9.82 29.22 18.70
C ILE C 350 8.54 29.30 19.54
N GLU C 351 8.47 30.33 20.40
CA GLU C 351 7.38 30.47 21.34
C GLU C 351 6.42 31.59 20.90
N VAL C 352 5.15 31.41 21.25
CA VAL C 352 4.08 32.38 21.09
C VAL C 352 3.24 32.37 22.37
N THR C 353 2.31 33.30 22.47
CA THR C 353 1.18 33.15 23.38
C THR C 353 -0.07 33.06 22.52
N CYS C 354 -1.20 32.72 23.14
CA CYS C 354 -2.43 32.65 22.38
C CYS C 354 -2.63 33.97 21.64
N GLU C 355 -2.36 35.06 22.34
CA GLU C 355 -2.71 36.37 21.84
C GLU C 355 -1.88 36.72 20.61
N SER C 356 -0.56 36.52 20.73
CA SER C 356 0.32 36.89 19.64
C SER C 356 0.12 35.98 18.42
N ALA C 357 -0.11 34.70 18.67
CA ALA C 357 -0.37 33.78 17.57
C ALA C 357 -1.70 34.10 16.87
N SER C 358 -2.69 34.60 17.63
CA SER C 358 -3.99 34.85 17.01
C SER C 358 -3.85 35.94 15.94
N VAL C 359 -2.88 36.85 16.16
CA VAL C 359 -2.57 37.93 15.22
C VAL C 359 -1.92 37.35 13.97
N MET C 360 -1.00 36.39 14.17
CA MET C 360 -0.40 35.69 13.06
C MET C 360 -1.48 35.06 12.18
N ALA C 361 -2.45 34.39 12.83
CA ALA C 361 -3.56 33.73 12.13
C ALA C 361 -4.40 34.78 11.39
N ALA C 362 -4.59 35.94 12.04
CA ALA C 362 -5.37 37.01 11.46
C ALA C 362 -4.70 37.57 10.21
N THR C 363 -3.37 37.58 10.19
CA THR C 363 -2.61 37.98 9.01
C THR C 363 -2.95 37.10 7.82
N LEU C 364 -3.02 35.77 8.07
CA LEU C 364 -3.39 34.79 7.05
C LEU C 364 -4.84 35.01 6.63
N ALA C 365 -5.70 35.40 7.62
CA ALA C 365 -7.11 35.68 7.38
C ALA C 365 -7.31 36.92 6.50
N ASN C 366 -6.26 37.76 6.45
CA ASN C 366 -6.37 39.12 5.96
C ASN C 366 -5.52 39.32 4.71
N GLY C 367 -5.30 38.23 3.94
CA GLY C 367 -4.66 38.34 2.63
C GLY C 367 -3.22 38.79 2.74
N GLY C 368 -2.64 38.63 3.93
CA GLY C 368 -1.21 38.78 4.13
C GLY C 368 -0.87 40.12 4.78
N PHE C 369 -1.90 40.90 5.15
CA PHE C 369 -1.69 42.16 5.85
C PHE C 369 -1.94 41.96 7.34
N CYS C 370 -0.96 42.36 8.15
CA CYS C 370 -1.14 42.24 9.58
C CYS C 370 -2.27 43.18 10.02
N PRO C 371 -3.37 42.69 10.62
CA PRO C 371 -4.53 43.54 10.90
C PRO C 371 -4.30 44.67 11.90
N ILE C 372 -3.30 44.54 12.79
CA ILE C 372 -3.17 45.51 13.87
C ILE C 372 -2.11 46.54 13.53
N THR C 373 -1.44 46.32 12.41
CA THR C 373 -0.40 47.26 12.03
C THR C 373 -0.62 47.73 10.61
N GLY C 374 -1.27 46.93 9.79
CA GLY C 374 -1.42 47.31 8.40
C GLY C 374 -0.19 47.02 7.51
N GLU C 375 0.82 46.35 8.07
CA GLU C 375 1.98 45.94 7.28
C GLU C 375 1.61 44.83 6.27
N ARG C 376 2.06 44.92 5.01
CA ARG C 376 1.99 43.78 4.08
C ARG C 376 3.07 42.77 4.47
N VAL C 377 2.69 41.56 4.91
CA VAL C 377 3.68 40.64 5.49
C VAL C 377 3.95 39.47 4.54
N LEU C 378 2.89 38.92 3.95
CA LEU C 378 3.03 37.80 3.04
C LEU C 378 2.28 38.17 1.75
N SER C 379 2.82 37.71 0.60
CA SER C 379 2.16 37.86 -0.69
C SER C 379 0.85 37.08 -0.67
N PRO C 380 -0.22 37.53 -1.38
CA PRO C 380 -1.48 36.78 -1.35
C PRO C 380 -1.37 35.37 -1.92
N GLU C 381 -0.38 35.17 -2.79
CA GLU C 381 -0.06 33.85 -3.34
C GLU C 381 0.35 32.89 -2.20
N ALA C 382 1.24 33.35 -1.33
CA ALA C 382 1.69 32.57 -0.18
C ALA C 382 0.54 32.34 0.79
N VAL C 383 -0.31 33.33 1.01
CA VAL C 383 -1.40 33.16 1.95
C VAL C 383 -2.41 32.13 1.42
N ARG C 384 -2.71 32.21 0.12
CA ARG C 384 -3.69 31.30 -0.47
C ARG C 384 -3.15 29.87 -0.40
N ASN C 385 -1.90 29.70 -0.82
CA ASN C 385 -1.32 28.37 -0.87
C ASN C 385 -1.35 27.77 0.52
N THR C 386 -1.02 28.59 1.53
CA THR C 386 -0.90 28.10 2.89
C THR C 386 -2.26 27.70 3.42
N LEU C 387 -3.27 28.53 3.19
CA LEU C 387 -4.63 28.24 3.61
C LEU C 387 -5.14 26.98 2.91
N SER C 388 -4.79 26.80 1.62
CA SER C 388 -5.19 25.62 0.86
C SER C 388 -4.71 24.34 1.56
N LEU C 389 -3.44 24.36 1.96
CA LEU C 389 -2.78 23.15 2.45
C LEU C 389 -3.09 22.96 3.92
N MET C 390 -3.48 24.05 4.62
CA MET C 390 -3.94 23.94 6.00
C MET C 390 -5.29 23.25 6.03
N HIS C 391 -6.12 23.56 5.03
CA HIS C 391 -7.43 22.94 4.89
C HIS C 391 -7.33 21.41 4.98
N SER C 392 -6.46 20.86 4.10
CA SER C 392 -6.49 19.47 3.66
C SER C 392 -5.45 18.61 4.38
N CYS C 393 -4.41 19.23 4.92
CA CYS C 393 -3.29 18.50 5.49
C CYS C 393 -2.95 19.00 6.89
N GLY C 394 -3.85 19.74 7.54
CA GLY C 394 -3.43 20.54 8.68
C GLY C 394 -3.40 19.82 10.01
N MET C 395 -4.14 18.72 10.09
CA MET C 395 -4.46 18.21 11.41
C MET C 395 -4.13 16.72 11.45
N TYR C 396 -3.02 16.38 10.78
CA TYR C 396 -2.50 15.01 10.74
C TYR C 396 -3.63 14.10 10.29
N ASP C 397 -3.85 12.98 11.00
CA ASP C 397 -4.83 11.97 10.60
C ASP C 397 -6.28 12.50 10.62
N PHE C 398 -6.48 13.60 11.34
CA PHE C 398 -7.84 14.08 11.48
C PHE C 398 -8.17 15.05 10.36
N SER C 399 -7.21 15.34 9.46
CA SER C 399 -7.36 16.41 8.48
C SER C 399 -8.65 16.27 7.68
N GLY C 400 -8.90 15.04 7.20
CA GLY C 400 -10.04 14.77 6.34
C GLY C 400 -11.35 15.02 7.08
N GLN C 401 -11.41 14.46 8.29
CA GLN C 401 -12.58 14.59 9.15
C GLN C 401 -12.78 16.06 9.48
N PHE C 402 -11.67 16.76 9.71
CA PHE C 402 -11.72 18.12 10.18
C PHE C 402 -12.20 19.02 9.04
N ALA C 403 -11.64 18.80 7.85
CA ALA C 403 -12.03 19.62 6.71
C ALA C 403 -13.53 19.42 6.44
N PHE C 404 -13.99 18.19 6.68
CA PHE C 404 -15.38 17.85 6.40
C PHE C 404 -16.31 18.52 7.39
N HIS C 405 -16.03 18.40 8.69
CA HIS C 405 -16.95 18.90 9.70
C HIS C 405 -16.74 20.37 10.05
N VAL C 406 -15.48 20.83 10.07
CA VAL C 406 -15.19 22.19 10.52
C VAL C 406 -14.99 23.10 9.30
N GLY C 407 -14.29 22.57 8.31
CA GLY C 407 -14.09 23.26 7.06
C GLY C 407 -13.34 24.58 7.23
N LEU C 408 -12.35 24.58 8.13
CA LEU C 408 -11.52 25.76 8.31
C LEU C 408 -10.06 25.37 8.11
N PRO C 409 -9.27 26.26 7.48
CA PRO C 409 -7.81 26.08 7.46
C PRO C 409 -7.32 26.14 8.90
N ALA C 410 -6.62 25.10 9.33
CA ALA C 410 -6.18 25.03 10.71
C ALA C 410 -4.89 24.24 10.76
N LYS C 411 -4.07 24.48 11.78
CA LYS C 411 -2.88 23.67 11.94
C LYS C 411 -2.70 23.38 13.41
N SER C 412 -2.38 22.12 13.71
CA SER C 412 -2.20 21.74 15.09
C SER C 412 -0.72 21.58 15.38
N GLY C 413 -0.43 21.55 16.68
CA GLY C 413 0.92 21.39 17.20
C GLY C 413 0.88 20.54 18.47
N VAL C 414 2.00 19.87 18.75
CA VAL C 414 2.05 18.87 19.80
C VAL C 414 2.05 19.51 21.19
N ALA C 415 2.27 20.82 21.25
CA ALA C 415 2.18 21.58 22.49
C ALA C 415 0.71 21.71 22.95
N GLY C 416 -0.20 21.51 22.00
CA GLY C 416 -1.63 21.66 22.22
C GLY C 416 -2.22 22.87 21.48
N GLY C 417 -1.47 23.43 20.53
CA GLY C 417 -1.88 24.60 19.80
C GLY C 417 -2.75 24.23 18.60
N ILE C 418 -3.67 25.13 18.24
CA ILE C 418 -4.40 25.05 16.98
C ILE C 418 -4.50 26.44 16.37
N LEU C 419 -3.70 26.69 15.35
CA LEU C 419 -3.73 27.93 14.60
C LEU C 419 -4.90 27.85 13.64
N LEU C 420 -5.86 28.78 13.77
CA LEU C 420 -7.13 28.66 13.06
C LEU C 420 -7.41 29.92 12.27
N VAL C 421 -7.85 29.74 11.03
CA VAL C 421 -8.16 30.89 10.22
C VAL C 421 -9.58 30.77 9.72
N VAL C 422 -10.35 31.85 9.87
CA VAL C 422 -11.60 31.99 9.16
C VAL C 422 -11.40 33.09 8.15
N PRO C 423 -11.11 32.73 6.88
CA PRO C 423 -10.78 33.72 5.85
C PRO C 423 -11.79 34.87 5.83
N ASN C 424 -11.24 36.10 5.84
CA ASN C 424 -12.04 37.30 5.66
C ASN C 424 -12.78 37.65 6.94
N VAL C 425 -12.49 36.93 8.03
CA VAL C 425 -13.16 37.22 9.30
C VAL C 425 -12.16 37.41 10.42
N MET C 426 -11.41 36.36 10.74
CA MET C 426 -10.57 36.40 11.94
C MET C 426 -9.54 35.28 11.93
N GLY C 427 -8.52 35.46 12.79
CA GLY C 427 -7.55 34.43 13.14
C GLY C 427 -7.73 34.07 14.61
N MET C 428 -7.39 32.83 14.96
CA MET C 428 -7.51 32.38 16.34
C MET C 428 -6.35 31.49 16.68
N MET C 429 -6.10 31.41 17.99
CA MET C 429 -5.20 30.39 18.49
C MET C 429 -5.84 29.80 19.74
N CYS C 430 -6.01 28.48 19.71
CA CYS C 430 -6.54 27.73 20.84
C CYS C 430 -5.42 26.86 21.38
N TRP C 431 -5.34 26.80 22.69
CA TRP C 431 -4.24 26.07 23.28
C TRP C 431 -4.72 25.33 24.52
N SER C 432 -4.54 24.00 24.50
CA SER C 432 -4.73 23.15 25.66
C SER C 432 -3.76 21.98 25.53
N PRO C 433 -2.79 21.76 26.46
CA PRO C 433 -1.73 20.77 26.25
C PRO C 433 -2.17 19.33 25.97
N PRO C 434 -3.27 18.83 26.60
CA PRO C 434 -3.76 17.47 26.39
C PRO C 434 -4.13 17.20 24.94
N LEU C 435 -3.48 16.20 24.32
CA LEU C 435 -3.78 15.84 22.94
C LEU C 435 -4.67 14.60 22.87
N ASP C 436 -5.45 14.50 21.78
CA ASP C 436 -6.24 13.31 21.50
C ASP C 436 -5.34 12.26 20.88
N LYS C 437 -5.95 11.11 20.54
CA LYS C 437 -5.32 9.92 19.97
C LYS C 437 -4.41 10.29 18.78
N MET C 438 -4.78 11.35 18.05
CA MET C 438 -4.17 11.64 16.76
C MET C 438 -3.18 12.80 16.86
N GLY C 439 -3.12 13.45 18.04
CA GLY C 439 -2.09 14.45 18.31
C GLY C 439 -2.59 15.89 18.28
N ASN C 440 -3.92 16.03 18.31
CA ASN C 440 -4.58 17.33 18.26
C ASN C 440 -5.13 17.66 19.65
N SER C 441 -5.02 18.93 20.04
CA SER C 441 -5.55 19.39 21.32
C SER C 441 -7.01 18.98 21.44
N VAL C 442 -7.33 18.28 22.53
CA VAL C 442 -8.70 17.84 22.75
C VAL C 442 -9.63 19.04 22.73
N LYS C 443 -9.35 20.01 23.62
CA LYS C 443 -10.26 21.12 23.83
C LYS C 443 -10.32 21.97 22.57
N GLY C 444 -9.16 22.12 21.92
CA GLY C 444 -9.04 22.84 20.66
C GLY C 444 -10.01 22.27 19.62
N ILE C 445 -9.99 20.95 19.47
CA ILE C 445 -10.79 20.29 18.45
C ILE C 445 -12.28 20.43 18.82
N HIS C 446 -12.61 20.31 20.12
CA HIS C 446 -13.98 20.43 20.59
C HIS C 446 -14.53 21.83 20.29
N PHE C 447 -13.70 22.85 20.56
CA PHE C 447 -14.04 24.24 20.34
C PHE C 447 -14.23 24.51 18.85
N CYS C 448 -13.35 24.01 17.99
CA CYS C 448 -13.47 24.20 16.56
C CYS C 448 -14.80 23.67 16.03
N HIS C 449 -15.19 22.50 16.50
CA HIS C 449 -16.50 21.95 16.15
C HIS C 449 -17.63 22.88 16.57
N ASP C 450 -17.61 23.29 17.85
CA ASP C 450 -18.65 24.15 18.41
C ASP C 450 -18.73 25.44 17.62
N LEU C 451 -17.57 26.01 17.27
CA LEU C 451 -17.54 27.32 16.66
C LEU C 451 -18.34 27.25 15.37
N VAL C 452 -18.10 26.19 14.60
CA VAL C 452 -18.70 26.07 13.28
C VAL C 452 -20.16 25.61 13.41
N SER C 453 -20.50 24.91 14.50
CA SER C 453 -21.90 24.62 14.81
C SER C 453 -22.67 25.90 14.98
N LEU C 454 -22.03 26.87 15.66
CA LEU C 454 -22.69 28.10 16.06
C LEU C 454 -22.77 29.09 14.92
N CYS C 455 -21.67 29.28 14.18
CA CYS C 455 -21.61 30.36 13.20
C CYS C 455 -21.38 29.78 11.81
N ASN C 456 -21.83 30.51 10.79
CA ASN C 456 -21.78 30.03 9.42
C ASN C 456 -20.39 30.26 8.81
N PHE C 457 -19.38 29.72 9.47
CA PHE C 457 -18.00 30.03 9.12
C PHE C 457 -17.35 28.97 8.23
N HIS C 458 -17.93 27.75 8.24
CA HIS C 458 -17.42 26.59 7.53
C HIS C 458 -17.23 26.96 6.05
N ASN C 459 -16.05 26.62 5.48
CA ASN C 459 -15.62 26.99 4.11
C ASN C 459 -16.74 26.82 3.08
N TYR C 460 -17.62 25.83 3.23
CA TYR C 460 -18.71 25.61 2.28
C TYR C 460 -20.08 25.78 2.92
N ASP C 461 -20.23 26.82 3.75
CA ASP C 461 -21.49 27.22 4.35
C ASP C 461 -22.07 28.32 3.48
N ASN C 462 -23.40 28.48 3.49
CA ASN C 462 -23.98 29.54 2.67
C ASN C 462 -24.16 30.84 3.48
N LEU C 463 -23.81 31.97 2.86
CA LEU C 463 -23.87 33.27 3.49
C LEU C 463 -25.29 33.83 3.48
N ARG C 464 -26.22 33.21 2.73
CA ARG C 464 -27.58 33.69 2.63
C ARG C 464 -28.53 32.72 3.34
N HIS C 465 -28.35 31.41 3.12
CA HIS C 465 -29.24 30.44 3.73
C HIS C 465 -28.42 29.48 4.59
N PHE C 466 -28.55 29.64 5.90
CA PHE C 466 -27.78 28.85 6.83
C PHE C 466 -28.58 28.52 8.07
N ALA C 467 -29.90 28.39 7.91
CA ALA C 467 -30.75 27.81 8.96
C ALA C 467 -30.55 28.49 10.33
N LYS C 468 -30.25 27.66 11.33
CA LYS C 468 -30.31 28.10 12.70
C LYS C 468 -28.95 28.67 13.12
N LYS C 469 -27.99 28.78 12.18
CA LYS C 469 -26.66 29.29 12.51
C LYS C 469 -26.73 30.81 12.72
N LEU C 470 -25.89 31.34 13.61
CA LEU C 470 -25.66 32.78 13.77
C LEU C 470 -24.62 33.24 12.75
N ASP C 471 -24.80 34.46 12.19
CA ASP C 471 -23.81 35.02 11.29
C ASP C 471 -23.27 36.32 11.87
N PRO C 472 -22.08 36.31 12.50
CA PRO C 472 -21.52 37.48 13.16
C PRO C 472 -21.13 38.66 12.28
N ARG C 473 -21.18 38.48 10.96
CA ARG C 473 -20.86 39.61 10.10
C ARG C 473 -22.08 40.49 9.87
N ARG C 474 -23.26 40.01 10.30
CA ARG C 474 -24.54 40.69 10.11
C ARG C 474 -25.00 41.30 11.45
N GLU C 475 -25.92 42.27 11.36
CA GLU C 475 -26.41 43.05 12.49
C GLU C 475 -26.16 44.52 12.17
N GLY C 476 -25.37 45.22 13.00
CA GLY C 476 -25.01 46.62 12.77
C GLY C 476 -25.22 47.06 11.33
N PRO D 67 -44.03 58.23 -1.38
CA PRO D 67 -42.84 57.78 -2.13
C PRO D 67 -42.99 56.34 -2.70
N SER D 68 -43.01 56.17 -4.04
CA SER D 68 -43.64 55.02 -4.67
C SER D 68 -42.64 53.95 -5.15
N LEU D 69 -42.75 52.71 -4.61
CA LEU D 69 -41.72 51.70 -4.90
C LEU D 69 -41.66 51.48 -6.41
N GLU D 70 -42.87 51.45 -7.03
CA GLU D 70 -42.99 51.16 -8.43
C GLU D 70 -42.57 52.39 -9.24
N ASP D 71 -43.09 53.55 -8.84
CA ASP D 71 -42.98 54.78 -9.63
C ASP D 71 -41.50 55.18 -9.60
N LEU D 72 -40.89 54.95 -8.43
CA LEU D 72 -39.46 55.15 -8.21
C LEU D 72 -38.68 54.41 -9.32
N LEU D 73 -38.96 53.11 -9.50
CA LEU D 73 -38.29 52.31 -10.52
C LEU D 73 -38.68 52.82 -11.92
N PHE D 74 -39.93 53.31 -12.07
CA PHE D 74 -40.39 53.83 -13.35
C PHE D 74 -39.51 54.99 -13.77
N TYR D 75 -39.24 55.88 -12.81
CA TYR D 75 -38.41 57.04 -13.10
C TYR D 75 -37.03 56.56 -13.54
N THR D 76 -36.52 55.56 -12.79
CA THR D 76 -35.19 55.04 -13.03
C THR D 76 -35.08 54.49 -14.45
N ILE D 77 -36.10 53.71 -14.87
CA ILE D 77 -36.08 53.07 -16.18
C ILE D 77 -36.37 54.13 -17.24
N ALA D 78 -37.26 55.08 -16.88
CA ALA D 78 -37.80 56.08 -17.79
C ALA D 78 -36.65 56.91 -18.38
N GLU D 79 -35.79 57.45 -17.50
CA GLU D 79 -34.68 58.30 -17.90
C GLU D 79 -35.25 59.56 -18.57
N GLY D 80 -36.27 60.13 -17.92
CA GLY D 80 -36.87 61.40 -18.32
C GLY D 80 -38.12 61.24 -19.19
N GLN D 81 -37.90 61.04 -20.50
CA GLN D 81 -38.94 61.06 -21.52
C GLN D 81 -40.08 60.13 -21.08
N GLU D 82 -41.24 60.72 -20.72
CA GLU D 82 -42.40 60.02 -20.12
C GLU D 82 -42.97 58.97 -21.05
N LYS D 83 -43.00 57.71 -20.58
CA LYS D 83 -43.47 56.54 -21.31
C LYS D 83 -42.28 55.68 -21.78
N ILE D 84 -41.90 54.68 -20.95
CA ILE D 84 -40.85 53.73 -21.26
C ILE D 84 -41.34 52.78 -22.36
N PRO D 85 -40.79 52.82 -23.60
CA PRO D 85 -41.12 51.84 -24.64
C PRO D 85 -40.90 50.42 -24.16
N VAL D 86 -41.62 49.47 -24.78
CA VAL D 86 -41.56 48.05 -24.46
C VAL D 86 -40.13 47.53 -24.61
N HIS D 87 -39.60 47.70 -25.85
CA HIS D 87 -38.29 47.25 -26.28
C HIS D 87 -37.23 47.66 -25.25
N LYS D 88 -37.34 48.94 -24.89
CA LYS D 88 -36.36 49.58 -24.04
C LYS D 88 -36.43 48.96 -22.65
N PHE D 89 -37.62 48.60 -22.17
CA PHE D 89 -37.70 48.01 -20.85
C PHE D 89 -37.13 46.61 -20.88
N ILE D 90 -37.38 45.92 -22.00
CA ILE D 90 -36.93 44.54 -22.13
C ILE D 90 -35.40 44.50 -22.23
N THR D 91 -34.84 45.42 -23.00
CA THR D 91 -33.40 45.45 -23.15
C THR D 91 -32.73 45.81 -21.81
N ALA D 92 -33.31 46.75 -21.06
CA ALA D 92 -32.83 47.10 -19.73
C ALA D 92 -32.88 45.89 -18.79
N LEU D 93 -33.94 45.08 -18.91
CA LEU D 93 -34.13 43.96 -18.03
C LEU D 93 -33.08 42.88 -18.33
N LYS D 94 -32.89 42.60 -19.62
CA LYS D 94 -31.97 41.55 -20.09
C LYS D 94 -30.54 41.86 -19.66
N SER D 95 -30.22 43.15 -19.59
CA SER D 95 -28.86 43.56 -19.29
C SER D 95 -28.54 43.39 -17.82
N THR D 96 -29.56 43.22 -16.97
CA THR D 96 -29.27 42.93 -15.57
C THR D 96 -28.82 41.48 -15.42
N GLY D 97 -28.93 40.74 -16.53
CA GLY D 97 -28.57 39.34 -16.58
C GLY D 97 -29.77 38.41 -16.47
N LEU D 98 -30.92 38.96 -16.06
CA LEU D 98 -32.14 38.18 -15.91
C LEU D 98 -32.61 37.78 -17.31
N ARG D 99 -33.22 36.60 -17.46
CA ARG D 99 -33.87 36.20 -18.71
C ARG D 99 -35.35 36.51 -18.55
N THR D 100 -36.03 36.90 -19.64
CA THR D 100 -37.41 37.36 -19.57
C THR D 100 -38.29 36.20 -19.17
N SER D 101 -37.74 35.00 -19.33
CA SER D 101 -38.42 33.76 -19.01
C SER D 101 -38.17 33.35 -17.56
N ASP D 102 -37.65 34.27 -16.75
CA ASP D 102 -37.47 33.96 -15.33
C ASP D 102 -38.83 33.59 -14.72
N PRO D 103 -38.92 32.40 -14.07
CA PRO D 103 -40.12 32.04 -13.32
C PRO D 103 -40.57 33.08 -12.30
N ARG D 104 -39.62 33.84 -11.72
CA ARG D 104 -39.99 34.82 -10.70
C ARG D 104 -40.53 36.11 -11.34
N LEU D 105 -40.50 36.16 -12.68
CA LEU D 105 -40.97 37.32 -13.42
C LEU D 105 -42.25 36.99 -14.16
N LYS D 106 -42.90 35.84 -13.88
CA LYS D 106 -44.04 35.36 -14.66
C LYS D 106 -45.16 36.40 -14.69
N GLU D 107 -45.57 36.87 -13.50
CA GLU D 107 -46.67 37.82 -13.35
C GLU D 107 -46.42 39.05 -14.23
N CYS D 108 -45.21 39.60 -14.14
CA CYS D 108 -44.83 40.80 -14.84
C CYS D 108 -44.92 40.56 -16.34
N MET D 109 -44.40 39.42 -16.78
CA MET D 109 -44.31 39.19 -18.21
C MET D 109 -45.69 38.85 -18.77
N ASP D 110 -46.54 38.21 -17.96
CA ASP D 110 -47.91 37.91 -18.33
C ASP D 110 -48.67 39.22 -18.57
N MET D 111 -48.41 40.19 -17.70
CA MET D 111 -49.08 41.48 -17.72
C MET D 111 -48.62 42.32 -18.90
N LEU D 112 -47.36 42.18 -19.27
CA LEU D 112 -46.83 42.86 -20.44
C LEU D 112 -47.39 42.20 -21.70
N ARG D 113 -47.60 40.88 -21.66
CA ARG D 113 -48.13 40.19 -22.83
C ARG D 113 -49.59 40.61 -23.04
N LEU D 114 -50.33 40.72 -21.94
CA LEU D 114 -51.72 41.18 -21.95
C LEU D 114 -51.76 42.56 -22.59
N THR D 115 -50.99 43.49 -22.02
CA THR D 115 -50.95 44.87 -22.46
C THR D 115 -50.54 44.94 -23.94
N LEU D 116 -49.65 44.06 -24.37
CA LEU D 116 -49.16 44.04 -25.74
C LEU D 116 -50.23 43.49 -26.68
N GLN D 117 -51.36 42.99 -26.14
CA GLN D 117 -52.52 42.60 -26.93
C GLN D 117 -53.46 43.79 -27.14
N THR D 118 -53.59 44.67 -26.13
CA THR D 118 -54.62 45.70 -26.04
C THR D 118 -54.45 46.81 -27.09
N THR D 119 -53.32 46.79 -27.81
CA THR D 119 -53.03 47.75 -28.85
C THR D 119 -52.26 47.05 -29.98
N SER D 120 -51.87 47.82 -31.01
CA SER D 120 -50.95 47.39 -32.05
C SER D 120 -50.04 48.56 -32.44
N VAL D 123 -46.69 49.75 -27.95
CA VAL D 123 -46.23 51.17 -27.80
C VAL D 123 -45.51 51.32 -26.46
N MET D 124 -45.69 52.48 -25.81
CA MET D 124 -45.00 52.82 -24.56
C MET D 124 -45.86 52.43 -23.38
N LEU D 125 -45.42 52.80 -22.15
CA LEU D 125 -46.18 52.51 -20.92
C LEU D 125 -46.17 53.72 -19.96
N ASP D 126 -47.37 54.12 -19.54
CA ASP D 126 -47.59 55.22 -18.60
C ASP D 126 -46.93 54.82 -17.28
N LYS D 127 -46.63 55.79 -16.41
CA LYS D 127 -46.17 55.44 -15.08
C LYS D 127 -47.23 54.59 -14.40
N ASP D 128 -48.42 54.56 -15.01
CA ASP D 128 -49.57 53.88 -14.45
C ASP D 128 -49.62 52.47 -14.99
N LEU D 129 -49.37 52.36 -16.30
CA LEU D 129 -49.33 51.09 -17.01
C LEU D 129 -48.12 50.27 -16.58
N PHE D 130 -46.96 50.94 -16.47
CA PHE D 130 -45.77 50.27 -15.99
C PHE D 130 -46.06 49.69 -14.61
N LYS D 131 -46.64 50.52 -13.71
CA LYS D 131 -46.97 50.07 -12.36
C LYS D 131 -47.87 48.83 -12.43
N LYS D 132 -48.78 48.82 -13.40
CA LYS D 132 -49.70 47.71 -13.59
C LYS D 132 -48.93 46.42 -13.83
N CYS D 133 -47.84 46.49 -14.59
CA CYS D 133 -47.11 45.30 -14.98
C CYS D 133 -46.18 44.81 -13.88
N VAL D 134 -45.49 45.75 -13.24
CA VAL D 134 -44.33 45.39 -12.46
C VAL D 134 -44.71 45.28 -10.99
N GLN D 135 -45.94 45.61 -10.62
CA GLN D 135 -46.32 45.69 -9.21
C GLN D 135 -46.03 44.36 -8.54
N SER D 136 -46.36 43.29 -9.27
CA SER D 136 -46.35 41.92 -8.79
C SER D 136 -44.95 41.48 -8.40
N ASN D 137 -43.94 41.95 -9.16
CA ASN D 137 -42.56 41.51 -9.08
C ASN D 137 -41.61 42.67 -8.76
N ILE D 138 -42.08 43.69 -8.02
CA ILE D 138 -41.35 44.96 -7.98
C ILE D 138 -40.06 44.80 -7.20
N VAL D 139 -40.13 43.99 -6.14
CA VAL D 139 -39.01 43.72 -5.25
C VAL D 139 -37.81 43.26 -6.09
N LEU D 140 -38.03 42.18 -6.85
CA LEU D 140 -36.97 41.51 -7.59
C LEU D 140 -36.45 42.42 -8.70
N LEU D 141 -37.38 43.08 -9.40
CA LEU D 141 -37.03 43.92 -10.53
C LEU D 141 -36.22 45.13 -10.05
N THR D 142 -36.51 45.60 -8.82
CA THR D 142 -35.80 46.74 -8.25
C THR D 142 -34.36 46.31 -7.99
N GLN D 143 -34.19 45.19 -7.29
CA GLN D 143 -32.87 44.68 -6.95
C GLN D 143 -32.04 44.60 -8.22
N ALA D 144 -32.65 44.06 -9.29
CA ALA D 144 -31.96 43.89 -10.56
C ALA D 144 -31.51 45.23 -11.12
N PHE D 145 -32.40 46.22 -11.06
CA PHE D 145 -32.18 47.47 -11.76
C PHE D 145 -31.33 48.43 -10.93
N ARG D 146 -31.44 48.33 -9.59
CA ARG D 146 -30.67 49.12 -8.64
C ARG D 146 -29.34 48.43 -8.34
N ARG D 147 -28.88 47.60 -9.30
CA ARG D 147 -27.57 46.96 -9.41
C ARG D 147 -27.19 46.30 -8.08
N LYS D 148 -28.15 45.62 -7.43
CA LYS D 148 -27.96 45.05 -6.10
C LYS D 148 -27.53 43.58 -6.20
N PHE D 149 -27.58 42.98 -7.42
CA PHE D 149 -27.31 41.55 -7.65
C PHE D 149 -25.85 41.18 -7.42
N VAL D 150 -25.59 39.89 -7.22
CA VAL D 150 -24.32 39.42 -6.70
C VAL D 150 -23.20 39.93 -7.59
N ILE D 151 -23.47 39.95 -8.90
CA ILE D 151 -22.54 40.55 -9.86
C ILE D 151 -23.24 41.76 -10.45
N PRO D 152 -22.93 42.99 -9.98
CA PRO D 152 -23.65 44.18 -10.42
C PRO D 152 -23.44 44.45 -11.91
N ASP D 153 -22.18 44.46 -12.36
CA ASP D 153 -21.94 44.77 -13.75
C ASP D 153 -21.84 43.45 -14.53
N PHE D 154 -23.00 42.84 -14.73
CA PHE D 154 -23.07 41.51 -15.29
C PHE D 154 -22.70 41.53 -16.78
N MET D 155 -22.96 42.66 -17.46
CA MET D 155 -22.67 42.76 -18.87
C MET D 155 -21.17 42.64 -19.09
N SER D 156 -20.41 43.34 -18.25
CA SER D 156 -18.96 43.29 -18.34
C SER D 156 -18.47 41.87 -18.06
N PHE D 157 -19.08 41.23 -17.07
CA PHE D 157 -18.65 39.93 -16.59
C PHE D 157 -18.79 38.89 -17.69
N THR D 158 -19.92 38.96 -18.42
CA THR D 158 -20.15 37.96 -19.45
C THR D 158 -19.14 38.14 -20.58
N SER D 159 -18.70 39.39 -20.79
CA SER D 159 -17.63 39.67 -21.73
C SER D 159 -16.40 38.84 -21.37
N HIS D 160 -16.11 38.77 -20.06
CA HIS D 160 -14.97 38.03 -19.54
C HIS D 160 -15.17 36.52 -19.69
N ILE D 161 -16.38 36.04 -19.39
CA ILE D 161 -16.70 34.64 -19.57
C ILE D 161 -16.49 34.22 -21.03
N ASP D 162 -16.80 35.13 -21.96
CA ASP D 162 -16.67 34.90 -23.38
C ASP D 162 -15.18 34.80 -23.75
N GLU D 163 -14.37 35.73 -23.24
CA GLU D 163 -12.93 35.64 -23.45
C GLU D 163 -12.42 34.28 -22.93
N LEU D 164 -12.83 33.87 -21.71
CA LEU D 164 -12.37 32.63 -21.10
C LEU D 164 -12.79 31.46 -21.97
N TYR D 165 -14.03 31.54 -22.48
CA TYR D 165 -14.58 30.53 -23.38
C TYR D 165 -13.70 30.39 -24.62
N GLU D 166 -13.41 31.51 -25.30
CA GLU D 166 -12.66 31.51 -26.55
C GLU D 166 -11.24 30.96 -26.32
N SER D 167 -10.66 31.33 -25.18
CA SER D 167 -9.32 30.91 -24.86
C SER D 167 -9.29 29.38 -24.68
N ALA D 168 -10.26 28.83 -23.95
CA ALA D 168 -10.32 27.38 -23.73
C ALA D 168 -10.66 26.66 -25.02
N LYS D 169 -11.30 27.38 -25.96
CA LYS D 169 -11.74 26.79 -27.22
C LYS D 169 -10.53 26.29 -28.01
N LYS D 170 -9.40 26.98 -27.85
CA LYS D 170 -8.20 26.75 -28.64
C LYS D 170 -7.46 25.51 -28.14
N GLN D 171 -7.93 24.89 -27.06
CA GLN D 171 -7.28 23.70 -26.53
C GLN D 171 -7.90 22.44 -27.14
N SER D 172 -7.23 21.94 -28.18
CA SER D 172 -7.78 20.91 -29.04
C SER D 172 -7.36 19.52 -28.60
N GLY D 173 -6.52 19.42 -27.56
CA GLY D 173 -6.09 18.12 -27.01
C GLY D 173 -7.25 17.30 -26.45
N GLY D 174 -6.97 16.03 -26.08
CA GLY D 174 -7.94 15.22 -25.36
C GLY D 174 -8.60 14.15 -26.22
N LYS D 175 -9.14 13.09 -25.57
CA LYS D 175 -9.75 11.96 -26.26
C LYS D 175 -11.18 11.75 -25.78
N VAL D 176 -12.10 11.64 -26.75
CA VAL D 176 -13.50 11.46 -26.45
C VAL D 176 -13.70 10.05 -25.90
N ALA D 177 -14.44 9.93 -24.80
CA ALA D 177 -14.76 8.64 -24.23
C ALA D 177 -15.41 7.77 -25.30
N ASP D 178 -14.78 6.63 -25.60
CA ASP D 178 -15.28 5.73 -26.64
C ASP D 178 -15.69 4.41 -26.00
N TYR D 179 -15.77 4.36 -24.65
CA TYR D 179 -16.11 3.11 -23.99
C TYR D 179 -17.58 2.74 -24.21
N ILE D 180 -18.40 3.76 -24.48
CA ILE D 180 -19.76 3.56 -24.96
C ILE D 180 -19.83 4.21 -26.33
N PRO D 181 -20.40 3.54 -27.37
CA PRO D 181 -20.64 4.17 -28.67
C PRO D 181 -21.50 5.44 -28.62
N GLN D 182 -22.29 5.60 -27.55
CA GLN D 182 -23.16 6.75 -27.32
C GLN D 182 -22.32 8.00 -27.01
N LEU D 183 -21.24 7.79 -26.24
CA LEU D 183 -20.34 8.87 -25.85
C LEU D 183 -19.41 9.17 -27.03
N ALA D 184 -19.11 8.13 -27.82
CA ALA D 184 -18.23 8.21 -28.98
C ALA D 184 -18.91 8.92 -30.16
N LYS D 185 -20.26 9.00 -30.14
CA LYS D 185 -21.02 9.69 -31.19
C LYS D 185 -20.78 11.20 -31.17
N PHE D 186 -20.43 11.76 -30.00
CA PHE D 186 -20.29 13.21 -29.85
C PHE D 186 -19.04 13.74 -30.54
N SER D 187 -19.18 14.93 -31.13
CA SER D 187 -18.09 15.62 -31.81
C SER D 187 -17.11 16.20 -30.81
N PRO D 188 -15.78 15.99 -30.98
CA PRO D 188 -14.79 16.71 -30.19
C PRO D 188 -14.81 18.23 -30.28
N ASP D 189 -15.61 18.80 -31.19
CA ASP D 189 -15.65 20.25 -31.36
C ASP D 189 -16.66 20.94 -30.45
N LEU D 190 -17.58 20.16 -29.86
CA LEU D 190 -18.56 20.68 -28.94
C LEU D 190 -17.86 21.25 -27.72
N TRP D 191 -18.33 22.44 -27.31
CA TRP D 191 -17.75 23.18 -26.19
C TRP D 191 -18.74 24.26 -25.77
N GLY D 192 -19.29 24.09 -24.57
CA GLY D 192 -20.28 25.04 -24.08
C GLY D 192 -20.04 25.41 -22.62
N VAL D 193 -20.42 26.63 -22.26
CA VAL D 193 -20.26 27.11 -20.91
C VAL D 193 -21.49 27.90 -20.56
N SER D 194 -22.13 27.52 -19.46
CA SER D 194 -23.29 28.24 -18.97
C SER D 194 -23.02 28.75 -17.56
N VAL D 195 -23.47 29.98 -17.33
CA VAL D 195 -23.40 30.60 -16.03
C VAL D 195 -24.82 30.80 -15.51
N CYS D 196 -25.03 30.49 -14.23
CA CYS D 196 -26.20 30.98 -13.52
C CYS D 196 -25.76 31.50 -12.15
N THR D 197 -25.97 32.80 -11.86
CA THR D 197 -25.60 33.35 -10.55
C THR D 197 -26.66 33.03 -9.51
N VAL D 198 -26.31 33.32 -8.25
CA VAL D 198 -27.19 32.95 -7.15
C VAL D 198 -28.43 33.85 -7.19
N ASP D 199 -28.43 34.84 -8.09
CA ASP D 199 -29.55 35.77 -8.23
C ASP D 199 -30.33 35.48 -9.53
N GLY D 200 -29.87 34.49 -10.29
CA GLY D 200 -30.63 34.09 -11.46
C GLY D 200 -30.15 34.79 -12.73
N GLN D 201 -29.07 35.56 -12.63
CA GLN D 201 -28.48 36.14 -13.82
C GLN D 201 -27.81 35.04 -14.65
N ARG D 202 -28.07 35.05 -15.97
CA ARG D 202 -27.66 33.93 -16.81
C ARG D 202 -26.77 34.42 -17.95
N HIS D 203 -25.89 33.51 -18.40
CA HIS D 203 -25.14 33.75 -19.60
C HIS D 203 -24.64 32.42 -20.16
N SER D 204 -24.55 32.35 -21.50
CA SER D 204 -24.10 31.12 -22.15
C SER D 204 -23.21 31.49 -23.32
N THR D 205 -22.30 30.57 -23.65
CA THR D 205 -21.54 30.67 -24.87
C THR D 205 -21.28 29.27 -25.38
N GLY D 206 -21.35 29.11 -26.72
CA GLY D 206 -21.09 27.85 -27.38
C GLY D 206 -22.27 26.91 -27.25
N ASP D 207 -21.98 25.61 -27.28
CA ASP D 207 -23.00 24.60 -27.49
C ASP D 207 -23.68 24.23 -26.16
N THR D 208 -24.50 25.15 -25.67
CA THR D 208 -24.99 25.06 -24.31
C THR D 208 -26.39 24.46 -24.26
N LYS D 209 -27.00 24.18 -25.43
CA LYS D 209 -28.36 23.65 -25.45
C LYS D 209 -28.36 22.21 -26.00
N VAL D 210 -27.18 21.63 -26.16
CA VAL D 210 -27.05 20.25 -26.62
C VAL D 210 -27.10 19.35 -25.40
N PRO D 211 -28.03 18.38 -25.37
CA PRO D 211 -28.13 17.43 -24.27
C PRO D 211 -26.93 16.48 -24.29
N PHE D 212 -26.43 16.19 -23.08
CA PHE D 212 -25.43 15.16 -22.81
C PHE D 212 -25.68 14.55 -21.43
N CYS D 213 -25.10 13.37 -21.19
CA CYS D 213 -25.34 12.69 -19.93
C CYS D 213 -24.45 13.25 -18.81
N LEU D 214 -25.03 13.35 -17.62
CA LEU D 214 -24.27 13.80 -16.47
C LEU D 214 -23.08 12.84 -16.25
N GLN D 215 -23.36 11.53 -16.33
CA GLN D 215 -22.44 10.50 -15.88
C GLN D 215 -22.09 10.80 -14.42
N SER D 216 -20.79 10.92 -14.10
CA SER D 216 -20.36 11.06 -12.72
C SER D 216 -20.74 12.41 -12.12
N CYS D 217 -21.11 13.38 -12.95
CA CYS D 217 -21.61 14.67 -12.47
C CYS D 217 -22.85 14.45 -11.60
N VAL D 218 -23.50 13.30 -11.76
CA VAL D 218 -24.75 13.03 -11.07
C VAL D 218 -24.45 12.62 -9.62
N LYS D 219 -23.20 12.24 -9.35
CA LYS D 219 -22.86 11.62 -8.08
C LYS D 219 -23.13 12.59 -6.94
N PRO D 220 -22.66 13.87 -7.02
CA PRO D 220 -22.93 14.83 -5.94
C PRO D 220 -24.41 15.11 -5.80
N LEU D 221 -25.14 15.06 -6.92
CA LEU D 221 -26.56 15.40 -6.91
C LEU D 221 -27.31 14.32 -6.13
N LYS D 222 -27.04 13.05 -6.44
CA LYS D 222 -27.70 11.96 -5.73
C LYS D 222 -27.28 11.94 -4.25
N TYR D 223 -26.01 12.27 -3.98
CA TYR D 223 -25.53 12.33 -2.62
C TYR D 223 -26.32 13.39 -1.85
N ALA D 224 -26.54 14.54 -2.49
CA ALA D 224 -27.22 15.63 -1.83
C ALA D 224 -28.61 15.16 -1.47
N ILE D 225 -29.23 14.45 -2.40
CA ILE D 225 -30.58 13.97 -2.19
C ILE D 225 -30.59 13.04 -0.98
N ALA D 226 -29.59 12.14 -0.90
CA ALA D 226 -29.52 11.14 0.16
C ALA D 226 -29.34 11.82 1.53
N VAL D 227 -28.44 12.82 1.58
CA VAL D 227 -28.18 13.53 2.82
C VAL D 227 -29.38 14.40 3.16
N ASN D 228 -30.02 14.95 2.13
CA ASN D 228 -31.23 15.73 2.32
C ASN D 228 -32.30 14.87 3.01
N ASP D 229 -32.48 13.63 2.56
CA ASP D 229 -33.59 12.82 3.02
C ASP D 229 -33.26 12.08 4.30
N LEU D 230 -31.98 11.78 4.54
CA LEU D 230 -31.62 10.81 5.57
C LEU D 230 -30.74 11.46 6.63
N GLY D 231 -30.09 12.56 6.27
CA GLY D 231 -29.17 13.21 7.19
C GLY D 231 -27.75 12.70 7.04
N THR D 232 -26.80 13.52 7.47
CA THR D 232 -25.37 13.25 7.37
C THR D 232 -24.99 11.96 8.10
N GLU D 233 -25.49 11.82 9.32
CA GLU D 233 -25.04 10.79 10.24
C GLU D 233 -25.34 9.40 9.66
N TYR D 234 -26.57 9.25 9.17
CA TYR D 234 -26.96 7.96 8.62
C TYR D 234 -26.23 7.68 7.32
N VAL D 235 -26.14 8.68 6.43
CA VAL D 235 -25.57 8.38 5.13
C VAL D 235 -24.11 7.96 5.30
N HIS D 236 -23.43 8.55 6.29
CA HIS D 236 -22.01 8.31 6.44
C HIS D 236 -21.75 7.04 7.24
N ARG D 237 -22.81 6.31 7.58
CA ARG D 237 -22.61 4.95 8.06
C ARG D 237 -22.18 4.07 6.90
N TYR D 238 -22.56 4.45 5.69
CA TYR D 238 -22.40 3.58 4.55
C TYR D 238 -21.22 4.00 3.67
N VAL D 239 -20.85 5.30 3.72
CA VAL D 239 -19.85 5.83 2.81
C VAL D 239 -18.96 6.79 3.59
N GLY D 240 -17.66 6.77 3.26
CA GLY D 240 -16.68 7.57 3.97
C GLY D 240 -16.77 9.04 3.56
N LYS D 241 -15.84 9.87 4.05
CA LYS D 241 -15.93 11.30 3.78
C LYS D 241 -14.64 11.93 3.27
N GLU D 242 -13.64 11.13 2.89
CA GLU D 242 -12.34 11.70 2.53
C GLU D 242 -11.88 11.16 1.17
N PRO D 243 -10.89 11.80 0.51
CA PRO D 243 -10.32 11.26 -0.72
C PRO D 243 -9.46 10.02 -0.45
N SER D 244 -9.30 9.18 -1.47
CA SER D 244 -8.71 7.85 -1.31
C SER D 244 -7.20 7.96 -1.25
N GLY D 245 -6.62 8.82 -2.09
CA GLY D 245 -5.17 8.83 -2.28
C GLY D 245 -4.68 8.00 -3.47
N LEU D 246 -4.59 6.66 -3.34
CA LEU D 246 -4.11 5.88 -4.48
C LEU D 246 -5.16 5.86 -5.60
N ARG D 247 -4.71 6.14 -6.85
CA ARG D 247 -5.53 6.22 -8.06
C ARG D 247 -6.98 5.79 -7.76
N LYS D 250 -7.96 2.81 -7.16
CA LYS D 250 -7.77 1.36 -7.42
C LYS D 250 -8.62 0.49 -6.48
N LEU D 251 -8.64 0.77 -5.17
CA LEU D 251 -9.40 -0.05 -4.23
C LEU D 251 -10.86 0.40 -4.15
N PHE D 252 -11.73 -0.49 -3.71
CA PHE D 252 -13.15 -0.21 -3.57
C PHE D 252 -13.47 0.37 -2.19
N LEU D 253 -12.79 -0.15 -1.16
CA LEU D 253 -13.13 0.19 0.21
C LEU D 253 -11.89 0.72 0.93
N ASN D 254 -12.16 1.58 1.93
CA ASN D 254 -11.13 2.08 2.83
C ASN D 254 -10.97 1.07 3.96
N GLU D 255 -10.25 1.52 5.00
CA GLU D 255 -9.89 0.69 6.13
C GLU D 255 -11.12 0.27 6.94
N ASP D 256 -12.23 1.01 6.82
CA ASP D 256 -13.44 0.73 7.59
C ASP D 256 -14.42 -0.13 6.80
N ASP D 257 -14.00 -0.63 5.64
CA ASP D 257 -14.86 -1.43 4.77
C ASP D 257 -16.05 -0.63 4.22
N LYS D 258 -15.91 0.70 4.15
CA LYS D 258 -16.85 1.55 3.43
C LYS D 258 -16.12 2.08 2.21
N PRO D 259 -16.83 2.41 1.09
CA PRO D 259 -16.21 3.13 -0.02
C PRO D 259 -15.79 4.51 0.48
N HIS D 260 -14.73 5.05 -0.13
CA HIS D 260 -13.95 6.12 0.49
C HIS D 260 -14.77 7.39 0.71
N ASN D 261 -15.68 7.68 -0.24
CA ASN D 261 -16.48 8.90 -0.28
C ASN D 261 -17.55 8.74 -1.37
N PRO D 262 -18.60 9.58 -1.37
CA PRO D 262 -19.67 9.47 -2.36
C PRO D 262 -19.34 9.78 -3.83
N MET D 263 -18.14 10.29 -4.06
CA MET D 263 -17.79 10.72 -5.41
C MET D 263 -17.15 9.60 -6.20
N VAL D 264 -16.77 8.50 -5.54
CA VAL D 264 -16.14 7.38 -6.23
C VAL D 264 -17.21 6.37 -6.61
N ASN D 265 -16.92 5.52 -7.62
CA ASN D 265 -17.90 4.63 -8.19
C ASN D 265 -18.52 3.79 -7.08
N ALA D 266 -17.63 3.20 -6.28
CA ALA D 266 -18.04 2.32 -5.20
C ALA D 266 -18.98 3.06 -4.24
N GLY D 267 -18.63 4.33 -3.94
CA GLY D 267 -19.39 5.15 -3.00
C GLY D 267 -20.73 5.61 -3.56
N ALA D 268 -20.72 5.99 -4.84
CA ALA D 268 -21.92 6.42 -5.55
C ALA D 268 -22.91 5.26 -5.59
N ILE D 269 -22.40 4.05 -5.88
CA ILE D 269 -23.21 2.84 -5.92
C ILE D 269 -23.88 2.60 -4.56
N VAL D 270 -23.16 2.82 -3.46
CA VAL D 270 -23.76 2.67 -2.15
C VAL D 270 -24.78 3.78 -1.90
N VAL D 271 -24.44 5.03 -2.27
CA VAL D 271 -25.36 6.15 -2.08
C VAL D 271 -26.68 5.83 -2.78
N THR D 272 -26.54 5.28 -3.99
CA THR D 272 -27.69 4.93 -4.81
C THR D 272 -28.61 4.00 -4.03
N SER D 273 -28.04 3.15 -3.18
CA SER D 273 -28.87 2.16 -2.51
C SER D 273 -29.57 2.75 -1.30
N LEU D 274 -29.28 4.01 -0.94
CA LEU D 274 -29.91 4.63 0.23
C LEU D 274 -31.16 5.44 -0.14
N ILE D 275 -31.28 5.84 -1.41
CA ILE D 275 -32.34 6.73 -1.89
C ILE D 275 -33.61 5.93 -2.11
N LYS D 276 -34.70 6.38 -1.45
CA LYS D 276 -36.07 5.91 -1.68
C LYS D 276 -36.11 4.39 -1.56
N GLN D 277 -35.54 3.86 -0.47
CA GLN D 277 -35.55 2.41 -0.24
C GLN D 277 -37.01 1.98 -0.13
N GLY D 278 -37.32 0.80 -0.66
CA GLY D 278 -38.63 0.18 -0.44
C GLY D 278 -39.66 0.45 -1.54
N VAL D 279 -39.28 1.15 -2.62
CA VAL D 279 -40.06 1.24 -3.85
C VAL D 279 -39.25 0.69 -5.01
N ASN D 280 -39.91 0.46 -6.16
CA ASN D 280 -39.24 -0.11 -7.32
C ASN D 280 -38.42 0.97 -8.04
N ASN D 281 -37.57 0.53 -8.97
CA ASN D 281 -36.57 1.35 -9.65
C ASN D 281 -37.23 2.39 -10.55
N ALA D 282 -38.42 2.09 -11.07
CA ALA D 282 -39.22 3.01 -11.85
C ALA D 282 -39.57 4.25 -11.03
N GLU D 283 -40.03 4.02 -9.79
CA GLU D 283 -40.49 5.08 -8.92
C GLU D 283 -39.30 5.81 -8.31
N LYS D 284 -38.24 5.06 -7.97
CA LYS D 284 -37.02 5.62 -7.42
C LYS D 284 -36.48 6.65 -8.42
N PHE D 285 -36.49 6.26 -9.69
CA PHE D 285 -35.96 7.12 -10.71
C PHE D 285 -36.80 8.39 -10.84
N ASP D 286 -38.12 8.22 -10.77
CA ASP D 286 -39.07 9.35 -10.83
C ASP D 286 -38.79 10.30 -9.67
N TYR D 287 -38.51 9.74 -8.49
CA TYR D 287 -38.26 10.52 -7.31
C TYR D 287 -37.05 11.41 -7.52
N VAL D 288 -35.98 10.84 -8.10
CA VAL D 288 -34.74 11.57 -8.37
C VAL D 288 -34.96 12.65 -9.44
N MET D 289 -35.75 12.31 -10.47
CA MET D 289 -36.06 13.21 -11.56
C MET D 289 -36.79 14.45 -11.04
N GLN D 290 -37.81 14.22 -10.18
CA GLN D 290 -38.60 15.30 -9.60
C GLN D 290 -37.64 16.26 -8.88
N PHE D 291 -36.66 15.66 -8.21
CA PHE D 291 -35.74 16.39 -7.37
C PHE D 291 -34.81 17.21 -8.25
N LEU D 292 -34.30 16.55 -9.30
CA LEU D 292 -33.46 17.19 -10.30
C LEU D 292 -34.18 18.37 -10.97
N ASN D 293 -35.49 18.20 -11.21
CA ASN D 293 -36.29 19.25 -11.81
C ASN D 293 -36.30 20.49 -10.94
N LYS D 294 -36.54 20.30 -9.64
CA LYS D 294 -36.54 21.42 -8.72
C LYS D 294 -35.21 22.17 -8.83
N MET D 295 -34.10 21.41 -8.88
CA MET D 295 -32.76 22.00 -8.81
C MET D 295 -32.49 22.84 -10.04
N ALA D 296 -33.04 22.42 -11.18
CA ALA D 296 -32.76 23.05 -12.46
C ALA D 296 -33.81 24.11 -12.77
N GLY D 297 -34.67 24.43 -11.79
CA GLY D 297 -35.76 25.34 -12.02
C GLY D 297 -36.55 24.93 -13.27
N ASN D 298 -36.73 23.61 -13.38
CA ASN D 298 -37.62 22.97 -14.34
C ASN D 298 -37.10 23.13 -15.76
N GLU D 299 -35.80 23.41 -15.93
CA GLU D 299 -35.22 23.41 -17.25
C GLU D 299 -34.89 21.99 -17.69
N TYR D 300 -34.15 21.84 -18.80
CA TYR D 300 -34.05 20.54 -19.44
C TYR D 300 -33.35 19.51 -18.55
N VAL D 301 -34.07 18.43 -18.26
CA VAL D 301 -33.54 17.24 -17.67
C VAL D 301 -34.11 16.09 -18.48
N GLY D 302 -33.25 15.25 -19.04
CA GLY D 302 -33.77 14.10 -19.78
C GLY D 302 -33.05 12.81 -19.39
N PHE D 303 -33.17 11.80 -20.27
CA PHE D 303 -32.65 10.47 -20.03
C PHE D 303 -32.35 9.82 -21.38
N SER D 304 -31.14 9.25 -21.46
CA SER D 304 -30.70 8.54 -22.63
C SER D 304 -30.73 7.04 -22.35
N ASN D 305 -31.75 6.38 -22.90
CA ASN D 305 -31.83 4.94 -22.80
C ASN D 305 -30.66 4.29 -23.52
N ALA D 306 -30.19 4.91 -24.62
CA ALA D 306 -29.08 4.40 -25.40
C ALA D 306 -27.84 4.25 -24.54
N THR D 307 -27.49 5.35 -23.84
CA THR D 307 -26.38 5.36 -22.90
C THR D 307 -26.60 4.31 -21.82
N PHE D 308 -27.86 4.18 -21.37
CA PHE D 308 -28.15 3.29 -20.27
C PHE D 308 -27.83 1.85 -20.68
N GLN D 309 -28.27 1.46 -21.88
CA GLN D 309 -28.06 0.12 -22.39
C GLN D 309 -26.56 -0.17 -22.50
N SER D 310 -25.82 0.79 -23.06
CA SER D 310 -24.38 0.62 -23.23
C SER D 310 -23.67 0.55 -21.89
N GLU D 311 -24.15 1.32 -20.90
CA GLU D 311 -23.59 1.39 -19.56
C GLU D 311 -23.72 0.04 -18.85
N ARG D 312 -24.86 -0.62 -19.06
CA ARG D 312 -25.10 -1.89 -18.40
C ARG D 312 -24.40 -3.02 -19.16
N GLU D 313 -24.25 -2.88 -20.48
CA GLU D 313 -23.65 -3.93 -21.32
C GLU D 313 -22.15 -3.99 -21.09
N SER D 314 -21.56 -2.88 -20.66
CA SER D 314 -20.11 -2.81 -20.63
C SER D 314 -19.58 -2.48 -19.23
N GLY D 315 -20.43 -2.56 -18.21
CA GLY D 315 -20.00 -2.06 -16.91
C GLY D 315 -19.42 -3.15 -16.01
N ASP D 316 -18.45 -3.91 -16.49
CA ASP D 316 -17.93 -5.05 -15.75
C ASP D 316 -17.34 -4.58 -14.43
N ARG D 317 -16.63 -3.44 -14.47
CA ARG D 317 -15.99 -2.88 -13.29
C ARG D 317 -17.05 -2.62 -12.22
N ASN D 318 -18.20 -2.07 -12.63
CA ASN D 318 -19.24 -1.69 -11.70
C ASN D 318 -19.88 -2.93 -11.09
N PHE D 319 -20.02 -3.96 -11.93
CA PHE D 319 -20.52 -5.23 -11.44
C PHE D 319 -19.56 -5.81 -10.40
N ALA D 320 -18.26 -5.72 -10.72
CA ALA D 320 -17.25 -6.20 -9.79
C ALA D 320 -17.40 -5.49 -8.44
N ILE D 321 -17.63 -4.17 -8.50
CA ILE D 321 -17.78 -3.38 -7.29
C ILE D 321 -19.04 -3.83 -6.56
N GLY D 322 -20.09 -4.07 -7.35
CA GLY D 322 -21.35 -4.44 -6.74
C GLY D 322 -21.21 -5.71 -5.93
N TYR D 323 -20.58 -6.72 -6.56
CA TYR D 323 -20.43 -8.01 -5.93
C TYR D 323 -19.57 -7.87 -4.68
N TYR D 324 -18.54 -7.05 -4.77
CA TYR D 324 -17.66 -6.93 -3.62
C TYR D 324 -18.39 -6.24 -2.49
N LEU D 325 -19.25 -5.25 -2.83
CA LEU D 325 -19.99 -4.51 -1.83
C LEU D 325 -20.95 -5.46 -1.12
N LYS D 326 -21.58 -6.36 -1.91
CA LYS D 326 -22.45 -7.42 -1.43
C LYS D 326 -21.69 -8.26 -0.41
N GLU D 327 -20.54 -8.79 -0.85
CA GLU D 327 -19.68 -9.65 -0.06
C GLU D 327 -19.44 -9.02 1.31
N LYS D 328 -19.09 -7.73 1.29
CA LYS D 328 -18.63 -7.05 2.51
C LYS D 328 -19.81 -6.44 3.26
N LYS D 329 -21.04 -6.75 2.82
CA LYS D 329 -22.28 -6.36 3.49
C LYS D 329 -22.38 -4.84 3.62
N CYS D 330 -22.13 -4.13 2.49
CA CYS D 330 -21.93 -2.69 2.46
C CYS D 330 -23.25 -1.93 2.23
N PHE D 331 -24.28 -2.64 1.74
CA PHE D 331 -25.55 -2.01 1.40
C PHE D 331 -26.50 -2.09 2.60
N PRO D 332 -27.59 -1.29 2.63
CA PRO D 332 -28.58 -1.39 3.70
C PRO D 332 -29.28 -2.76 3.65
N GLU D 333 -29.72 -3.24 4.82
CA GLU D 333 -30.34 -4.55 5.04
C GLU D 333 -31.26 -4.94 3.88
N GLY D 334 -30.99 -6.09 3.24
CA GLY D 334 -31.85 -6.66 2.20
C GLY D 334 -31.95 -5.83 0.92
N THR D 335 -30.81 -5.29 0.48
CA THR D 335 -30.70 -4.62 -0.80
C THR D 335 -30.68 -5.66 -1.92
N ASP D 336 -31.34 -5.36 -3.03
CA ASP D 336 -31.12 -6.12 -4.26
C ASP D 336 -30.00 -5.44 -5.04
N MET D 337 -28.79 -6.01 -4.97
CA MET D 337 -27.61 -5.31 -5.44
C MET D 337 -27.60 -5.20 -6.97
N VAL D 338 -28.18 -6.19 -7.66
CA VAL D 338 -28.13 -6.14 -9.11
C VAL D 338 -29.11 -5.08 -9.63
N GLY D 339 -30.18 -4.90 -8.88
CA GLY D 339 -31.11 -3.83 -9.20
C GLY D 339 -30.53 -2.45 -8.91
N ILE D 340 -29.73 -2.35 -7.85
CA ILE D 340 -29.14 -1.09 -7.49
C ILE D 340 -28.19 -0.68 -8.59
N LEU D 341 -27.51 -1.68 -9.19
CA LEU D 341 -26.59 -1.39 -10.29
C LEU D 341 -27.33 -0.80 -11.48
N ASP D 342 -28.52 -1.38 -11.74
CA ASP D 342 -29.38 -0.95 -12.82
C ASP D 342 -29.79 0.49 -12.61
N PHE D 343 -30.21 0.80 -11.37
CA PHE D 343 -30.59 2.15 -10.98
C PHE D 343 -29.41 3.08 -11.19
N TYR D 344 -28.23 2.63 -10.74
CA TYR D 344 -27.00 3.38 -10.86
C TYR D 344 -26.76 3.73 -12.33
N PHE D 345 -26.88 2.72 -13.20
CA PHE D 345 -26.62 2.96 -14.61
C PHE D 345 -27.58 4.00 -15.19
N GLN D 346 -28.84 3.95 -14.72
CA GLN D 346 -29.84 4.87 -15.21
C GLN D 346 -29.43 6.27 -14.81
N LEU D 347 -29.06 6.46 -13.53
CA LEU D 347 -28.82 7.79 -13.02
C LEU D 347 -27.66 8.39 -13.77
N CYS D 348 -26.71 7.56 -14.21
CA CYS D 348 -25.55 8.08 -14.93
C CYS D 348 -25.92 8.49 -16.36
N SER D 349 -27.07 8.00 -16.82
CA SER D 349 -27.55 8.20 -18.19
C SER D 349 -28.57 9.36 -18.28
N ILE D 350 -28.86 10.07 -17.16
CA ILE D 350 -29.73 11.25 -17.17
C ILE D 350 -29.06 12.37 -17.98
N GLU D 351 -29.88 13.08 -18.75
CA GLU D 351 -29.37 14.10 -19.66
C GLU D 351 -29.65 15.51 -19.10
N VAL D 352 -28.68 16.40 -19.36
CA VAL D 352 -28.79 17.83 -19.09
C VAL D 352 -28.27 18.58 -20.31
N THR D 353 -28.46 19.89 -20.30
CA THR D 353 -27.69 20.75 -21.17
C THR D 353 -26.86 21.64 -20.28
N CYS D 354 -25.96 22.39 -20.90
CA CYS D 354 -25.13 23.29 -20.13
C CYS D 354 -26.03 24.18 -19.28
N GLU D 355 -27.09 24.67 -19.91
CA GLU D 355 -27.90 25.71 -19.31
C GLU D 355 -28.63 25.17 -18.09
N SER D 356 -29.26 24.01 -18.26
CA SER D 356 -30.05 23.46 -17.17
C SER D 356 -29.17 23.01 -16.02
N ALA D 357 -28.01 22.44 -16.34
CA ALA D 357 -27.11 22.00 -15.30
C ALA D 357 -26.52 23.19 -14.56
N SER D 358 -26.33 24.33 -15.23
CA SER D 358 -25.74 25.47 -14.56
C SER D 358 -26.64 25.96 -13.42
N VAL D 359 -27.95 25.76 -13.60
CA VAL D 359 -28.96 26.12 -12.60
C VAL D 359 -28.86 25.17 -11.42
N MET D 360 -28.67 23.89 -11.71
CA MET D 360 -28.46 22.89 -10.67
C MET D 360 -27.26 23.30 -9.81
N ALA D 361 -26.16 23.70 -10.47
CA ALA D 361 -24.94 24.13 -9.81
C ALA D 361 -25.22 25.39 -8.99
N ALA D 362 -26.04 26.28 -9.54
CA ALA D 362 -26.39 27.52 -8.86
C ALA D 362 -27.19 27.24 -7.59
N THR D 363 -28.03 26.20 -7.60
CA THR D 363 -28.76 25.78 -6.42
C THR D 363 -27.80 25.43 -5.29
N LEU D 364 -26.72 24.68 -5.63
CA LEU D 364 -25.68 24.31 -4.69
C LEU D 364 -24.92 25.56 -4.22
N ALA D 365 -24.75 26.53 -5.14
CA ALA D 365 -24.09 27.81 -4.85
C ALA D 365 -24.93 28.65 -3.88
N ASN D 366 -26.23 28.34 -3.80
CA ASN D 366 -27.20 29.22 -3.21
C ASN D 366 -27.82 28.58 -1.95
N GLY D 367 -27.07 27.69 -1.29
CA GLY D 367 -27.47 27.17 0.01
C GLY D 367 -28.72 26.32 -0.09
N GLY D 368 -29.01 25.84 -1.31
CA GLY D 368 -30.03 24.83 -1.54
C GLY D 368 -31.33 25.42 -2.07
N PHE D 369 -31.34 26.73 -2.33
CA PHE D 369 -32.48 27.41 -2.92
C PHE D 369 -32.24 27.60 -4.41
N CYS D 370 -33.19 27.14 -5.21
CA CYS D 370 -33.03 27.29 -6.65
C CYS D 370 -33.08 28.77 -6.98
N PRO D 371 -32.03 29.38 -7.58
CA PRO D 371 -32.01 30.81 -7.81
C PRO D 371 -33.09 31.37 -8.74
N ILE D 372 -33.62 30.54 -9.64
CA ILE D 372 -34.52 31.07 -10.67
C ILE D 372 -35.97 30.82 -10.27
N THR D 373 -36.16 30.10 -9.17
CA THR D 373 -37.53 29.84 -8.75
C THR D 373 -37.72 30.24 -7.30
N GLY D 374 -36.65 30.23 -6.52
CA GLY D 374 -36.78 30.54 -5.10
C GLY D 374 -37.25 29.35 -4.24
N GLU D 375 -37.40 28.18 -4.86
CA GLU D 375 -37.79 26.99 -4.11
C GLU D 375 -36.62 26.51 -3.22
N ARG D 376 -36.91 26.10 -1.97
CA ARG D 376 -35.95 25.37 -1.16
C ARG D 376 -35.86 23.93 -1.68
N VAL D 377 -34.69 23.50 -2.21
CA VAL D 377 -34.59 22.21 -2.89
C VAL D 377 -33.80 21.22 -2.03
N LEU D 378 -32.70 21.69 -1.44
CA LEU D 378 -31.83 20.85 -0.65
C LEU D 378 -31.61 21.55 0.69
N SER D 379 -31.54 20.77 1.78
CA SER D 379 -31.20 21.29 3.10
C SER D 379 -29.79 21.86 3.07
N PRO D 380 -29.45 22.92 3.84
CA PRO D 380 -28.10 23.48 3.82
C PRO D 380 -27.02 22.47 4.26
N GLU D 381 -27.44 21.50 5.08
CA GLU D 381 -26.59 20.39 5.50
C GLU D 381 -26.12 19.57 4.29
N ALA D 382 -27.06 19.21 3.42
CA ALA D 382 -26.77 18.46 2.21
C ALA D 382 -25.91 19.29 1.26
N VAL D 383 -26.17 20.59 1.16
CA VAL D 383 -25.40 21.41 0.23
C VAL D 383 -23.96 21.53 0.72
N ARG D 384 -23.78 21.73 2.03
CA ARG D 384 -22.44 21.90 2.58
C ARG D 384 -21.65 20.60 2.36
N ASN D 385 -22.27 19.48 2.73
CA ASN D 385 -21.58 18.20 2.66
C ASN D 385 -21.15 17.97 1.22
N THR D 386 -22.04 18.29 0.28
CA THR D 386 -21.78 17.98 -1.12
C THR D 386 -20.65 18.85 -1.67
N LEU D 387 -20.68 20.15 -1.34
CA LEU D 387 -19.63 21.07 -1.74
C LEU D 387 -18.30 20.63 -1.12
N SER D 388 -18.32 20.14 0.14
CA SER D 388 -17.12 19.69 0.83
C SER D 388 -16.45 18.58 0.03
N LEU D 389 -17.26 17.61 -0.41
CA LEU D 389 -16.72 16.39 -0.99
C LEU D 389 -16.43 16.62 -2.46
N MET D 390 -17.07 17.63 -3.07
CA MET D 390 -16.74 18.02 -4.44
C MET D 390 -15.37 18.67 -4.47
N HIS D 391 -15.08 19.44 -3.42
CA HIS D 391 -13.78 20.10 -3.28
C HIS D 391 -12.64 19.09 -3.49
N SER D 392 -12.70 18.02 -2.67
CA SER D 392 -11.55 17.18 -2.34
C SER D 392 -11.53 15.88 -3.13
N CYS D 393 -12.70 15.47 -3.67
CA CYS D 393 -12.82 14.17 -4.32
C CYS D 393 -13.48 14.31 -5.70
N GLY D 394 -13.50 15.52 -6.26
CA GLY D 394 -14.45 15.78 -7.35
C GLY D 394 -13.94 15.39 -8.73
N MET D 395 -12.64 15.31 -8.87
CA MET D 395 -12.07 15.34 -10.20
C MET D 395 -11.12 14.17 -10.36
N TYR D 396 -11.51 13.03 -9.76
CA TYR D 396 -10.75 11.80 -9.81
C TYR D 396 -9.32 12.09 -9.40
N ASP D 397 -8.34 11.62 -10.19
CA ASP D 397 -6.92 11.72 -9.83
C ASP D 397 -6.43 13.17 -9.77
N PHE D 398 -7.21 14.09 -10.34
CA PHE D 398 -6.76 15.46 -10.42
C PHE D 398 -7.29 16.25 -9.23
N SER D 399 -8.07 15.61 -8.34
CA SER D 399 -8.81 16.34 -7.31
C SER D 399 -7.87 17.22 -6.48
N GLY D 400 -6.73 16.64 -6.08
CA GLY D 400 -5.79 17.32 -5.21
C GLY D 400 -5.21 18.55 -5.91
N GLN D 401 -4.76 18.35 -7.16
CA GLN D 401 -4.20 19.42 -7.97
C GLN D 401 -5.25 20.49 -8.18
N PHE D 402 -6.48 20.05 -8.40
CA PHE D 402 -7.55 20.96 -8.76
C PHE D 402 -7.93 21.81 -7.54
N ALA D 403 -8.06 21.15 -6.39
CA ALA D 403 -8.43 21.86 -5.18
C ALA D 403 -7.35 22.90 -4.88
N PHE D 404 -6.08 22.54 -5.19
CA PHE D 404 -4.95 23.40 -4.87
C PHE D 404 -4.95 24.63 -5.77
N HIS D 405 -5.09 24.44 -7.08
CA HIS D 405 -4.94 25.55 -8.03
C HIS D 405 -6.24 26.30 -8.26
N VAL D 406 -7.38 25.59 -8.28
CA VAL D 406 -8.65 26.20 -8.63
C VAL D 406 -9.44 26.54 -7.37
N GLY D 407 -9.40 25.59 -6.43
CA GLY D 407 -10.03 25.78 -5.14
C GLY D 407 -11.54 26.04 -5.24
N LEU D 408 -12.18 25.32 -6.17
CA LEU D 408 -13.62 25.39 -6.31
C LEU D 408 -14.20 23.97 -6.23
N PRO D 409 -15.36 23.79 -5.54
CA PRO D 409 -16.08 22.52 -5.59
C PRO D 409 -16.49 22.28 -7.04
N ALA D 410 -16.09 21.12 -7.58
CA ALA D 410 -16.38 20.82 -8.96
C ALA D 410 -16.54 19.33 -9.12
N LYS D 411 -17.30 18.89 -10.12
CA LYS D 411 -17.41 17.45 -10.36
C LYS D 411 -17.37 17.21 -11.85
N SER D 412 -16.56 16.23 -12.23
CA SER D 412 -16.42 15.96 -13.64
C SER D 412 -17.17 14.69 -13.97
N GLY D 413 -17.38 14.51 -15.28
CA GLY D 413 -18.05 13.36 -15.82
C GLY D 413 -17.39 12.98 -17.14
N VAL D 414 -17.51 11.70 -17.48
CA VAL D 414 -16.81 11.13 -18.61
C VAL D 414 -17.41 11.57 -19.94
N ALA D 415 -18.60 12.18 -19.90
CA ALA D 415 -19.21 12.77 -21.09
C ALA D 415 -18.48 14.06 -21.51
N GLY D 416 -17.72 14.62 -20.56
CA GLY D 416 -17.00 15.87 -20.75
C GLY D 416 -17.57 17.03 -19.93
N GLY D 417 -18.48 16.70 -18.98
CA GLY D 417 -19.14 17.69 -18.14
C GLY D 417 -18.26 18.08 -16.96
N ILE D 418 -18.38 19.33 -16.52
CA ILE D 418 -17.80 19.78 -15.26
C ILE D 418 -18.78 20.72 -14.57
N LEU D 419 -19.44 20.18 -13.54
CA LEU D 419 -20.35 20.95 -12.72
C LEU D 419 -19.50 21.74 -11.75
N LEU D 420 -19.63 23.06 -11.79
CA LEU D 420 -18.75 23.93 -11.02
C LEU D 420 -19.54 24.87 -10.14
N VAL D 421 -19.10 25.02 -8.91
CA VAL D 421 -19.79 25.92 -8.01
C VAL D 421 -18.79 26.94 -7.47
N VAL D 422 -19.17 28.21 -7.51
CA VAL D 422 -18.50 29.23 -6.75
C VAL D 422 -19.47 29.66 -5.66
N PRO D 423 -19.33 29.13 -4.43
CA PRO D 423 -20.31 29.39 -3.38
C PRO D 423 -20.58 30.87 -3.20
N ASN D 424 -21.88 31.22 -3.14
CA ASN D 424 -22.34 32.56 -2.85
C ASN D 424 -22.19 33.46 -4.08
N VAL D 425 -21.81 32.88 -5.24
CA VAL D 425 -21.67 33.67 -6.44
C VAL D 425 -22.48 33.09 -7.58
N MET D 426 -22.10 31.86 -8.01
CA MET D 426 -22.71 31.31 -9.22
C MET D 426 -22.46 29.81 -9.33
N GLY D 427 -23.24 29.16 -10.20
CA GLY D 427 -23.05 27.78 -10.64
C GLY D 427 -22.71 27.79 -12.11
N MET D 428 -22.00 26.77 -12.58
CA MET D 428 -21.61 26.68 -13.99
C MET D 428 -21.63 25.24 -14.43
N MET D 429 -21.81 25.07 -15.75
CA MET D 429 -21.59 23.77 -16.35
C MET D 429 -20.81 24.00 -17.64
N CYS D 430 -19.67 23.32 -17.73
CA CYS D 430 -18.81 23.36 -18.88
C CYS D 430 -18.86 21.97 -19.50
N TRP D 431 -18.89 21.96 -20.82
CA TRP D 431 -18.96 20.68 -21.50
C TRP D 431 -18.13 20.69 -22.76
N SER D 432 -17.17 19.76 -22.82
CA SER D 432 -16.46 19.44 -24.05
C SER D 432 -16.12 17.97 -24.01
N PRO D 433 -16.57 17.11 -24.96
CA PRO D 433 -16.40 15.67 -24.85
C PRO D 433 -14.97 15.15 -24.70
N PRO D 434 -13.95 15.77 -25.35
CA PRO D 434 -12.54 15.34 -25.22
C PRO D 434 -12.04 15.39 -23.78
N LEU D 435 -11.61 14.25 -23.22
CA LEU D 435 -11.08 14.21 -21.86
C LEU D 435 -9.56 14.15 -21.85
N ASP D 436 -8.97 14.62 -20.75
CA ASP D 436 -7.53 14.51 -20.54
C ASP D 436 -7.22 13.12 -20.02
N LYS D 437 -5.93 12.89 -19.78
CA LYS D 437 -5.34 11.62 -19.34
C LYS D 437 -6.07 11.09 -18.10
N MET D 438 -6.66 11.99 -17.28
CA MET D 438 -7.20 11.59 -15.99
C MET D 438 -8.73 11.51 -16.01
N GLY D 439 -9.33 11.91 -17.15
CA GLY D 439 -10.76 11.69 -17.37
C GLY D 439 -11.63 12.94 -17.23
N ASN D 440 -10.95 14.10 -17.21
CA ASN D 440 -11.59 15.40 -17.05
C ASN D 440 -11.56 16.12 -18.39
N SER D 441 -12.67 16.81 -18.71
CA SER D 441 -12.77 17.57 -19.95
C SER D 441 -11.57 18.49 -20.10
N VAL D 442 -10.87 18.39 -21.22
CA VAL D 442 -9.70 19.23 -21.45
C VAL D 442 -10.09 20.69 -21.30
N LYS D 443 -11.06 21.12 -22.12
CA LYS D 443 -11.40 22.52 -22.22
C LYS D 443 -11.98 22.98 -20.89
N GLY D 444 -12.78 22.12 -20.25
CA GLY D 444 -13.37 22.37 -18.96
C GLY D 444 -12.30 22.70 -17.92
N ILE D 445 -11.25 21.88 -17.89
CA ILE D 445 -10.18 22.05 -16.91
C ILE D 445 -9.42 23.34 -17.20
N HIS D 446 -9.18 23.61 -18.49
CA HIS D 446 -8.45 24.81 -18.91
C HIS D 446 -9.22 26.06 -18.50
N PHE D 447 -10.53 26.03 -18.72
CA PHE D 447 -11.42 27.13 -18.39
C PHE D 447 -11.46 27.37 -16.87
N CYS D 448 -11.58 26.30 -16.08
CA CYS D 448 -11.59 26.45 -14.63
C CYS D 448 -10.33 27.14 -14.12
N HIS D 449 -9.18 26.77 -14.67
CA HIS D 449 -7.94 27.43 -14.31
C HIS D 449 -7.98 28.92 -14.65
N ASP D 450 -8.38 29.23 -15.89
CA ASP D 450 -8.45 30.60 -16.35
C ASP D 450 -9.38 31.42 -15.46
N LEU D 451 -10.53 30.82 -15.10
CA LEU D 451 -11.54 31.56 -14.39
C LEU D 451 -10.93 32.07 -13.09
N VAL D 452 -10.19 31.16 -12.43
CA VAL D 452 -9.66 31.47 -11.10
C VAL D 452 -8.43 32.37 -11.21
N SER D 453 -7.71 32.27 -12.35
CA SER D 453 -6.65 33.22 -12.65
C SER D 453 -7.21 34.64 -12.68
N LEU D 454 -8.39 34.77 -13.30
CA LEU D 454 -8.97 36.07 -13.57
C LEU D 454 -9.63 36.66 -12.34
N CYS D 455 -10.43 35.85 -11.62
CA CYS D 455 -11.27 36.39 -10.57
C CYS D 455 -10.91 35.78 -9.23
N ASN D 456 -11.15 36.53 -8.15
CA ASN D 456 -10.77 36.11 -6.81
C ASN D 456 -11.78 35.13 -6.23
N PHE D 457 -12.01 34.04 -6.97
CA PHE D 457 -13.07 33.11 -6.62
C PHE D 457 -12.52 31.89 -5.87
N HIS D 458 -11.21 31.64 -5.97
CA HIS D 458 -10.56 30.50 -5.34
C HIS D 458 -10.88 30.50 -3.84
N ASN D 459 -11.29 29.34 -3.30
CA ASN D 459 -11.78 29.17 -1.93
C ASN D 459 -10.93 29.94 -0.92
N TYR D 460 -9.61 30.05 -1.09
CA TYR D 460 -8.80 30.77 -0.12
C TYR D 460 -8.17 32.05 -0.66
N ASP D 461 -8.77 32.68 -1.68
CA ASP D 461 -8.39 34.02 -2.10
C ASP D 461 -8.87 34.98 -1.02
N ASN D 462 -8.22 36.13 -0.88
CA ASN D 462 -8.70 37.13 0.06
C ASN D 462 -9.67 38.09 -0.62
N LEU D 463 -10.73 38.46 0.08
CA LEU D 463 -11.77 39.33 -0.43
C LEU D 463 -11.36 40.80 -0.38
N ARG D 464 -10.27 41.11 0.34
CA ARG D 464 -9.82 42.48 0.50
C ARG D 464 -8.51 42.70 -0.26
N HIS D 465 -7.58 41.76 -0.15
CA HIS D 465 -6.30 41.92 -0.82
C HIS D 465 -6.07 40.73 -1.75
N PHE D 466 -6.21 41.00 -3.03
CA PHE D 466 -6.03 40.05 -4.10
C PHE D 466 -5.31 40.84 -5.20
N ALA D 467 -4.40 40.22 -5.95
CA ALA D 467 -3.41 41.02 -6.65
C ALA D 467 -3.78 41.09 -8.11
N LYS D 468 -4.26 42.25 -8.56
CA LYS D 468 -4.56 42.41 -9.98
C LYS D 468 -5.47 41.26 -10.46
N LYS D 469 -6.09 40.53 -9.51
CA LYS D 469 -7.28 39.74 -9.82
C LYS D 469 -8.48 40.70 -9.85
N LEU D 470 -9.45 40.41 -10.73
CA LEU D 470 -10.73 41.12 -10.80
C LEU D 470 -11.71 40.48 -9.81
N ASP D 471 -12.54 41.31 -9.16
CA ASP D 471 -13.55 40.82 -8.24
C ASP D 471 -14.93 41.25 -8.73
N PRO D 472 -15.66 40.37 -9.43
CA PRO D 472 -16.93 40.73 -10.05
C PRO D 472 -18.07 41.11 -9.10
N ARG D 473 -17.87 40.95 -7.79
CA ARG D 473 -18.93 41.33 -6.89
C ARG D 473 -18.87 42.82 -6.57
N ARG D 474 -17.79 43.48 -6.98
CA ARG D 474 -17.54 44.90 -6.72
C ARG D 474 -17.87 45.75 -7.95
N GLU D 475 -18.24 47.02 -7.72
CA GLU D 475 -18.59 47.91 -8.82
C GLU D 475 -17.88 49.25 -8.59
C10 EN3 E . -5.07 -1.59 3.83
C13 EN3 E . -3.71 -3.54 -8.05
C17 EN3 E . -1.22 -2.73 -6.15
C20 EN3 E . 0.48 -1.08 -7.64
C21 EN3 E . -0.40 -1.95 -8.29
C24 EN3 E . -10.09 -4.36 -2.32
C28 EN3 E . -11.10 -5.23 -4.37
C1 EN3 E . -9.55 -2.75 -0.48
N2 EN3 E . -9.07 -2.01 0.68
C3 EN3 E . -9.20 -2.51 2.04
C4 EN3 E . -8.75 -1.62 3.21
O5 EN3 E . -9.68 -3.59 2.25
C6 EN3 E . -7.43 -1.94 3.90
C7 EN3 E . -7.32 -2.71 5.09
C8 EN3 E . -6.06 -2.93 5.65
C09 EN3 E . -4.96 -2.37 5.01
C11 EN3 E . -6.32 -1.36 3.30
O12 EN3 E . -4.00 -0.98 3.15
C14 EN3 E . -2.21 -3.74 -8.30
O15 EN3 E . -4.20 -2.49 -8.31
C16 EN3 E . -1.26 -2.78 -7.57
C18 EN3 E . -0.35 -1.86 -5.47
C19 EN3 E . 0.49 -1.03 -6.23
O22 EN3 E . -0.34 -1.83 -4.05
S23 EN3 E . -9.16 -4.11 -1.14
N25 EN3 E . -10.96 -3.28 -2.36
N26 EN3 E . -10.62 -2.26 -1.19
C27 EN3 E . -10.08 -5.54 -3.29
C29 EN3 E . -10.50 -5.29 -5.78
C30 EN3 E . -10.11 -3.94 -6.38
C31 EN3 E . -5.96 -4.47 -7.27
N32 EN3 E . -4.54 -4.62 -7.55
N33 EN3 E . -6.88 -5.19 -7.87
N34 EN3 E . -8.22 -5.01 -7.58
C35 EN3 E . -8.64 -4.11 -6.70
C36 EN3 E . -7.70 -3.34 -6.05
C37 EN3 E . -6.35 -3.52 -6.34
C38 EN3 E . -4.37 -0.47 1.89
C39 EN3 E . -3.69 -1.40 0.89
C40 EN3 E . -1.54 -1.58 -3.38
C41 EN3 E . -1.31 -0.74 -2.13
C42 EN3 E . -2.11 -1.37 -0.98
C43 EN3 E . -2.94 -0.67 -0.22
C10 EN3 F . 3.69 3.49 -3.44
C13 EN3 F . 4.97 -0.30 7.76
C17 EN3 F . 2.82 -1.52 5.75
C20 EN3 F . 0.58 -0.70 7.20
C21 EN3 F . 1.77 -0.96 7.88
C24 EN3 F . 10.37 5.25 2.59
C28 EN3 F . 10.64 4.23 4.74
C1 EN3 F . 8.63 5.81 0.90
N2 EN3 F . 7.54 6.41 0.15
C3 EN3 F . 6.83 5.61 -0.81
C4 EN3 F . 5.70 6.13 -1.67
O5 EN3 F . 7.16 4.49 -0.97
C6 EN3 F . 5.32 5.13 -2.77
C7 EN3 F . 6.03 4.92 -3.97
C8 EN3 F . 5.57 3.98 -4.91
C09 EN3 F . 4.39 3.26 -4.65
C11 EN3 F . 4.16 4.42 -2.53
O12 EN3 F . 2.50 2.82 -3.10
C14 EN3 F . 4.21 -1.65 7.78
O15 EN3 F . 4.48 0.66 8.27
C16 EN3 F . 2.87 -1.37 7.13
C18 EN3 F . 1.65 -1.26 5.08
C19 EN3 F . 0.51 -0.85 5.80
O22 EN3 F . 1.64 -1.43 3.70
S23 EN3 F . 9.22 6.24 2.25
N25 EN3 F . 10.44 4.31 1.58
N26 EN3 F . 9.34 4.69 0.49
C27 EN3 F . 11.24 5.25 3.81
C29 EN3 F . 9.48 4.90 5.50
C30 EN3 F . 9.49 4.41 6.95
C31 EN3 F . 7.04 0.96 7.06
N32 EN3 F . 6.25 -0.24 7.10
N33 EN3 F . 6.55 2.17 7.35
N34 EN3 F . 7.33 3.28 7.33
C35 EN3 F . 8.60 3.19 7.01
C36 EN3 F . 9.15 1.98 6.70
C37 EN3 F . 8.37 0.83 6.72
C38 EN3 F . 2.69 1.88 -2.06
C39 EN3 F . 2.40 2.42 -0.67
C40 EN3 F . 2.21 -0.38 2.98
C41 EN3 F . 1.05 0.37 2.33
C42 EN3 F . 1.45 1.39 1.27
C43 EN3 F . 2.21 1.19 0.21
#